data_2ZWA
#
_entry.id   2ZWA
#
_cell.length_a   76.578
_cell.length_b   89.444
_cell.length_c   236.286
_cell.angle_alpha   90.00
_cell.angle_beta   90.00
_cell.angle_gamma   90.00
#
_symmetry.space_group_name_H-M   'P 21 21 21'
#
loop_
_entity.id
_entity.type
_entity.pdbx_description
1 polymer 'Leucine carboxyl methyltransferase 2'
2 non-polymer S-ADENOSYL-L-HOMOCYSTEINE
3 non-polymer 'CITRIC ACID'
4 non-polymer 1,2-ETHANEDIOL
5 water water
#
_entity_poly.entity_id   1
_entity_poly.type   'polypeptide(L)'
_entity_poly.pdbx_seq_one_letter_code
;MKNLTTIKQTNKNVKQERRKKYADLAIQGTNNSSIASKRSVELLYLPKLSSANNFQMDKNNKLLEYFKFFVPKKIKRSPC
INRGYWLRLFAIRSRLNSIIEQTPQDKKIVVVNLGCGYDPLPFQLLDTNNIQSQQYHDRVSFIDIDYSDLLKIKIELIKT
IPELSKIIGLSEDKDYVDDSNVDFLTTPKYLARPCDLNDSKMFSTLLNECQLYDPNVVKVFVAEVSLAYMKPERSDSIIE
ATSKMENSHFIILEQLIPKGPFEPFSKQMLAHFKRNDSPLQSVLKYNTIESQVQRFNKLGFAYVNVGDMFQLWESADEAT
KKELLKVEPFDELEEFHLFCHHYVLCHATNYKEFAFTQGFLFDRSISEINLTVDEDYQLLECECPINRKFGDVDVAGNDV
FYMGGSNPYRVNEILQLSIHYDKIDMKNIEVSSSEVPVARMCHTFTTISRNNQLLLIGGRKAPHQGLSDNWIFDMKTREW
SMIKSLSHTRFRHSACSLPDGNVLILGGVTEGPAMLLYNVTEEIFKDVTPKDEFFQNSLVSAGLEFDPVSKQGIILGGGF
MDQTTVSDKAIIFKYDAENATEPITVIKKLQHPLFQRYGSQIKYITPRKLLIVGGTSPSGLFDRTNSIISLDPLSETLTS
IPISRRIWEDHSLMLAGFSLVSTSMGTIHIIGGGATCYGFGSVTNVGLKLIAIAK
;
_entity_poly.pdbx_strand_id   A,B
#
loop_
_chem_comp.id
_chem_comp.type
_chem_comp.name
_chem_comp.formula
CIT non-polymer 'CITRIC ACID' 'C6 H8 O7'
EDO non-polymer 1,2-ETHANEDIOL 'C2 H6 O2'
#
# COMPACT_ATOMS: atom_id res chain seq x y z
N GLN A 16 -25.84 -11.75 57.52
CA GLN A 16 -24.87 -11.07 58.37
C GLN A 16 -23.47 -11.58 58.06
N GLU A 17 -23.19 -12.79 58.53
CA GLU A 17 -21.94 -13.46 58.22
C GLU A 17 -22.03 -14.03 56.82
N ARG A 18 -23.26 -14.25 56.34
CA ARG A 18 -23.49 -14.68 54.97
C ARG A 18 -23.08 -13.58 54.02
N ARG A 19 -23.38 -12.34 54.40
CA ARG A 19 -22.98 -11.17 53.63
C ARG A 19 -21.46 -11.06 53.53
N LYS A 20 -20.77 -11.23 54.65
CA LYS A 20 -19.31 -11.16 54.67
C LYS A 20 -18.66 -12.27 53.86
N LYS A 21 -19.16 -13.49 54.02
CA LYS A 21 -18.64 -14.63 53.30
C LYS A 21 -18.79 -14.40 51.80
N TYR A 22 -19.96 -13.92 51.40
CA TYR A 22 -20.22 -13.65 50.00
C TYR A 22 -19.30 -12.56 49.46
N ALA A 23 -19.14 -11.49 50.22
CA ALA A 23 -18.28 -10.39 49.81
C ALA A 23 -16.85 -10.89 49.65
N ASP A 24 -16.42 -11.70 50.61
CA ASP A 24 -15.07 -12.23 50.60
C ASP A 24 -14.82 -13.12 49.38
N LEU A 25 -15.76 -14.01 49.10
CA LEU A 25 -15.60 -14.91 47.96
C LEU A 25 -15.62 -14.14 46.64
N ALA A 26 -16.45 -13.11 46.57
CA ALA A 26 -16.48 -12.25 45.39
C ALA A 26 -15.13 -11.58 45.15
N ILE A 27 -14.48 -11.15 46.22
CA ILE A 27 -13.16 -10.55 46.10
C ILE A 27 -12.10 -11.60 45.70
N GLN A 28 -12.20 -12.80 46.27
CA GLN A 28 -11.31 -13.88 45.88
C GLN A 28 -11.45 -14.19 44.40
N GLY A 29 -12.66 -14.05 43.88
CA GLY A 29 -12.91 -14.35 42.48
C GLY A 29 -12.23 -13.41 41.51
N THR A 30 -11.84 -12.22 41.96
CA THR A 30 -11.14 -11.30 41.06
C THR A 30 -9.82 -11.91 40.62
N ASN A 31 -9.26 -12.78 41.45
CA ASN A 31 -8.04 -13.48 41.11
C ASN A 31 -8.22 -14.39 39.89
N ASN A 32 -9.43 -14.92 39.69
CA ASN A 32 -9.67 -15.70 38.47
C ASN A 32 -9.43 -14.88 37.21
N SER A 33 -9.86 -13.63 37.24
CA SER A 33 -9.70 -12.76 36.08
C SER A 33 -8.25 -12.38 35.83
N SER A 34 -7.54 -11.96 36.89
CA SER A 34 -6.16 -11.52 36.70
C SER A 34 -5.22 -12.67 36.33
N ILE A 35 -5.40 -13.85 36.93
CA ILE A 35 -4.53 -14.96 36.60
C ILE A 35 -4.71 -15.40 35.13
N ALA A 36 -5.95 -15.35 34.66
CA ALA A 36 -6.24 -15.71 33.27
C ALA A 36 -5.65 -14.67 32.33
N SER A 37 -5.71 -13.40 32.69
CA SER A 37 -5.12 -12.36 31.83
C SER A 37 -3.60 -12.48 31.79
N LYS A 38 -2.98 -12.86 32.92
CA LYS A 38 -1.54 -13.04 32.95
C LYS A 38 -1.16 -14.24 32.09
N ARG A 39 -1.97 -15.29 32.15
CA ARG A 39 -1.77 -16.45 31.28
C ARG A 39 -1.89 -16.09 29.78
N SER A 40 -2.82 -15.21 29.43
CA SER A 40 -2.91 -14.70 28.05
C SER A 40 -1.58 -14.10 27.61
N VAL A 41 -0.94 -13.33 28.48
CA VAL A 41 0.36 -12.76 28.16
C VAL A 41 1.48 -13.81 28.05
N GLU A 42 1.45 -14.79 28.94
CA GLU A 42 2.41 -15.90 28.88
C GLU A 42 2.27 -16.64 27.54
N LEU A 43 1.05 -16.77 27.05
CA LEU A 43 0.80 -17.49 25.79
C LEU A 43 1.22 -16.74 24.53
N LEU A 44 0.91 -15.46 24.48
CA LEU A 44 1.08 -14.68 23.27
C LEU A 44 2.33 -13.81 23.25
N TYR A 45 2.61 -13.13 24.37
CA TYR A 45 3.70 -12.16 24.44
C TYR A 45 5.07 -12.78 24.69
N LEU A 46 5.16 -13.59 25.74
CA LEU A 46 6.46 -14.05 26.18
C LEU A 46 7.21 -14.85 25.11
N PRO A 47 6.49 -15.66 24.31
CA PRO A 47 7.24 -16.36 23.25
C PRO A 47 7.82 -15.40 22.21
N LYS A 48 7.36 -14.16 22.18
CA LYS A 48 7.80 -13.22 21.15
C LYS A 48 8.74 -12.13 21.67
N LEU A 49 9.11 -12.21 22.94
CA LEU A 49 9.99 -11.21 23.51
C LEU A 49 11.36 -11.84 23.73
N SER A 50 12.41 -11.11 23.37
CA SER A 50 13.76 -11.64 23.49
C SER A 50 14.19 -11.76 24.96
N SER A 51 15.29 -12.48 25.16
CA SER A 51 15.85 -12.71 26.49
C SER A 51 15.84 -11.47 27.39
N ALA A 52 15.86 -10.29 26.79
CA ALA A 52 15.87 -9.04 27.54
C ALA A 52 14.61 -8.84 28.40
N ASN A 53 13.44 -9.16 27.86
CA ASN A 53 12.19 -8.99 28.60
C ASN A 53 11.25 -10.19 28.59
N ASN A 54 11.83 -11.38 28.72
CA ASN A 54 11.10 -12.62 28.62
C ASN A 54 10.48 -13.05 29.95
N PHE A 55 11.10 -12.61 31.04
CA PHE A 55 10.74 -13.05 32.40
C PHE A 55 11.01 -14.54 32.67
N GLN A 56 10.93 -15.39 31.64
CA GLN A 56 10.80 -16.84 31.82
C GLN A 56 11.49 -17.70 30.76
N MET A 57 12.78 -17.95 30.89
CA MET A 57 13.46 -18.73 29.84
C MET A 57 14.59 -19.59 30.38
N ASP A 58 14.82 -20.75 29.77
CA ASP A 58 15.89 -21.64 30.23
C ASP A 58 17.17 -21.44 29.45
N LYS A 59 18.18 -22.27 29.76
CA LYS A 59 19.53 -22.05 29.26
C LYS A 59 19.61 -22.34 27.76
N ASN A 60 18.58 -23.00 27.23
CA ASN A 60 18.53 -23.33 25.81
C ASN A 60 17.58 -22.43 25.04
N ASN A 61 17.31 -21.24 25.61
CA ASN A 61 16.49 -20.23 24.97
C ASN A 61 15.01 -20.60 24.86
N LYS A 62 14.63 -21.70 25.49
CA LYS A 62 13.24 -22.15 25.46
C LYS A 62 12.41 -21.50 26.56
N LEU A 63 11.20 -21.08 26.22
CA LEU A 63 10.33 -20.43 27.20
C LEU A 63 9.90 -21.43 28.27
N LEU A 64 9.81 -20.95 29.50
CA LEU A 64 9.24 -21.70 30.59
C LEU A 64 7.86 -21.13 30.88
N GLU A 65 6.95 -21.94 31.38
CA GLU A 65 5.59 -21.48 31.71
C GLU A 65 5.24 -21.79 33.16
N TYR A 66 4.60 -20.83 33.84
CA TYR A 66 4.19 -21.01 35.23
C TYR A 66 2.71 -20.71 35.40
N PHE A 67 2.20 -19.75 34.64
CA PHE A 67 0.79 -19.42 34.80
C PHE A 67 -0.12 -20.56 34.34
N LYS A 68 0.36 -21.37 33.41
CA LYS A 68 -0.39 -22.54 32.92
C LYS A 68 -0.87 -23.48 34.05
N PHE A 69 -0.13 -23.54 35.14
CA PHE A 69 -0.53 -24.45 36.23
C PHE A 69 -1.81 -24.01 36.92
N PHE A 70 -2.14 -22.73 36.79
CA PHE A 70 -3.22 -22.15 37.59
C PHE A 70 -4.41 -21.72 36.77
N VAL A 71 -4.36 -21.99 35.47
CA VAL A 71 -5.43 -21.58 34.56
C VAL A 71 -5.87 -22.76 33.71
N PRO A 72 -7.17 -23.10 33.78
CA PRO A 72 -7.79 -24.31 33.23
C PRO A 72 -7.90 -24.31 31.69
N LYS A 73 -7.84 -23.14 31.06
CA LYS A 73 -8.02 -23.06 29.61
C LYS A 73 -7.04 -22.10 28.93
N LYS A 74 -6.84 -22.27 27.63
CA LYS A 74 -6.16 -21.26 26.82
C LYS A 74 -6.92 -19.96 27.02
N ILE A 75 -6.20 -18.86 27.16
CA ILE A 75 -6.85 -17.57 27.37
C ILE A 75 -6.47 -16.59 26.28
N LYS A 76 -7.46 -15.83 25.82
CA LYS A 76 -7.23 -14.71 24.91
C LYS A 76 -7.91 -13.42 25.40
N ARG A 77 -7.19 -12.30 25.27
CA ARG A 77 -7.74 -10.99 25.63
C ARG A 77 -7.50 -10.01 24.49
N SER A 78 -8.14 -8.84 24.56
CA SER A 78 -7.91 -7.79 23.58
C SER A 78 -6.47 -7.33 23.64
N PRO A 79 -5.96 -6.75 22.54
CA PRO A 79 -4.58 -6.26 22.53
C PRO A 79 -4.31 -5.23 23.63
N CYS A 80 -5.27 -4.34 23.88
CA CYS A 80 -5.07 -3.35 24.92
C CYS A 80 -4.93 -4.02 26.29
N ILE A 81 -5.79 -5.00 26.55
CA ILE A 81 -5.72 -5.72 27.82
C ILE A 81 -4.40 -6.47 27.95
N ASN A 82 -4.00 -7.22 26.93
CA ASN A 82 -2.69 -7.88 26.96
C ASN A 82 -1.55 -6.90 27.21
N ARG A 83 -1.57 -5.76 26.52
CA ARG A 83 -0.47 -4.81 26.69
C ARG A 83 -0.42 -4.32 28.14
N GLY A 84 -1.59 -4.05 28.70
CA GLY A 84 -1.71 -3.58 30.08
C GLY A 84 -1.22 -4.63 31.08
N TYR A 85 -1.48 -5.89 30.80
CA TYR A 85 -1.02 -6.96 31.69
C TYR A 85 0.47 -7.23 31.56
N TRP A 86 1.02 -7.08 30.35
CA TRP A 86 2.46 -7.18 30.23
C TRP A 86 3.08 -6.06 31.06
N LEU A 87 2.50 -4.87 30.93
CA LEU A 87 3.00 -3.71 31.67
C LEU A 87 2.93 -3.92 33.19
N ARG A 88 1.89 -4.60 33.63
CA ARG A 88 1.68 -4.92 35.04
C ARG A 88 2.74 -5.92 35.52
N LEU A 89 3.05 -6.93 34.69
CA LEU A 89 4.15 -7.84 35.01
C LEU A 89 5.48 -7.08 35.09
N PHE A 90 5.70 -6.18 34.13
CA PHE A 90 6.91 -5.38 34.06
C PHE A 90 6.98 -4.44 35.27
N ALA A 91 5.82 -3.98 35.74
CA ALA A 91 5.80 -3.05 36.88
C ALA A 91 6.38 -3.69 38.13
N ILE A 92 5.84 -4.84 38.50
CA ILE A 92 6.33 -5.53 39.68
C ILE A 92 7.77 -6.00 39.48
N ARG A 93 8.07 -6.60 38.34
CA ARG A 93 9.43 -7.09 38.11
C ARG A 93 10.47 -5.96 38.20
N SER A 94 10.19 -4.82 37.57
CA SER A 94 11.12 -3.71 37.61
C SER A 94 11.38 -3.24 39.05
N ARG A 95 10.32 -3.17 39.86
CA ARG A 95 10.53 -2.69 41.23
C ARG A 95 11.38 -3.69 42.01
N LEU A 96 11.07 -4.98 41.89
CA LEU A 96 11.86 -6.00 42.57
C LEU A 96 13.32 -5.96 42.09
N ASN A 97 13.52 -5.83 40.79
CA ASN A 97 14.88 -5.72 40.25
C ASN A 97 15.65 -4.59 40.92
N SER A 98 15.00 -3.46 41.12
CA SER A 98 15.68 -2.29 41.68
C SER A 98 16.15 -2.59 43.09
N ILE A 99 15.40 -3.43 43.80
CA ILE A 99 15.72 -3.76 45.18
C ILE A 99 16.82 -4.81 45.25
N ILE A 100 16.70 -5.82 44.38
CA ILE A 100 17.68 -6.90 44.32
C ILE A 100 19.05 -6.39 43.85
N GLU A 101 19.02 -5.41 42.93
CA GLU A 101 20.26 -4.86 42.36
C GLU A 101 21.04 -3.99 43.34
N GLN A 102 20.32 -3.33 44.25
CA GLN A 102 20.95 -2.38 45.15
C GLN A 102 21.29 -2.96 46.54
N THR A 103 20.51 -3.92 47.00
CA THR A 103 20.73 -4.51 48.31
C THR A 103 21.98 -5.40 48.30
N PRO A 104 22.89 -5.23 49.28
CA PRO A 104 24.11 -6.05 49.38
C PRO A 104 23.82 -7.55 49.25
N GLN A 105 24.64 -8.30 48.51
CA GLN A 105 24.30 -9.66 48.12
C GLN A 105 24.32 -10.67 49.26
N ASP A 106 24.74 -10.23 50.44
CA ASP A 106 24.74 -11.10 51.61
C ASP A 106 23.45 -11.01 52.43
N LYS A 107 22.57 -10.06 52.07
CA LYS A 107 21.35 -9.85 52.82
C LYS A 107 20.19 -10.72 52.32
N LYS A 108 19.44 -11.29 53.24
CA LYS A 108 18.19 -11.93 52.89
C LYS A 108 17.18 -10.86 52.49
N ILE A 109 16.41 -11.15 51.45
CA ILE A 109 15.27 -10.33 51.04
C ILE A 109 14.04 -11.24 51.06
N VAL A 110 12.96 -10.79 51.71
CA VAL A 110 11.72 -11.57 51.74
C VAL A 110 10.61 -10.77 51.08
N VAL A 111 10.02 -11.35 50.03
CA VAL A 111 8.94 -10.71 49.29
C VAL A 111 7.63 -11.27 49.84
N VAL A 112 6.83 -10.37 50.40
CA VAL A 112 5.61 -10.75 51.09
C VAL A 112 4.45 -10.27 50.25
N ASN A 113 3.74 -11.20 49.62
CA ASN A 113 2.71 -10.82 48.65
C ASN A 113 1.33 -10.83 49.31
N LEU A 114 0.77 -9.63 49.44
CA LEU A 114 -0.43 -9.37 50.22
C LEU A 114 -1.62 -9.47 49.29
N GLY A 115 -2.39 -10.55 49.44
CA GLY A 115 -3.47 -10.85 48.52
C GLY A 115 -2.88 -11.46 47.26
N CYS A 116 -2.11 -12.54 47.43
CA CYS A 116 -1.31 -13.11 46.33
C CYS A 116 -2.12 -13.82 45.25
N GLY A 117 -3.35 -14.21 45.56
CA GLY A 117 -4.11 -15.06 44.65
C GLY A 117 -3.27 -16.25 44.21
N TYR A 118 -3.43 -16.67 42.96
CA TYR A 118 -2.65 -17.79 42.44
C TYR A 118 -1.33 -17.35 41.78
N ASP A 119 -0.95 -16.09 41.99
CA ASP A 119 0.26 -15.55 41.36
C ASP A 119 1.44 -16.50 41.59
N PRO A 120 2.01 -17.06 40.50
CA PRO A 120 3.16 -17.96 40.59
C PRO A 120 4.51 -17.25 40.65
N LEU A 121 4.51 -15.93 40.88
CA LEU A 121 5.77 -15.19 40.91
C LEU A 121 6.91 -15.87 41.71
N PRO A 122 6.61 -16.38 42.93
CA PRO A 122 7.71 -16.98 43.69
C PRO A 122 8.36 -18.15 42.96
N PHE A 123 7.54 -18.93 42.26
CA PHE A 123 8.05 -20.08 41.54
C PHE A 123 8.83 -19.68 40.32
N GLN A 124 8.32 -18.69 39.60
CA GLN A 124 9.01 -18.11 38.46
C GLN A 124 10.41 -17.61 38.86
N LEU A 125 10.49 -16.95 40.01
CA LEU A 125 11.72 -16.35 40.48
C LEU A 125 12.70 -17.32 41.14
N LEU A 126 12.17 -18.34 41.82
CA LEU A 126 13.04 -19.30 42.50
C LEU A 126 13.56 -20.42 41.61
N ASP A 127 12.90 -20.66 40.50
CA ASP A 127 13.24 -21.78 39.61
C ASP A 127 14.65 -21.65 39.05
N THR A 128 15.56 -22.54 39.46
CA THR A 128 16.94 -22.47 38.93
C THR A 128 17.05 -22.77 37.42
N ASN A 129 16.03 -23.38 36.82
CA ASN A 129 15.96 -23.51 35.37
C ASN A 129 15.72 -22.18 34.66
N ASN A 130 15.14 -21.23 35.38
CA ASN A 130 14.85 -19.92 34.78
C ASN A 130 16.08 -19.05 34.84
N ILE A 131 16.85 -19.00 33.76
CA ILE A 131 18.06 -18.18 33.77
C ILE A 131 17.73 -16.69 33.82
N GLN A 132 16.48 -16.33 33.54
CA GLN A 132 16.09 -14.93 33.56
CA GLN A 132 16.05 -14.95 33.56
C GLN A 132 15.79 -14.43 34.98
N SER A 133 15.82 -15.32 35.96
CA SER A 133 15.63 -14.91 37.36
C SER A 133 16.82 -15.23 38.25
N GLN A 134 17.99 -15.44 37.64
CA GLN A 134 19.19 -15.83 38.38
C GLN A 134 19.51 -14.99 39.63
N GLN A 135 19.24 -13.68 39.60
CA GLN A 135 19.55 -12.83 40.75
C GLN A 135 18.65 -13.14 41.95
N TYR A 136 17.64 -13.97 41.72
CA TYR A 136 16.67 -14.30 42.77
C TYR A 136 16.85 -15.71 43.32
N HIS A 137 17.83 -16.45 42.78
CA HIS A 137 17.94 -17.86 43.10
C HIS A 137 18.55 -18.14 44.48
N ASP A 138 19.26 -17.19 45.05
CA ASP A 138 20.05 -17.50 46.26
C ASP A 138 19.51 -16.94 47.58
N ARG A 139 19.29 -15.63 47.65
CA ARG A 139 19.00 -15.02 48.95
C ARG A 139 17.59 -14.42 49.07
N VAL A 140 16.71 -14.76 48.15
CA VAL A 140 15.35 -14.21 48.18
C VAL A 140 14.37 -15.28 48.61
N SER A 141 13.51 -14.95 49.57
CA SER A 141 12.45 -15.87 49.94
CA SER A 141 12.46 -15.84 50.03
C SER A 141 11.10 -15.19 49.79
N PHE A 142 10.04 -15.98 49.87
CA PHE A 142 8.71 -15.49 49.57
C PHE A 142 7.70 -15.91 50.61
N ILE A 143 6.78 -15.00 50.93
CA ILE A 143 5.65 -15.32 51.76
C ILE A 143 4.39 -14.91 51.03
N ASP A 144 3.50 -15.88 50.81
CA ASP A 144 2.24 -15.66 50.11
C ASP A 144 1.11 -15.59 51.13
N ILE A 145 0.36 -14.49 51.10
CA ILE A 145 -0.77 -14.28 52.01
C ILE A 145 -2.08 -14.04 51.25
N ASP A 146 -3.13 -14.80 51.57
CA ASP A 146 -4.47 -14.54 51.02
C ASP A 146 -5.47 -15.16 51.98
N TYR A 147 -6.75 -15.07 51.65
CA TYR A 147 -7.77 -15.74 52.44
C TYR A 147 -7.53 -17.25 52.49
N SER A 148 -7.89 -17.88 53.60
CA SER A 148 -7.70 -19.31 53.79
C SER A 148 -8.29 -20.13 52.65
N ASP A 149 -9.53 -19.85 52.28
CA ASP A 149 -10.20 -20.65 51.27
C ASP A 149 -9.41 -20.66 49.96
N LEU A 150 -8.85 -19.52 49.57
CA LEU A 150 -8.08 -19.44 48.33
C LEU A 150 -6.74 -20.16 48.46
N LEU A 151 -6.05 -19.97 49.57
CA LEU A 151 -4.75 -20.61 49.78
C LEU A 151 -4.86 -22.13 49.78
N LYS A 152 -5.97 -22.66 50.29
CA LYS A 152 -6.18 -24.12 50.27
C LYS A 152 -6.00 -24.68 48.86
N ILE A 153 -6.66 -24.03 47.90
CA ILE A 153 -6.57 -24.43 46.50
C ILE A 153 -5.14 -24.25 45.99
N LYS A 154 -4.55 -23.08 46.22
CA LYS A 154 -3.19 -22.86 45.73
C LYS A 154 -2.20 -23.89 46.24
N ILE A 155 -2.28 -24.18 47.54
CA ILE A 155 -1.32 -25.09 48.15
C ILE A 155 -1.49 -26.51 47.61
N GLU A 156 -2.74 -26.91 47.41
CA GLU A 156 -3.00 -28.22 46.82
C GLU A 156 -2.37 -28.34 45.44
N LEU A 157 -2.50 -27.28 44.63
CA LEU A 157 -1.87 -27.26 43.33
C LEU A 157 -0.36 -27.36 43.44
N ILE A 158 0.24 -26.56 44.32
CA ILE A 158 1.68 -26.61 44.52
C ILE A 158 2.19 -28.00 44.90
N LYS A 159 1.46 -28.67 45.78
CA LYS A 159 1.93 -29.93 46.34
C LYS A 159 1.75 -31.09 45.37
N THR A 160 0.82 -30.92 44.44
CA THR A 160 0.47 -31.99 43.51
C THR A 160 1.04 -31.83 42.09
N ILE A 161 1.70 -30.70 41.84
CA ILE A 161 2.31 -30.46 40.53
C ILE A 161 3.83 -30.54 40.69
N PRO A 162 4.45 -31.55 40.06
CA PRO A 162 5.87 -31.84 40.30
C PRO A 162 6.78 -30.66 40.04
N GLU A 163 6.51 -29.91 38.98
CA GLU A 163 7.36 -28.78 38.63
C GLU A 163 7.38 -27.71 39.73
N LEU A 164 6.24 -27.50 40.37
CA LEU A 164 6.14 -26.47 41.40
C LEU A 164 6.73 -26.98 42.70
N SER A 165 6.40 -28.22 43.06
CA SER A 165 6.95 -28.84 44.26
CA SER A 165 6.94 -28.83 44.27
C SER A 165 8.46 -28.86 44.23
N LYS A 166 9.04 -29.15 43.08
CA LYS A 166 10.49 -29.27 42.96
C LYS A 166 11.15 -27.94 43.24
N ILE A 167 10.54 -26.87 42.75
CA ILE A 167 11.12 -25.55 42.95
C ILE A 167 11.31 -25.19 44.43
N ILE A 168 10.38 -25.64 45.29
CA ILE A 168 10.45 -25.28 46.71
C ILE A 168 10.84 -26.45 47.60
N GLY A 169 11.26 -27.54 46.98
CA GLY A 169 11.93 -28.62 47.71
C GLY A 169 11.00 -29.64 48.30
N LEU A 170 9.74 -29.64 47.88
CA LEU A 170 8.76 -30.64 48.31
C LEU A 170 8.89 -31.90 47.47
N SER A 171 8.26 -32.99 47.91
CA SER A 171 8.25 -34.23 47.16
C SER A 171 7.59 -34.03 45.79
N GLU A 172 8.23 -34.52 44.74
CA GLU A 172 7.65 -34.43 43.39
C GLU A 172 7.02 -35.75 42.94
N ASP A 173 6.86 -36.69 43.87
CA ASP A 173 6.30 -37.98 43.53
C ASP A 173 4.81 -38.07 43.88
N LYS A 174 4.26 -36.98 44.41
CA LYS A 174 2.87 -36.98 44.85
C LYS A 174 1.96 -36.23 43.87
N ASP A 175 0.89 -36.88 43.42
CA ASP A 175 -0.15 -36.19 42.67
C ASP A 175 -1.42 -36.06 43.50
N TYR A 176 -1.24 -36.14 44.82
CA TYR A 176 -2.35 -36.09 45.77
C TYR A 176 -1.89 -35.41 47.07
N VAL A 177 -2.85 -35.01 47.90
CA VAL A 177 -2.54 -34.53 49.25
C VAL A 177 -3.28 -35.36 50.28
N ASP A 178 -2.69 -35.50 51.47
CA ASP A 178 -3.33 -36.20 52.58
C ASP A 178 -4.55 -35.43 53.09
N ASP A 179 -4.50 -34.11 52.95
CA ASP A 179 -5.49 -33.23 53.56
C ASP A 179 -5.65 -31.96 52.73
N SER A 180 -6.81 -31.82 52.11
CA SER A 180 -7.08 -30.76 51.17
C SER A 180 -7.49 -29.47 51.88
N ASN A 181 -7.57 -29.52 53.20
CA ASN A 181 -7.98 -28.36 53.99
C ASN A 181 -6.81 -27.61 54.60
N VAL A 182 -5.60 -28.06 54.27
CA VAL A 182 -4.40 -27.40 54.75
C VAL A 182 -4.30 -26.04 54.09
N ASP A 183 -4.22 -24.98 54.91
CA ASP A 183 -4.20 -23.63 54.36
C ASP A 183 -2.90 -22.87 54.62
N PHE A 184 -1.85 -23.59 55.01
CA PHE A 184 -0.53 -23.01 55.15
C PHE A 184 0.51 -23.97 54.61
N LEU A 185 1.68 -23.43 54.29
CA LEU A 185 2.76 -24.25 53.75
C LEU A 185 4.08 -23.66 54.20
N THR A 186 5.01 -24.52 54.59
CA THR A 186 6.30 -24.05 55.06
C THR A 186 7.43 -24.81 54.37
N THR A 187 8.30 -24.05 53.69
CA THR A 187 9.53 -24.56 53.10
C THR A 187 10.60 -23.49 53.33
N PRO A 188 11.87 -23.84 53.10
CA PRO A 188 12.94 -22.88 53.39
C PRO A 188 12.78 -21.55 52.65
N LYS A 189 12.29 -21.55 51.41
CA LYS A 189 12.26 -20.30 50.64
C LYS A 189 10.87 -19.81 50.29
N TYR A 190 9.86 -20.56 50.68
CA TYR A 190 8.47 -20.22 50.37
C TYR A 190 7.53 -20.60 51.51
N LEU A 191 6.82 -19.60 52.06
CA LEU A 191 5.73 -19.83 53.00
C LEU A 191 4.42 -19.41 52.37
N ALA A 192 3.35 -20.14 52.65
CA ALA A 192 2.00 -19.64 52.39
C ALA A 192 1.35 -19.50 53.78
N ARG A 193 0.77 -18.34 54.05
CA ARG A 193 0.18 -18.05 55.35
C ARG A 193 -1.19 -17.42 55.16
N PRO A 194 -2.22 -18.01 55.75
CA PRO A 194 -3.58 -17.48 55.58
C PRO A 194 -3.82 -16.29 56.50
N CYS A 195 -4.50 -15.29 55.95
CA CYS A 195 -4.89 -14.13 56.72
C CYS A 195 -5.96 -13.39 55.97
N ASP A 196 -7.08 -13.11 56.64
CA ASP A 196 -8.01 -12.13 56.11
C ASP A 196 -7.42 -10.79 56.45
N LEU A 197 -6.93 -10.05 55.46
CA LEU A 197 -6.23 -8.79 55.71
C LEU A 197 -7.10 -7.70 56.35
N ASN A 198 -8.41 -7.88 56.37
CA ASN A 198 -9.29 -6.97 57.12
C ASN A 198 -9.12 -7.09 58.62
N ASP A 199 -8.52 -8.19 59.05
CA ASP A 199 -8.22 -8.43 60.46
C ASP A 199 -6.78 -7.95 60.72
N SER A 200 -6.63 -6.65 60.97
CA SER A 200 -5.33 -6.01 61.18
C SER A 200 -4.54 -6.64 62.32
N LYS A 201 -5.25 -7.05 63.35
CA LYS A 201 -4.61 -7.66 64.50
C LYS A 201 -3.98 -9.01 64.16
N MET A 202 -4.68 -9.82 63.37
CA MET A 202 -4.16 -11.12 62.98
C MET A 202 -2.94 -10.93 62.08
N PHE A 203 -3.00 -9.92 61.23
CA PHE A 203 -1.89 -9.64 60.32
C PHE A 203 -0.66 -9.22 61.12
N SER A 204 -0.86 -8.39 62.14
CA SER A 204 0.27 -7.93 62.93
C SER A 204 0.92 -9.11 63.62
N THR A 205 0.10 -10.04 64.09
CA THR A 205 0.64 -11.26 64.71
C THR A 205 1.44 -12.07 63.70
N LEU A 206 0.92 -12.16 62.49
CA LEU A 206 1.58 -12.92 61.43
C LEU A 206 2.98 -12.37 61.14
N LEU A 207 3.11 -11.04 61.07
CA LEU A 207 4.42 -10.44 60.77
C LEU A 207 5.43 -10.92 61.80
N ASN A 208 4.99 -11.03 63.06
CA ASN A 208 5.90 -11.43 64.14
C ASN A 208 6.23 -12.93 64.13
N GLU A 209 5.23 -13.74 63.82
CA GLU A 209 5.45 -15.19 63.69
C GLU A 209 6.50 -15.46 62.60
N CYS A 210 6.49 -14.66 61.54
CA CYS A 210 7.46 -14.80 60.46
C CYS A 210 8.78 -14.04 60.71
N GLN A 211 8.89 -13.44 61.89
CA GLN A 211 10.12 -12.77 62.34
C GLN A 211 10.56 -11.65 61.39
N LEU A 212 9.58 -10.96 60.82
CA LEU A 212 9.84 -9.94 59.83
C LEU A 212 10.36 -8.66 60.47
N TYR A 213 10.47 -8.65 61.79
CA TYR A 213 11.02 -7.48 62.51
C TYR A 213 12.56 -7.46 62.49
N ASP A 214 13.17 -8.54 62.02
CA ASP A 214 14.64 -8.65 61.94
C ASP A 214 15.20 -7.58 61.01
N PRO A 215 15.99 -6.63 61.55
CA PRO A 215 16.48 -5.50 60.73
C PRO A 215 17.52 -5.93 59.72
N ASN A 216 18.08 -7.12 59.90
CA ASN A 216 19.10 -7.60 58.99
C ASN A 216 18.47 -8.20 57.73
N VAL A 217 17.14 -8.26 57.72
CA VAL A 217 16.42 -8.81 56.57
C VAL A 217 15.62 -7.71 55.88
N VAL A 218 15.79 -7.57 54.57
CA VAL A 218 15.05 -6.56 53.85
C VAL A 218 13.70 -7.13 53.46
N LYS A 219 12.61 -6.43 53.80
CA LYS A 219 11.27 -6.87 53.42
C LYS A 219 10.75 -6.13 52.20
N VAL A 220 10.00 -6.82 51.36
CA VAL A 220 9.35 -6.14 50.25
C VAL A 220 7.89 -6.59 50.27
N PHE A 221 7.02 -5.71 50.74
CA PHE A 221 5.58 -5.97 50.78
C PHE A 221 4.96 -5.56 49.44
N VAL A 222 4.19 -6.47 48.84
CA VAL A 222 3.58 -6.18 47.53
C VAL A 222 2.05 -6.27 47.64
N ALA A 223 1.34 -5.25 47.17
CA ALA A 223 -0.14 -5.29 47.16
C ALA A 223 -0.61 -4.96 45.74
N GLU A 224 -0.74 -6.01 44.93
CA GLU A 224 -0.99 -5.84 43.51
C GLU A 224 -2.49 -6.02 43.33
N VAL A 225 -3.20 -4.90 43.17
CA VAL A 225 -4.66 -4.87 43.05
C VAL A 225 -5.34 -5.83 44.01
N SER A 226 -5.04 -5.64 45.29
CA SER A 226 -5.55 -6.51 46.33
C SER A 226 -6.15 -5.66 47.44
N LEU A 227 -5.31 -4.83 48.04
CA LEU A 227 -5.78 -3.82 48.99
C LEU A 227 -6.81 -2.87 48.36
N ALA A 228 -6.81 -2.75 47.04
CA ALA A 228 -7.79 -1.94 46.33
C ALA A 228 -9.24 -2.25 46.73
N TYR A 229 -9.51 -3.51 47.05
CA TYR A 229 -10.88 -3.94 47.37
C TYR A 229 -11.26 -3.63 48.80
N MET A 230 -10.29 -3.23 49.61
CA MET A 230 -10.54 -3.03 51.03
C MET A 230 -10.92 -1.59 51.31
N LYS A 231 -11.73 -1.39 52.35
CA LYS A 231 -11.99 -0.04 52.82
C LYS A 231 -10.66 0.62 53.21
N PRO A 232 -10.54 1.94 52.98
CA PRO A 232 -9.29 2.68 53.22
C PRO A 232 -8.78 2.50 54.64
N GLU A 233 -9.68 2.43 55.62
CA GLU A 233 -9.24 2.21 57.01
C GLU A 233 -8.55 0.86 57.18
N ARG A 234 -9.02 -0.15 56.46
CA ARG A 234 -8.46 -1.49 56.56
C ARG A 234 -7.16 -1.64 55.78
N SER A 235 -7.13 -1.14 54.54
CA SER A 235 -5.89 -1.20 53.77
C SER A 235 -4.82 -0.34 54.44
N ASP A 236 -5.21 0.82 54.97
CA ASP A 236 -4.24 1.68 55.63
C ASP A 236 -3.65 1.01 56.87
N SER A 237 -4.47 0.22 57.58
CA SER A 237 -4.00 -0.49 58.77
C SER A 237 -2.92 -1.51 58.43
N ILE A 238 -3.07 -2.15 57.28
CA ILE A 238 -2.05 -3.08 56.81
C ILE A 238 -0.74 -2.34 56.50
N ILE A 239 -0.86 -1.25 55.74
CA ILE A 239 0.31 -0.46 55.37
C ILE A 239 1.02 0.01 56.65
N GLU A 240 0.27 0.53 57.60
CA GLU A 240 0.89 1.03 58.83
C GLU A 240 1.56 -0.09 59.64
N ALA A 241 0.96 -1.28 59.66
CA ALA A 241 1.58 -2.38 60.37
C ALA A 241 2.95 -2.74 59.78
N THR A 242 3.07 -2.69 58.45
CA THR A 242 4.34 -3.08 57.82
C THR A 242 5.41 -2.01 58.04
N SER A 243 4.98 -0.78 58.26
CA SER A 243 5.92 0.33 58.42
C SER A 243 6.81 0.14 59.63
N LYS A 244 6.34 -0.65 60.59
CA LYS A 244 7.07 -0.87 61.82
C LYS A 244 8.15 -1.95 61.68
N MET A 245 8.25 -2.54 60.50
CA MET A 245 9.29 -3.55 60.26
C MET A 245 10.50 -2.86 59.65
N GLU A 246 11.58 -2.76 60.42
CA GLU A 246 12.77 -2.05 59.98
C GLU A 246 13.26 -2.55 58.62
N ASN A 247 13.61 -1.61 57.75
CA ASN A 247 14.15 -1.92 56.43
C ASN A 247 13.14 -2.61 55.52
N SER A 248 12.02 -1.94 55.29
CA SER A 248 10.95 -2.46 54.44
C SER A 248 10.61 -1.59 53.24
N HIS A 249 10.16 -2.25 52.19
CA HIS A 249 9.61 -1.59 51.00
C HIS A 249 8.14 -1.94 50.95
N PHE A 250 7.33 -1.06 50.38
CA PHE A 250 5.93 -1.37 50.09
C PHE A 250 5.64 -0.99 48.65
N ILE A 251 5.22 -1.97 47.85
CA ILE A 251 4.93 -1.72 46.44
C ILE A 251 3.45 -1.97 46.26
N ILE A 252 2.72 -0.93 45.89
CA ILE A 252 1.28 -1.07 45.70
C ILE A 252 0.95 -0.71 44.25
N LEU A 253 0.10 -1.53 43.63
CA LEU A 253 -0.26 -1.31 42.24
C LEU A 253 -1.78 -1.38 42.28
N GLU A 254 -2.46 -0.26 42.02
CA GLU A 254 -3.92 -0.25 42.14
C GLU A 254 -4.52 0.96 41.42
N GLN A 255 -5.85 1.05 41.44
CA GLN A 255 -6.55 2.01 40.60
C GLN A 255 -6.52 3.41 41.18
N LEU A 256 -6.60 4.37 40.26
CA LEU A 256 -6.78 5.79 40.57
C LEU A 256 -8.06 6.29 39.92
N ILE A 257 -8.57 7.42 40.40
CA ILE A 257 -9.60 8.17 39.68
C ILE A 257 -9.17 9.63 39.73
N PRO A 258 -8.13 9.96 38.94
CA PRO A 258 -7.40 11.23 39.11
C PRO A 258 -8.29 12.45 38.99
N LYS A 259 -9.39 12.36 38.24
CA LYS A 259 -10.29 13.49 38.02
C LYS A 259 -11.66 13.23 38.62
N GLY A 260 -11.73 12.35 39.62
CA GLY A 260 -12.98 12.07 40.30
C GLY A 260 -13.76 10.93 39.69
N PRO A 261 -14.85 10.52 40.36
CA PRO A 261 -15.59 9.30 39.99
C PRO A 261 -16.45 9.45 38.72
N PHE A 262 -16.53 10.65 38.13
CA PHE A 262 -17.38 10.85 36.94
C PHE A 262 -16.63 11.07 35.61
N GLU A 263 -15.31 11.09 35.66
CA GLU A 263 -14.49 11.10 34.44
C GLU A 263 -14.96 9.90 33.59
N PRO A 264 -14.92 10.04 32.26
CA PRO A 264 -15.42 8.99 31.35
C PRO A 264 -15.03 7.55 31.72
N PHE A 265 -13.74 7.27 31.68
CA PHE A 265 -13.23 5.95 32.04
C PHE A 265 -13.49 5.60 33.51
N SER A 266 -13.20 6.53 34.43
CA SER A 266 -13.43 6.26 35.87
C SER A 266 -14.86 5.80 36.17
N LYS A 267 -15.83 6.47 35.55
CA LYS A 267 -17.24 6.19 35.80
C LYS A 267 -17.53 4.72 35.45
N GLN A 268 -17.07 4.32 34.28
CA GLN A 268 -17.28 2.97 33.79
C GLN A 268 -16.54 1.95 34.66
N MET A 269 -15.29 2.26 35.03
CA MET A 269 -14.50 1.38 35.85
C MET A 269 -15.16 1.10 37.22
N LEU A 270 -15.55 2.15 37.93
CA LEU A 270 -16.16 1.99 39.23
C LEU A 270 -17.45 1.18 39.15
N ALA A 271 -18.24 1.42 38.10
CA ALA A 271 -19.52 0.71 37.96
C ALA A 271 -19.28 -0.76 37.68
N HIS A 272 -18.29 -1.05 36.85
CA HIS A 272 -17.93 -2.44 36.52
C HIS A 272 -17.56 -3.23 37.77
N PHE A 273 -16.71 -2.67 38.62
CA PHE A 273 -16.29 -3.39 39.82
C PHE A 273 -17.45 -3.55 40.81
N LYS A 274 -18.30 -2.55 40.88
CA LYS A 274 -19.49 -2.63 41.74
C LYS A 274 -20.43 -3.72 41.25
N ARG A 275 -20.63 -3.81 39.94
CA ARG A 275 -21.51 -4.82 39.38
C ARG A 275 -21.00 -6.23 39.61
N ASN A 276 -19.68 -6.39 39.73
CA ASN A 276 -19.10 -7.70 40.02
C ASN A 276 -18.98 -8.00 41.52
N ASP A 277 -19.62 -7.14 42.32
CA ASP A 277 -19.63 -7.26 43.77
C ASP A 277 -18.21 -7.26 44.36
N SER A 278 -17.31 -6.53 43.72
CA SER A 278 -15.96 -6.33 44.25
C SER A 278 -15.60 -4.86 44.06
N PRO A 279 -16.30 -3.99 44.79
CA PRO A 279 -16.13 -2.55 44.54
C PRO A 279 -14.73 -2.06 44.91
N LEU A 280 -14.26 -1.07 44.16
CA LEU A 280 -13.00 -0.42 44.49
C LEU A 280 -13.26 0.60 45.60
N GLN A 281 -12.81 0.25 46.80
CA GLN A 281 -13.14 1.06 47.98
C GLN A 281 -12.04 2.05 48.39
N SER A 282 -10.78 1.65 48.33
CA SER A 282 -9.72 2.57 48.76
C SER A 282 -9.53 3.77 47.82
N VAL A 283 -9.82 3.56 46.53
CA VAL A 283 -9.60 4.62 45.55
C VAL A 283 -10.53 5.84 45.76
N LEU A 284 -11.64 5.60 46.44
CA LEU A 284 -12.60 6.66 46.75
C LEU A 284 -12.01 7.67 47.73
N LYS A 285 -11.04 7.22 48.54
CA LYS A 285 -10.28 8.13 49.40
C LYS A 285 -9.01 8.61 48.70
N TYR A 286 -8.34 7.70 47.99
CA TYR A 286 -7.08 8.04 47.38
C TYR A 286 -7.23 8.14 45.86
N ASN A 287 -7.75 9.27 45.40
CA ASN A 287 -8.02 9.45 43.98
C ASN A 287 -6.78 9.57 43.09
N THR A 288 -5.71 10.15 43.63
CA THR A 288 -4.62 10.65 42.80
C THR A 288 -3.24 10.16 43.21
N ILE A 289 -2.27 10.34 42.32
CA ILE A 289 -0.86 10.08 42.62
C ILE A 289 -0.43 10.84 43.90
N GLU A 290 -0.76 12.12 43.98
CA GLU A 290 -0.32 12.89 45.15
C GLU A 290 -0.95 12.38 46.44
N SER A 291 -2.20 11.91 46.36
CA SER A 291 -2.88 11.39 47.52
C SER A 291 -2.19 10.13 48.05
N GLN A 292 -1.58 9.36 47.15
CA GLN A 292 -0.84 8.17 47.55
C GLN A 292 0.45 8.54 48.26
N VAL A 293 1.12 9.60 47.79
CA VAL A 293 2.33 10.04 48.48
C VAL A 293 1.98 10.43 49.91
N GLN A 294 0.92 11.22 50.06
CA GLN A 294 0.54 11.67 51.40
C GLN A 294 0.13 10.51 52.28
N ARG A 295 -0.58 9.55 51.69
CA ARG A 295 -1.00 8.34 52.39
C ARG A 295 0.19 7.59 52.97
N PHE A 296 1.16 7.30 52.12
CA PHE A 296 2.31 6.53 52.59
C PHE A 296 3.11 7.28 53.63
N ASN A 297 3.26 8.59 53.45
CA ASN A 297 4.00 9.38 54.41
C ASN A 297 3.32 9.31 55.78
N LYS A 298 2.00 9.49 55.80
CA LYS A 298 1.22 9.44 57.03
C LYS A 298 1.34 8.09 57.73
N LEU A 299 1.41 7.03 56.94
CA LEU A 299 1.43 5.68 57.48
C LEU A 299 2.83 5.14 57.77
N GLY A 300 3.84 6.01 57.74
CA GLY A 300 5.15 5.63 58.22
C GLY A 300 6.21 5.28 57.18
N PHE A 301 5.93 5.56 55.91
CA PHE A 301 6.90 5.38 54.85
C PHE A 301 7.24 6.76 54.30
N ALA A 302 8.43 7.26 54.65
CA ALA A 302 8.82 8.65 54.34
C ALA A 302 9.35 8.83 52.90
N TYR A 303 9.77 7.74 52.28
CA TYR A 303 10.46 7.81 51.00
C TYR A 303 9.59 7.14 49.95
N VAL A 304 9.15 7.92 48.97
CA VAL A 304 8.15 7.42 48.02
C VAL A 304 8.54 7.73 46.58
N ASN A 305 8.45 6.72 45.72
CA ASN A 305 8.64 6.89 44.30
C ASN A 305 7.37 6.40 43.60
N VAL A 306 6.65 7.27 42.92
CA VAL A 306 5.33 6.87 42.44
C VAL A 306 5.04 7.48 41.07
N GLY A 307 4.37 6.71 40.22
CA GLY A 307 3.95 7.22 38.93
C GLY A 307 2.79 6.38 38.41
N ASP A 308 2.19 6.79 37.29
CA ASP A 308 1.16 5.91 36.72
C ASP A 308 1.74 5.03 35.63
N MET A 309 0.90 4.18 35.07
CA MET A 309 1.40 3.16 34.16
C MET A 309 1.96 3.71 32.87
N PHE A 310 1.52 4.91 32.48
CA PHE A 310 2.08 5.41 31.25
C PHE A 310 3.53 5.84 31.44
N GLN A 311 3.84 6.34 32.62
CA GLN A 311 5.23 6.65 32.94
C GLN A 311 6.10 5.39 32.92
N LEU A 312 5.53 4.25 33.35
CA LEU A 312 6.22 2.98 33.27
C LEU A 312 6.47 2.59 31.80
N TRP A 313 5.45 2.74 30.96
CA TRP A 313 5.59 2.49 29.52
C TRP A 313 6.68 3.37 28.88
N GLU A 314 6.69 4.65 29.26
CA GLU A 314 7.66 5.58 28.70
C GLU A 314 9.07 5.17 29.14
N SER A 315 9.18 4.49 30.28
CA SER A 315 10.49 4.14 30.86
C SER A 315 11.07 2.85 30.26
N ALA A 316 10.24 2.07 29.56
CA ALA A 316 10.75 0.87 28.91
C ALA A 316 11.80 1.30 27.90
N ASP A 317 12.89 0.54 27.79
CA ASP A 317 13.90 0.93 26.83
C ASP A 317 13.43 0.66 25.40
N GLU A 318 14.09 1.29 24.45
CA GLU A 318 13.65 1.28 23.06
C GLU A 318 13.55 -0.11 22.46
N ALA A 319 14.54 -0.95 22.71
CA ALA A 319 14.56 -2.28 22.13
C ALA A 319 13.31 -3.03 22.57
N THR A 320 12.95 -2.85 23.84
CA THR A 320 11.80 -3.50 24.41
C THR A 320 10.52 -2.97 23.77
N LYS A 321 10.47 -1.65 23.62
CA LYS A 321 9.33 -0.97 23.01
C LYS A 321 9.13 -1.51 21.59
N LYS A 322 10.22 -1.58 20.84
CA LYS A 322 10.19 -2.08 19.46
C LYS A 322 9.57 -3.47 19.38
N GLU A 323 10.01 -4.37 20.24
CA GLU A 323 9.47 -5.73 20.27
C GLU A 323 8.01 -5.74 20.70
N LEU A 324 7.66 -4.95 21.70
CA LEU A 324 6.29 -4.97 22.20
C LEU A 324 5.30 -4.58 21.10
N LEU A 325 5.66 -3.57 20.30
CA LEU A 325 4.80 -3.11 19.20
C LEU A 325 4.57 -4.23 18.16
N LYS A 326 5.53 -5.13 18.05
CA LYS A 326 5.47 -6.22 17.07
C LYS A 326 4.78 -7.49 17.58
N VAL A 327 4.46 -7.55 18.87
CA VAL A 327 3.86 -8.77 19.42
C VAL A 327 2.52 -9.14 18.76
N GLU A 328 1.63 -8.17 18.62
CA GLU A 328 0.33 -8.39 17.99
C GLU A 328 -0.21 -7.07 17.46
N PRO A 329 -1.20 -7.12 16.56
CA PRO A 329 -1.74 -5.86 16.05
C PRO A 329 -2.44 -5.04 17.15
N PHE A 330 -2.23 -3.73 17.13
CA PHE A 330 -2.80 -2.85 18.15
C PHE A 330 -3.06 -1.48 17.54
N ASP A 331 -4.22 -0.90 17.84
CA ASP A 331 -4.53 0.46 17.42
C ASP A 331 -5.58 1.13 18.28
N GLU A 332 -5.43 0.95 19.59
CA GLU A 332 -6.37 1.49 20.55
C GLU A 332 -5.62 2.36 21.56
N LEU A 333 -4.80 3.28 21.04
CA LEU A 333 -3.95 4.08 21.93
C LEU A 333 -4.73 5.01 22.87
N GLU A 334 -5.84 5.59 22.43
CA GLU A 334 -6.68 6.37 23.34
C GLU A 334 -7.11 5.52 24.55
N GLU A 335 -7.60 4.32 24.28
CA GLU A 335 -8.01 3.43 25.36
CA GLU A 335 -8.01 3.42 25.36
C GLU A 335 -6.82 3.15 26.30
N PHE A 336 -5.65 2.92 25.71
CA PHE A 336 -4.46 2.61 26.49
C PHE A 336 -3.99 3.79 27.34
N HIS A 337 -4.06 5.00 26.78
CA HIS A 337 -3.78 6.20 27.57
C HIS A 337 -4.70 6.24 28.79
N LEU A 338 -6.00 6.10 28.57
CA LEU A 338 -6.98 6.18 29.64
C LEU A 338 -6.72 5.12 30.72
N PHE A 339 -6.55 3.88 30.30
CA PHE A 339 -6.24 2.79 31.22
C PHE A 339 -5.00 3.11 32.08
N CYS A 340 -3.94 3.55 31.42
CA CYS A 340 -2.65 3.74 32.08
C CYS A 340 -2.73 4.82 33.15
N HIS A 341 -3.47 5.88 32.86
CA HIS A 341 -3.64 6.95 33.86
C HIS A 341 -4.53 6.53 35.02
N HIS A 342 -5.21 5.38 34.91
CA HIS A 342 -6.05 4.89 36.01
C HIS A 342 -5.40 3.83 36.88
N TYR A 343 -4.11 3.56 36.68
CA TYR A 343 -3.38 2.62 37.54
C TYR A 343 -2.08 3.24 38.03
N VAL A 344 -1.88 3.17 39.33
CA VAL A 344 -0.71 3.76 39.97
C VAL A 344 0.29 2.65 40.33
N LEU A 345 1.58 2.95 40.20
CA LEU A 345 2.61 2.08 40.75
C LEU A 345 3.35 2.90 41.80
N CYS A 346 3.18 2.54 43.07
CA CYS A 346 3.74 3.33 44.16
C CYS A 346 4.72 2.48 44.95
N HIS A 347 5.98 2.92 45.01
CA HIS A 347 7.04 2.18 45.68
C HIS A 347 7.53 3.05 46.84
N ALA A 348 7.29 2.60 48.06
CA ALA A 348 7.67 3.35 49.25
C ALA A 348 8.68 2.55 50.06
N THR A 349 9.52 3.25 50.81
CA THR A 349 10.45 2.61 51.73
CA THR A 349 10.42 2.59 51.76
C THR A 349 10.40 3.32 53.09
N ASN A 350 10.84 2.65 54.14
CA ASN A 350 10.91 3.25 55.47
C ASN A 350 12.37 3.42 55.89
N TYR A 351 13.28 3.35 54.94
CA TYR A 351 14.68 3.62 55.25
C TYR A 351 15.40 4.50 54.24
N LYS A 352 16.16 5.47 54.75
CA LYS A 352 16.80 6.47 53.88
C LYS A 352 17.91 5.89 53.01
N GLU A 353 18.47 4.75 53.39
CA GLU A 353 19.61 4.20 52.66
C GLU A 353 19.28 3.76 51.23
N PHE A 354 18.01 3.46 50.98
CA PHE A 354 17.64 3.00 49.66
C PHE A 354 17.45 4.16 48.71
N ALA A 355 18.22 4.17 47.62
CA ALA A 355 18.11 5.21 46.63
C ALA A 355 17.16 4.82 45.49
N PHE A 356 16.28 5.73 45.10
CA PHE A 356 15.53 5.55 43.86
C PHE A 356 16.41 6.10 42.74
N THR A 357 17.07 5.20 42.01
CA THR A 357 18.07 5.62 41.03
C THR A 357 17.46 6.06 39.70
N GLN A 358 18.29 6.68 38.88
CA GLN A 358 17.88 7.26 37.60
C GLN A 358 16.91 6.40 36.80
N GLY A 359 17.28 5.14 36.60
CA GLY A 359 16.47 4.25 35.77
C GLY A 359 15.13 3.83 36.35
N PHE A 360 14.92 4.08 37.64
CA PHE A 360 13.68 3.65 38.29
C PHE A 360 12.83 4.84 38.77
N LEU A 361 13.44 6.01 38.82
CA LEU A 361 12.77 7.20 39.34
C LEU A 361 11.61 7.70 38.47
N PHE A 362 10.48 8.00 39.09
CA PHE A 362 9.40 8.62 38.36
C PHE A 362 9.40 10.12 38.54
N ASP A 363 9.21 10.83 37.43
CA ASP A 363 9.05 12.28 37.46
C ASP A 363 7.67 12.61 38.00
N ARG A 364 7.57 13.59 38.89
CA ARG A 364 6.29 13.89 39.50
C ARG A 364 5.86 15.33 39.22
N ILE A 369 -2.59 25.50 36.20
CA ILE A 369 -3.12 26.17 35.02
C ILE A 369 -4.61 26.48 35.18
N ASN A 370 -4.94 27.75 35.02
CA ASN A 370 -6.34 28.15 34.95
C ASN A 370 -6.57 29.02 33.74
N LEU A 371 -7.11 28.43 32.68
CA LEU A 371 -7.41 29.18 31.49
C LEU A 371 -8.62 30.09 31.74
N THR A 372 -8.61 31.27 31.12
CA THR A 372 -9.79 32.13 31.07
C THR A 372 -10.97 31.31 30.52
N VAL A 373 -12.13 31.44 31.14
CA VAL A 373 -13.32 30.79 30.60
C VAL A 373 -13.83 31.58 29.42
N ASP A 374 -14.04 30.91 28.29
CA ASP A 374 -14.47 31.58 27.07
C ASP A 374 -15.80 32.28 27.27
N GLU A 375 -15.92 33.46 26.67
CA GLU A 375 -17.09 34.29 26.88
C GLU A 375 -17.99 34.36 25.66
N ASP A 376 -17.51 33.77 24.56
CA ASP A 376 -18.22 33.87 23.28
C ASP A 376 -18.92 32.58 22.85
N TYR A 377 -18.45 31.44 23.35
CA TYR A 377 -19.03 30.15 22.96
C TYR A 377 -19.22 29.20 24.14
N GLN A 378 -20.25 28.37 24.06
CA GLN A 378 -20.58 27.45 25.15
C GLN A 378 -20.90 26.08 24.58
N LEU A 379 -20.81 25.07 25.43
CA LEU A 379 -21.04 23.69 25.01
C LEU A 379 -22.40 23.21 25.51
N LEU A 380 -23.23 22.74 24.59
CA LEU A 380 -24.54 22.16 24.92
C LEU A 380 -24.65 20.71 24.48
N GLU A 381 -25.63 20.00 25.03
CA GLU A 381 -25.98 18.68 24.49
C GLU A 381 -26.67 18.87 23.16
N CYS A 382 -26.48 17.91 22.26
CA CYS A 382 -27.21 17.90 20.99
C CYS A 382 -27.16 16.49 20.43
N GLU A 383 -28.13 15.67 20.83
CA GLU A 383 -28.12 14.25 20.52
C GLU A 383 -27.82 13.96 19.06
N CYS A 384 -26.85 13.08 18.85
CA CYS A 384 -26.53 12.58 17.53
C CYS A 384 -26.14 11.12 17.67
N PRO A 385 -27.15 10.26 17.86
CA PRO A 385 -26.87 8.85 18.11
C PRO A 385 -26.42 8.09 16.86
N ILE A 386 -25.42 8.60 16.14
CA ILE A 386 -24.89 7.85 15.02
C ILE A 386 -24.24 6.59 15.58
N ASN A 387 -23.85 6.68 16.84
CA ASN A 387 -23.35 5.55 17.61
C ASN A 387 -22.31 4.72 16.87
N ARG A 388 -21.31 5.40 16.32
CA ARG A 388 -20.16 4.74 15.73
C ARG A 388 -18.92 5.59 15.96
N LYS A 389 -17.75 5.01 15.72
CA LYS A 389 -16.50 5.70 15.97
C LYS A 389 -15.49 5.45 14.86
N PHE A 390 -14.61 6.42 14.67
CA PHE A 390 -13.51 6.34 13.72
C PHE A 390 -13.96 6.20 12.27
N GLY A 391 -15.16 6.72 11.98
CA GLY A 391 -15.52 7.04 10.60
C GLY A 391 -15.06 8.46 10.30
N ASP A 392 -15.55 9.05 9.21
CA ASP A 392 -15.26 10.45 8.92
C ASP A 392 -16.46 11.05 8.21
N VAL A 393 -16.50 12.38 8.16
CA VAL A 393 -17.72 13.04 7.72
C VAL A 393 -17.34 14.34 7.03
N ASP A 394 -18.09 14.71 6.01
CA ASP A 394 -17.92 16.03 5.43
C ASP A 394 -19.25 16.56 4.88
N VAL A 395 -19.26 17.86 4.60
CA VAL A 395 -20.46 18.59 4.20
C VAL A 395 -20.35 18.91 2.73
N ALA A 396 -21.37 18.50 1.98
CA ALA A 396 -21.36 18.63 0.53
C ALA A 396 -22.53 19.48 0.04
N GLY A 397 -22.55 20.74 0.44
CA GLY A 397 -23.66 21.61 0.15
C GLY A 397 -24.39 21.93 1.45
N ASN A 398 -25.67 21.58 1.50
CA ASN A 398 -26.44 21.74 2.73
C ASN A 398 -26.44 20.42 3.50
N ASP A 399 -25.85 19.42 2.88
CA ASP A 399 -25.96 18.04 3.34
C ASP A 399 -24.69 17.53 4.02
N VAL A 400 -24.85 16.56 4.89
CA VAL A 400 -23.74 16.02 5.68
C VAL A 400 -23.69 14.52 5.49
N PHE A 401 -22.51 13.97 5.17
CA PHE A 401 -22.39 12.53 4.94
C PHE A 401 -21.29 11.90 5.75
N TYR A 402 -21.65 10.90 6.56
CA TYR A 402 -20.72 10.21 7.44
C TYR A 402 -20.51 8.80 6.90
N MET A 403 -19.25 8.41 6.69
CA MET A 403 -18.98 7.10 6.10
C MET A 403 -18.06 6.27 6.98
N GLY A 404 -18.35 4.97 7.05
CA GLY A 404 -17.48 4.02 7.73
C GLY A 404 -17.48 4.07 9.24
N GLY A 405 -16.40 3.54 9.82
CA GLY A 405 -16.24 3.47 11.27
C GLY A 405 -16.65 2.12 11.80
N SER A 406 -16.69 2.01 13.13
CA SER A 406 -17.04 0.73 13.75
C SER A 406 -18.11 0.89 14.81
N ASN A 407 -18.95 -0.13 14.99
CA ASN A 407 -20.09 -0.01 15.91
C ASN A 407 -20.71 -1.31 16.44
N PRO A 408 -19.89 -2.23 16.97
CA PRO A 408 -18.46 -2.18 17.23
C PRO A 408 -17.61 -2.82 16.13
N TYR A 409 -18.26 -3.38 15.12
CA TYR A 409 -17.55 -3.95 13.97
C TYR A 409 -17.54 -2.94 12.84
N ARG A 410 -16.58 -3.10 11.93
CA ARG A 410 -16.42 -2.10 10.86
C ARG A 410 -17.54 -2.15 9.83
N VAL A 411 -17.87 -0.99 9.29
CA VAL A 411 -18.87 -0.84 8.24
C VAL A 411 -18.36 0.00 7.08
N ASN A 412 -19.05 -0.08 5.94
CA ASN A 412 -18.74 0.78 4.79
C ASN A 412 -19.92 1.69 4.46
N GLU A 413 -20.90 1.71 5.37
CA GLU A 413 -22.15 2.42 5.17
C GLU A 413 -22.01 3.94 5.26
N ILE A 414 -22.83 4.64 4.49
CA ILE A 414 -22.91 6.09 4.51
C ILE A 414 -24.19 6.51 5.20
N LEU A 415 -24.08 7.39 6.20
CA LEU A 415 -25.26 8.01 6.79
C LEU A 415 -25.38 9.44 6.29
N GLN A 416 -26.59 9.84 5.89
CA GLN A 416 -26.81 11.24 5.59
C GLN A 416 -27.37 11.91 6.83
N LEU A 417 -26.75 13.02 7.24
CA LEU A 417 -27.18 13.70 8.46
C LEU A 417 -27.89 15.01 8.11
N SER A 418 -29.05 15.20 8.73
CA SER A 418 -29.78 16.46 8.62
C SER A 418 -29.78 17.10 9.99
N ILE A 419 -29.12 18.24 10.09
CA ILE A 419 -28.88 18.84 11.39
C ILE A 419 -29.92 19.90 11.74
N HIS A 420 -30.48 19.79 12.93
CA HIS A 420 -31.42 20.77 13.45
C HIS A 420 -30.95 21.24 14.83
N TYR A 421 -31.32 22.47 15.19
CA TYR A 421 -30.86 23.08 16.43
C TYR A 421 -30.91 22.11 17.62
N ASP A 422 -31.96 21.30 17.68
CA ASP A 422 -32.21 20.45 18.85
C ASP A 422 -31.63 19.03 18.74
N LYS A 423 -31.69 18.45 17.54
CA LYS A 423 -31.16 17.11 17.31
C LYS A 423 -30.66 16.91 15.89
N ILE A 424 -30.17 15.70 15.62
CA ILE A 424 -29.66 15.38 14.29
C ILE A 424 -30.33 14.14 13.71
N ASP A 425 -30.96 14.33 12.55
CA ASP A 425 -31.61 13.24 11.83
C ASP A 425 -30.64 12.50 10.92
N MET A 426 -30.91 11.22 10.69
CA MET A 426 -30.00 10.40 9.91
C MET A 426 -30.73 9.33 9.12
N LYS A 427 -30.24 9.09 7.91
CA LYS A 427 -30.79 8.07 7.05
C LYS A 427 -29.65 7.39 6.33
N ASN A 428 -29.77 6.10 6.10
CA ASN A 428 -28.79 5.39 5.28
C ASN A 428 -28.96 5.69 3.81
N ILE A 429 -27.83 5.80 3.13
CA ILE A 429 -27.84 6.05 1.71
C ILE A 429 -27.58 4.73 0.99
N GLU A 430 -28.56 4.25 0.24
CA GLU A 430 -28.37 3.04 -0.54
C GLU A 430 -27.43 3.36 -1.68
N VAL A 431 -26.47 2.47 -1.93
CA VAL A 431 -25.53 2.68 -3.00
C VAL A 431 -25.86 1.83 -4.22
N SER A 432 -25.54 2.36 -5.40
CA SER A 432 -26.02 1.81 -6.66
C SER A 432 -24.97 1.02 -7.46
N SER A 433 -23.73 1.00 -7.00
CA SER A 433 -22.68 0.34 -7.77
C SER A 433 -22.47 -1.10 -7.33
N SER A 434 -21.96 -1.92 -8.25
CA SER A 434 -21.70 -3.32 -7.94
C SER A 434 -20.48 -3.43 -7.01
N GLU A 435 -19.48 -2.60 -7.26
CA GLU A 435 -18.29 -2.58 -6.43
C GLU A 435 -18.36 -1.48 -5.38
N VAL A 436 -17.99 -1.83 -4.15
CA VAL A 436 -17.96 -0.88 -3.05
C VAL A 436 -16.66 -1.05 -2.25
N PRO A 437 -16.23 0.02 -1.56
CA PRO A 437 -15.06 -0.08 -0.69
C PRO A 437 -15.35 -0.99 0.50
N VAL A 438 -14.37 -1.77 0.92
CA VAL A 438 -14.56 -2.64 2.08
C VAL A 438 -14.76 -1.80 3.33
N ALA A 439 -15.50 -2.39 4.26
CA ALA A 439 -15.75 -1.77 5.56
C ALA A 439 -14.42 -1.42 6.18
N ARG A 440 -14.35 -0.25 6.81
CA ARG A 440 -13.07 0.23 7.29
C ARG A 440 -13.27 1.31 8.34
N MET A 441 -12.19 1.60 9.05
CA MET A 441 -12.18 2.71 10.01
C MET A 441 -10.84 3.42 9.89
N CYS A 442 -10.73 4.61 10.47
CA CYS A 442 -9.47 5.38 10.47
C CYS A 442 -9.02 5.82 9.08
N HIS A 443 -10.00 5.98 8.21
CA HIS A 443 -9.84 6.57 6.88
C HIS A 443 -10.18 8.05 6.98
N THR A 444 -10.07 8.77 5.87
CA THR A 444 -10.63 10.13 5.79
C THR A 444 -11.69 10.18 4.66
N PHE A 445 -12.61 11.14 4.76
CA PHE A 445 -13.71 11.24 3.82
C PHE A 445 -13.88 12.75 3.60
N THR A 446 -13.61 13.22 2.38
CA THR A 446 -13.42 14.66 2.16
C THR A 446 -14.23 15.17 0.95
N THR A 447 -14.96 16.26 1.11
CA THR A 447 -15.71 16.79 -0.03
C THR A 447 -14.79 17.32 -1.12
N ILE A 448 -15.10 16.97 -2.37
CA ILE A 448 -14.32 17.41 -3.52
C ILE A 448 -15.28 17.73 -4.66
N SER A 449 -14.74 18.20 -5.78
CA SER A 449 -15.52 18.33 -7.01
C SER A 449 -16.69 19.29 -6.87
N ARG A 450 -16.40 20.49 -6.40
CA ARG A 450 -17.42 21.53 -6.23
C ARG A 450 -18.65 21.02 -5.50
N ASN A 451 -18.41 20.29 -4.41
CA ASN A 451 -19.47 19.85 -3.51
C ASN A 451 -20.37 18.71 -4.06
N ASN A 452 -19.91 18.05 -5.11
CA ASN A 452 -20.70 16.98 -5.72
C ASN A 452 -20.18 15.57 -5.42
N GLN A 453 -18.98 15.47 -4.86
CA GLN A 453 -18.37 14.17 -4.61
C GLN A 453 -17.66 14.12 -3.27
N LEU A 454 -17.36 12.89 -2.83
CA LEU A 454 -16.65 12.68 -1.57
C LEU A 454 -15.49 11.71 -1.80
N LEU A 455 -14.31 12.09 -1.31
CA LEU A 455 -13.09 11.32 -1.51
C LEU A 455 -12.75 10.51 -0.27
N LEU A 456 -12.67 9.20 -0.45
CA LEU A 456 -12.29 8.26 0.59
C LEU A 456 -10.83 7.84 0.42
N ILE A 457 -10.01 8.17 1.42
CA ILE A 457 -8.59 7.83 1.39
C ILE A 457 -8.23 6.83 2.50
N GLY A 458 -7.62 5.72 2.11
CA GLY A 458 -6.96 4.82 3.05
C GLY A 458 -7.87 4.25 4.11
N GLY A 459 -7.34 4.11 5.33
CA GLY A 459 -8.09 3.47 6.40
C GLY A 459 -7.55 2.09 6.69
N ARG A 460 -8.24 1.34 7.56
CA ARG A 460 -7.79 0.00 7.87
C ARG A 460 -8.98 -0.92 8.14
N LYS A 461 -8.76 -2.22 8.00
CA LYS A 461 -9.64 -3.19 8.65
C LYS A 461 -9.08 -3.40 10.05
N ALA A 462 -8.59 -4.59 10.38
CA ALA A 462 -7.83 -4.74 11.61
C ALA A 462 -6.51 -3.95 11.55
N PRO A 463 -5.82 -3.78 12.70
CA PRO A 463 -4.63 -2.91 12.69
C PRO A 463 -3.48 -3.40 11.81
N HIS A 464 -3.45 -4.68 11.48
CA HIS A 464 -2.42 -5.19 10.60
C HIS A 464 -2.89 -5.18 9.15
N GLN A 465 -4.03 -4.55 8.93
CA GLN A 465 -4.67 -4.53 7.61
C GLN A 465 -4.92 -3.08 7.19
N GLY A 466 -3.87 -2.26 7.24
CA GLY A 466 -3.91 -0.94 6.66
C GLY A 466 -4.28 -1.08 5.19
N LEU A 467 -5.00 -0.08 4.67
CA LEU A 467 -5.48 -0.14 3.27
C LEU A 467 -4.84 0.91 2.38
N SER A 468 -4.79 0.60 1.08
CA SER A 468 -4.23 1.52 0.11
C SER A 468 -5.25 1.92 -0.95
N ASP A 469 -6.43 1.32 -0.91
CA ASP A 469 -7.40 1.55 -2.00
C ASP A 469 -8.24 2.78 -1.67
N ASN A 470 -8.32 3.71 -2.61
CA ASN A 470 -9.07 4.95 -2.46
C ASN A 470 -10.26 4.96 -3.39
N TRP A 471 -11.29 5.74 -3.03
CA TRP A 471 -12.55 5.73 -3.74
C TRP A 471 -13.15 7.13 -3.79
N ILE A 472 -14.03 7.34 -4.76
CA ILE A 472 -14.85 8.55 -4.79
C ILE A 472 -16.31 8.15 -4.76
N PHE A 473 -17.10 8.80 -3.92
CA PHE A 473 -18.54 8.58 -3.90
C PHE A 473 -19.23 9.75 -4.55
N ASP A 474 -20.05 9.46 -5.56
CA ASP A 474 -20.77 10.50 -6.27
C ASP A 474 -22.16 10.64 -5.67
N MET A 475 -22.46 11.81 -5.14
CA MET A 475 -23.70 11.98 -4.40
C MET A 475 -24.93 11.83 -5.30
N LYS A 476 -24.83 12.39 -6.51
CA LYS A 476 -25.96 12.40 -7.44
C LYS A 476 -26.39 11.01 -7.89
N THR A 477 -25.42 10.19 -8.25
CA THR A 477 -25.70 8.84 -8.75
C THR A 477 -25.68 7.81 -7.63
N ARG A 478 -25.15 8.21 -6.46
CA ARG A 478 -24.94 7.30 -5.33
C ARG A 478 -24.09 6.10 -5.74
N GLU A 479 -23.13 6.35 -6.60
CA GLU A 479 -22.18 5.33 -7.05
C GLU A 479 -20.80 5.53 -6.44
N TRP A 480 -20.18 4.44 -6.01
CA TRP A 480 -18.79 4.43 -5.63
C TRP A 480 -17.93 4.07 -6.84
N SER A 481 -16.78 4.72 -6.97
CA SER A 481 -15.79 4.28 -7.96
C SER A 481 -14.38 4.29 -7.35
N MET A 482 -13.62 3.24 -7.63
CA MET A 482 -12.25 3.14 -7.12
CA MET A 482 -12.25 3.14 -7.12
C MET A 482 -11.31 3.96 -8.00
N ILE A 483 -10.44 4.73 -7.37
CA ILE A 483 -9.51 5.58 -8.12
C ILE A 483 -8.09 5.05 -7.96
N LYS A 484 -7.10 5.90 -8.17
CA LYS A 484 -5.70 5.48 -8.00
C LYS A 484 -5.46 5.08 -6.56
N SER A 485 -4.70 4.00 -6.35
CA SER A 485 -4.37 3.58 -4.99
CA SER A 485 -4.35 3.57 -5.00
C SER A 485 -3.12 4.30 -4.47
N LEU A 486 -3.02 4.42 -3.14
CA LEU A 486 -1.79 4.89 -2.53
C LEU A 486 -0.71 3.84 -2.80
N SER A 487 0.54 4.26 -2.89
CA SER A 487 1.64 3.29 -2.99
C SER A 487 1.91 2.64 -1.63
N HIS A 488 1.54 3.34 -0.56
CA HIS A 488 1.77 2.88 0.81
C HIS A 488 0.43 2.86 1.57
N THR A 489 0.12 1.77 2.25
CA THR A 489 -1.09 1.78 3.08
C THR A 489 -1.00 2.91 4.11
N ARG A 490 -2.15 3.41 4.54
CA ARG A 490 -2.17 4.57 5.44
C ARG A 490 -3.50 4.67 6.17
N PHE A 491 -3.45 4.76 7.51
CA PHE A 491 -4.63 4.95 8.32
C PHE A 491 -4.30 5.87 9.50
N ARG A 492 -5.32 6.46 10.09
CA ARG A 492 -5.13 7.47 11.14
C ARG A 492 -4.36 8.68 10.65
N HIS A 493 -4.39 8.87 9.33
CA HIS A 493 -3.94 10.13 8.74
C HIS A 493 -5.02 11.18 8.96
N SER A 494 -4.67 12.45 8.72
CA SER A 494 -5.67 13.50 8.75
C SER A 494 -5.77 14.10 7.35
N ALA A 495 -6.90 14.74 7.05
CA ALA A 495 -7.05 15.32 5.73
C ALA A 495 -7.83 16.61 5.85
N CYS A 496 -7.60 17.54 4.92
CA CYS A 496 -8.42 18.74 4.85
C CYS A 496 -8.50 19.22 3.43
N SER A 497 -9.62 19.84 3.09
CA SER A 497 -9.81 20.47 1.79
C SER A 497 -9.02 21.77 1.72
N LEU A 498 -8.39 21.99 0.57
CA LEU A 498 -7.70 23.25 0.30
C LEU A 498 -8.55 24.14 -0.61
N PRO A 499 -8.22 25.45 -0.67
CA PRO A 499 -9.09 26.40 -1.39
C PRO A 499 -9.21 26.14 -2.88
N ASP A 500 -8.24 25.46 -3.49
CA ASP A 500 -8.31 25.12 -4.91
C ASP A 500 -9.04 23.80 -5.14
N GLY A 501 -9.55 23.20 -4.07
CA GLY A 501 -10.33 21.97 -4.19
C GLY A 501 -9.50 20.69 -4.05
N ASN A 502 -8.19 20.85 -3.89
CA ASN A 502 -7.32 19.70 -3.72
C ASN A 502 -7.35 19.27 -2.26
N VAL A 503 -6.80 18.11 -1.96
CA VAL A 503 -6.90 17.57 -0.61
C VAL A 503 -5.50 17.35 -0.04
N LEU A 504 -5.26 17.89 1.16
CA LEU A 504 -4.00 17.66 1.85
C LEU A 504 -4.15 16.47 2.78
N ILE A 505 -3.15 15.59 2.77
CA ILE A 505 -3.18 14.36 3.56
C ILE A 505 -1.95 14.32 4.46
N LEU A 506 -2.17 14.19 5.76
CA LEU A 506 -1.10 14.28 6.72
C LEU A 506 -0.88 12.99 7.51
N GLY A 507 0.33 12.45 7.42
CA GLY A 507 0.81 11.44 8.34
C GLY A 507 0.02 10.14 8.34
N GLY A 508 -0.26 9.66 9.56
CA GLY A 508 -0.88 8.36 9.73
C GLY A 508 0.12 7.26 10.02
N VAL A 509 -0.41 6.07 10.29
CA VAL A 509 0.42 4.88 10.38
C VAL A 509 0.69 4.46 8.94
N THR A 510 1.94 4.63 8.51
CA THR A 510 2.30 4.48 7.10
C THR A 510 3.81 4.44 6.93
N GLU A 511 4.27 3.77 5.88
CA GLU A 511 5.66 3.84 5.43
C GLU A 511 5.84 4.92 4.36
N GLY A 512 4.75 5.60 4.00
CA GLY A 512 4.76 6.60 2.95
C GLY A 512 5.14 8.00 3.42
N PRO A 513 5.06 8.98 2.52
CA PRO A 513 5.48 10.35 2.85
C PRO A 513 4.68 10.95 3.99
N ALA A 514 5.36 11.79 4.78
CA ALA A 514 4.74 12.47 5.89
C ALA A 514 3.58 13.40 5.51
N MET A 515 3.60 13.94 4.29
CA MET A 515 2.51 14.78 3.83
C MET A 515 2.32 14.61 2.32
N LEU A 516 1.08 14.44 1.89
CA LEU A 516 0.74 14.28 0.49
C LEU A 516 -0.27 15.33 0.06
N LEU A 517 -0.29 15.64 -1.22
CA LEU A 517 -1.34 16.46 -1.78
C LEU A 517 -2.00 15.63 -2.88
N TYR A 518 -3.31 15.48 -2.80
CA TYR A 518 -4.05 14.81 -3.87
C TYR A 518 -4.64 15.89 -4.76
N ASN A 519 -4.20 15.90 -6.01
CA ASN A 519 -4.76 16.79 -7.01
C ASN A 519 -5.94 16.12 -7.68
N VAL A 520 -7.13 16.62 -7.37
CA VAL A 520 -8.37 15.98 -7.76
C VAL A 520 -8.54 15.96 -9.29
N THR A 521 -8.28 17.08 -9.94
CA THR A 521 -8.49 17.09 -11.39
C THR A 521 -7.45 16.25 -12.13
N GLU A 522 -6.20 16.34 -11.69
CA GLU A 522 -5.09 15.62 -12.33
C GLU A 522 -5.01 14.14 -11.93
N GLU A 523 -5.67 13.79 -10.83
CA GLU A 523 -5.67 12.42 -10.33
C GLU A 523 -4.26 11.96 -10.01
N ILE A 524 -3.59 12.76 -9.20
CA ILE A 524 -2.17 12.59 -8.91
C ILE A 524 -1.94 12.79 -7.41
N PHE A 525 -1.10 11.97 -6.80
CA PHE A 525 -0.60 12.23 -5.45
C PHE A 525 0.80 12.84 -5.54
N LYS A 526 1.04 13.89 -4.76
CA LYS A 526 2.35 14.52 -4.70
C LYS A 526 2.88 14.53 -3.28
N ASP A 527 4.14 14.20 -3.11
CA ASP A 527 4.79 14.31 -1.82
C ASP A 527 5.09 15.79 -1.60
N VAL A 528 4.44 16.40 -0.60
CA VAL A 528 4.67 17.82 -0.29
C VAL A 528 5.23 17.99 1.13
N THR A 529 5.87 16.95 1.64
CA THR A 529 6.47 16.98 2.97
C THR A 529 7.30 18.23 3.13
N PRO A 530 6.96 19.09 4.09
CA PRO A 530 7.70 20.34 4.25
C PRO A 530 9.15 20.13 4.67
N LYS A 531 10.00 21.10 4.35
CA LYS A 531 11.42 21.06 4.66
C LYS A 531 11.67 21.54 6.08
N ASP A 532 11.14 20.80 7.04
CA ASP A 532 11.21 21.14 8.44
C ASP A 532 11.40 19.82 9.14
N GLU A 533 12.33 19.77 10.09
CA GLU A 533 12.66 18.53 10.79
C GLU A 533 11.47 17.90 11.55
N PHE A 534 10.45 18.69 11.85
CA PHE A 534 9.24 18.15 12.48
C PHE A 534 8.67 16.98 11.66
N PHE A 535 8.81 17.06 10.34
CA PHE A 535 8.19 16.08 9.45
C PHE A 535 9.08 14.89 9.11
N GLN A 536 10.10 14.63 9.92
CA GLN A 536 10.93 13.46 9.69
C GLN A 536 10.22 12.16 10.09
N ASN A 537 9.22 12.29 10.96
CA ASN A 537 8.42 11.16 11.44
C ASN A 537 6.94 11.37 11.18
N SER A 538 6.24 10.34 10.71
CA SER A 538 4.82 10.44 10.42
C SER A 538 4.00 10.73 11.67
N LEU A 539 3.06 11.67 11.53
CA LEU A 539 2.26 12.14 12.65
C LEU A 539 0.91 11.42 12.62
N VAL A 540 0.55 10.78 13.74
CA VAL A 540 -0.63 9.91 13.80
C VAL A 540 -1.76 10.57 14.58
N SER A 541 -2.96 10.61 14.00
CA SER A 541 -4.13 11.17 14.66
C SER A 541 -3.90 12.58 15.18
N ALA A 542 -3.41 13.46 14.31
CA ALA A 542 -3.29 14.88 14.66
C ALA A 542 -4.54 15.65 14.23
N GLY A 543 -4.85 16.73 14.94
CA GLY A 543 -5.84 17.68 14.44
C GLY A 543 -5.29 18.40 13.22
N LEU A 544 -6.15 18.69 12.26
CA LEU A 544 -5.74 19.39 11.05
C LEU A 544 -6.90 20.18 10.47
N GLU A 545 -6.65 21.46 10.19
CA GLU A 545 -7.66 22.27 9.52
C GLU A 545 -6.97 23.36 8.69
N PHE A 546 -7.67 23.86 7.68
CA PHE A 546 -7.16 24.97 6.87
C PHE A 546 -8.21 26.08 6.79
N ASP A 547 -7.75 27.33 6.88
CA ASP A 547 -8.69 28.45 6.82
C ASP A 547 -8.43 29.24 5.54
N PRO A 548 -9.41 29.23 4.62
CA PRO A 548 -9.28 29.94 3.35
C PRO A 548 -9.19 31.44 3.56
N VAL A 549 -9.85 31.96 4.59
CA VAL A 549 -9.89 33.40 4.83
C VAL A 549 -8.52 33.98 5.19
N SER A 550 -7.90 33.45 6.23
CA SER A 550 -6.57 33.91 6.64
C SER A 550 -5.48 33.18 5.87
N LYS A 551 -5.88 32.23 5.02
CA LYS A 551 -4.93 31.52 4.18
C LYS A 551 -3.81 30.84 4.97
N GLN A 552 -4.21 30.06 5.97
CA GLN A 552 -3.27 29.40 6.84
C GLN A 552 -3.96 28.14 7.34
N GLY A 553 -3.20 27.13 7.74
CA GLY A 553 -3.77 25.97 8.39
C GLY A 553 -3.02 25.60 9.65
N ILE A 554 -3.56 24.66 10.43
CA ILE A 554 -2.91 24.28 11.67
C ILE A 554 -2.88 22.77 11.80
N ILE A 555 -1.75 22.27 12.30
CA ILE A 555 -1.60 20.88 12.71
C ILE A 555 -1.53 20.90 14.24
N LEU A 556 -2.33 20.09 14.92
CA LEU A 556 -2.38 20.13 16.39
C LEU A 556 -2.11 18.76 17.00
N GLY A 557 -1.09 18.65 17.84
CA GLY A 557 -0.80 17.39 18.52
C GLY A 557 -0.41 16.27 17.56
N GLY A 558 -0.84 15.05 17.88
CA GLY A 558 -0.49 13.90 17.05
C GLY A 558 0.55 13.04 17.73
N GLY A 559 0.42 11.74 17.58
CA GLY A 559 1.40 10.82 18.13
C GLY A 559 2.38 10.38 17.05
N PHE A 560 3.44 9.69 17.45
CA PHE A 560 4.36 9.12 16.49
C PHE A 560 4.30 7.61 16.50
N MET A 561 4.92 6.96 15.52
CA MET A 561 4.72 5.53 15.34
C MET A 561 5.40 4.69 16.42
N ASP A 562 6.08 5.35 17.35
CA ASP A 562 6.60 4.62 18.51
C ASP A 562 5.50 4.36 19.55
N GLN A 563 4.31 4.89 19.30
CA GLN A 563 3.17 4.73 20.20
C GLN A 563 3.48 5.18 21.62
N THR A 564 4.39 6.14 21.73
CA THR A 564 4.86 6.61 23.03
C THR A 564 4.88 8.14 23.07
N THR A 565 5.50 8.73 22.06
CA THR A 565 5.69 10.16 21.95
C THR A 565 4.46 10.81 21.34
N VAL A 566 4.05 11.95 21.93
CA VAL A 566 2.98 12.77 21.39
C VAL A 566 3.47 14.21 21.29
N SER A 567 3.28 14.81 20.13
CA SER A 567 3.67 16.19 19.92
C SER A 567 2.87 17.16 20.78
N ASP A 568 3.54 18.17 21.31
CA ASP A 568 2.85 19.21 22.06
C ASP A 568 2.83 20.53 21.28
N LYS A 569 2.88 20.43 19.95
CA LYS A 569 2.94 21.59 19.10
C LYS A 569 1.64 21.86 18.34
N ALA A 570 1.35 23.13 18.17
CA ALA A 570 0.44 23.59 17.13
C ALA A 570 1.33 24.19 16.05
N ILE A 571 1.22 23.65 14.85
CA ILE A 571 2.06 24.08 13.74
C ILE A 571 1.22 24.87 12.75
N ILE A 572 1.61 26.12 12.52
CA ILE A 572 0.87 26.97 11.59
C ILE A 572 1.58 26.87 10.24
N PHE A 573 0.84 26.60 9.18
CA PHE A 573 1.47 26.48 7.86
C PHE A 573 0.68 27.21 6.81
N LYS A 574 1.31 27.47 5.68
CA LYS A 574 0.59 28.07 4.57
C LYS A 574 0.76 27.25 3.31
N TYR A 575 -0.14 27.49 2.36
CA TYR A 575 -0.22 26.73 1.12
C TYR A 575 -0.12 27.65 -0.08
N ASP A 576 0.92 27.45 -0.89
CA ASP A 576 1.00 28.18 -2.16
C ASP A 576 0.72 27.26 -3.33
N ALA A 577 -0.52 27.32 -3.84
CA ALA A 577 -0.94 26.45 -4.94
C ALA A 577 -0.02 26.54 -6.15
N GLU A 578 0.64 27.69 -6.33
CA GLU A 578 1.47 27.93 -7.51
C GLU A 578 2.91 27.45 -7.34
N ASN A 579 3.25 26.99 -6.15
CA ASN A 579 4.57 26.40 -5.98
C ASN A 579 4.49 24.88 -6.19
N ALA A 580 5.10 24.42 -7.28
CA ALA A 580 4.94 23.03 -7.72
C ALA A 580 5.72 22.03 -6.89
N THR A 581 6.82 22.48 -6.29
CA THR A 581 7.69 21.58 -5.53
C THR A 581 7.52 21.70 -4.01
N GLU A 582 7.34 22.92 -3.53
CA GLU A 582 7.28 23.15 -2.09
C GLU A 582 6.07 24.02 -1.72
N PRO A 583 4.86 23.49 -1.92
CA PRO A 583 3.66 24.31 -1.71
C PRO A 583 3.34 24.53 -0.24
N ILE A 584 3.81 23.64 0.63
CA ILE A 584 3.51 23.79 2.05
C ILE A 584 4.75 24.27 2.81
N THR A 585 4.62 25.36 3.56
CA THR A 585 5.70 25.84 4.41
C THR A 585 5.21 26.12 5.82
N VAL A 586 6.09 25.93 6.79
CA VAL A 586 5.75 26.17 8.18
C VAL A 586 6.01 27.65 8.51
N ILE A 587 5.01 28.30 9.08
CA ILE A 587 5.11 29.70 9.47
C ILE A 587 5.57 29.87 10.92
N LYS A 588 5.12 28.97 11.78
CA LYS A 588 5.21 29.18 13.23
C LYS A 588 4.91 27.88 13.96
N LYS A 589 5.56 27.66 15.10
CA LYS A 589 5.21 26.56 15.99
C LYS A 589 4.88 27.08 17.40
N LEU A 590 3.72 26.69 17.91
CA LEU A 590 3.33 27.05 19.26
C LEU A 590 3.40 25.79 20.12
N GLN A 591 3.85 25.94 21.36
CA GLN A 591 4.01 24.79 22.25
C GLN A 591 3.21 24.97 23.53
N HIS A 592 2.43 23.95 23.89
CA HIS A 592 1.66 23.99 25.13
C HIS A 592 1.29 22.57 25.57
N PRO A 593 1.27 22.32 26.89
CA PRO A 593 0.89 20.99 27.36
C PRO A 593 -0.51 20.56 26.91
N LEU A 594 -1.42 21.52 26.76
CA LEU A 594 -2.78 21.20 26.35
C LEU A 594 -2.89 20.93 24.86
N PHE A 595 -1.78 21.09 24.14
CA PHE A 595 -1.73 20.70 22.74
C PHE A 595 -1.26 19.27 22.57
N GLN A 596 -0.83 18.63 23.66
CA GLN A 596 -0.24 17.30 23.55
C GLN A 596 -1.36 16.28 23.56
N ARG A 597 -2.06 16.20 22.43
CA ARG A 597 -3.17 15.27 22.34
C ARG A 597 -3.10 14.35 21.14
N TYR A 598 -3.55 13.12 21.38
CA TYR A 598 -3.64 12.10 20.36
C TYR A 598 -5.12 11.86 20.08
N GLY A 599 -5.52 11.91 18.80
CA GLY A 599 -6.90 11.62 18.44
C GLY A 599 -7.85 12.78 18.67
N SER A 600 -7.31 14.00 18.72
CA SER A 600 -8.14 15.21 18.84
C SER A 600 -8.67 15.59 17.47
N GLN A 601 -9.58 16.56 17.45
CA GLN A 601 -9.98 17.19 16.19
C GLN A 601 -10.00 18.68 16.45
N ILE A 602 -9.74 19.46 15.41
CA ILE A 602 -9.79 20.91 15.51
C ILE A 602 -10.66 21.52 14.40
N LYS A 603 -11.22 22.70 14.65
CA LYS A 603 -12.01 23.39 13.62
C LYS A 603 -11.95 24.90 13.84
N TYR A 604 -11.78 25.67 12.77
CA TYR A 604 -11.80 27.12 12.90
C TYR A 604 -13.24 27.55 13.16
N ILE A 605 -13.48 28.15 14.32
CA ILE A 605 -14.77 28.75 14.62
C ILE A 605 -14.81 30.05 13.86
N THR A 606 -13.65 30.70 13.80
CA THR A 606 -13.46 32.01 13.21
C THR A 606 -12.03 32.00 12.73
N PRO A 607 -11.69 32.89 11.77
CA PRO A 607 -10.28 32.93 11.36
C PRO A 607 -9.30 33.19 12.50
N ARG A 608 -9.79 33.73 13.61
CA ARG A 608 -8.95 34.04 14.76
C ARG A 608 -9.27 33.17 15.97
N LYS A 609 -10.07 32.12 15.77
CA LYS A 609 -10.49 31.28 16.89
C LYS A 609 -10.59 29.82 16.48
N LEU A 610 -9.63 29.01 16.92
CA LEU A 610 -9.62 27.58 16.59
C LEU A 610 -10.13 26.78 17.77
N LEU A 611 -11.12 25.94 17.52
CA LEU A 611 -11.64 25.03 18.53
C LEU A 611 -10.78 23.76 18.55
N ILE A 612 -10.44 23.30 19.74
CA ILE A 612 -9.60 22.12 19.92
C ILE A 612 -10.39 21.16 20.81
N VAL A 613 -10.72 19.99 20.27
CA VAL A 613 -11.58 19.07 21.00
C VAL A 613 -10.95 17.68 21.25
N GLY A 614 -10.98 17.25 22.51
CA GLY A 614 -10.80 15.86 22.87
C GLY A 614 -9.45 15.24 22.62
N GLY A 615 -9.47 13.93 22.36
CA GLY A 615 -8.24 13.17 22.25
C GLY A 615 -7.76 12.82 23.64
N THR A 616 -6.64 12.10 23.70
CA THR A 616 -6.03 11.70 24.96
C THR A 616 -4.59 12.18 25.03
N SER A 617 -3.98 12.08 26.21
CA SER A 617 -2.65 12.64 26.40
C SER A 617 -1.77 11.65 27.16
N PRO A 618 -0.47 11.62 26.84
CA PRO A 618 0.41 10.72 27.61
C PRO A 618 0.71 11.30 28.99
N SER A 619 0.43 12.58 29.22
CA SER A 619 0.84 13.25 30.45
CA SER A 619 0.84 13.29 30.44
C SER A 619 -0.22 13.27 31.55
N GLY A 620 -1.46 12.94 31.20
CA GLY A 620 -2.52 12.92 32.20
C GLY A 620 -3.89 12.90 31.55
N LEU A 621 -4.94 12.95 32.37
CA LEU A 621 -6.32 12.93 31.89
C LEU A 621 -6.86 14.33 31.66
N PHE A 622 -7.58 14.53 30.57
CA PHE A 622 -8.31 15.80 30.40
C PHE A 622 -9.53 15.82 31.29
N ASP A 623 -9.97 17.00 31.67
CA ASP A 623 -11.12 17.12 32.56
C ASP A 623 -12.19 18.06 32.01
N ARG A 624 -13.09 18.50 32.86
CA ARG A 624 -14.17 19.40 32.47
C ARG A 624 -13.66 20.70 31.83
N THR A 625 -12.50 21.15 32.28
CA THR A 625 -12.02 22.47 31.90
C THR A 625 -11.10 22.50 30.69
N ASN A 626 -10.50 21.37 30.34
CA ASN A 626 -9.50 21.40 29.28
C ASN A 626 -9.68 20.34 28.21
N SER A 627 -10.76 19.58 28.28
CA SER A 627 -11.10 18.65 27.20
C SER A 627 -11.35 19.44 25.90
N ILE A 628 -11.96 20.61 26.03
CA ILE A 628 -12.27 21.46 24.90
C ILE A 628 -11.78 22.88 25.16
N ILE A 629 -10.88 23.37 24.32
CA ILE A 629 -10.32 24.71 24.51
C ILE A 629 -10.31 25.46 23.19
N SER A 630 -9.90 26.72 23.22
CA SER A 630 -9.85 27.48 21.99
C SER A 630 -8.56 28.29 21.94
N LEU A 631 -8.02 28.40 20.74
CA LEU A 631 -6.75 29.04 20.49
C LEU A 631 -6.92 30.17 19.49
N ASP A 632 -6.37 31.34 19.82
CA ASP A 632 -6.24 32.41 18.84
C ASP A 632 -4.81 32.33 18.35
N PRO A 633 -4.60 31.82 17.13
CA PRO A 633 -3.23 31.53 16.68
C PRO A 633 -2.39 32.80 16.46
N LEU A 634 -3.03 33.92 16.19
CA LEU A 634 -2.29 35.15 15.95
C LEU A 634 -1.79 35.74 17.27
N SER A 635 -2.71 35.94 18.21
CA SER A 635 -2.35 36.56 19.49
C SER A 635 -1.88 35.52 20.50
N GLU A 636 -2.02 34.24 20.16
CA GLU A 636 -1.48 33.17 20.98
C GLU A 636 -2.14 33.12 22.36
N THR A 637 -3.45 33.35 22.37
CA THR A 637 -4.22 33.25 23.60
C THR A 637 -5.01 31.93 23.63
N LEU A 638 -5.37 31.51 24.84
CA LEU A 638 -6.06 30.23 25.04
C LEU A 638 -7.25 30.42 25.97
N THR A 639 -8.39 29.85 25.64
CA THR A 639 -9.49 29.83 26.60
C THR A 639 -10.02 28.42 26.82
N SER A 640 -10.70 28.24 27.94
CA SER A 640 -11.40 27.00 28.23
C SER A 640 -12.86 27.12 27.80
N ILE A 641 -13.38 26.07 27.18
CA ILE A 641 -14.83 25.97 26.95
C ILE A 641 -15.31 24.84 27.84
N PRO A 642 -15.74 25.18 29.07
CA PRO A 642 -16.00 24.19 30.11
C PRO A 642 -17.18 23.28 29.78
N ILE A 643 -17.08 22.03 30.21
CA ILE A 643 -18.19 21.08 30.13
C ILE A 643 -18.93 21.14 31.46
N SER A 644 -20.22 21.46 31.41
CA SER A 644 -20.99 21.62 32.64
C SER A 644 -20.96 20.38 33.53
N ARG A 645 -20.99 20.60 34.85
CA ARG A 645 -21.11 19.51 35.81
C ARG A 645 -22.16 18.52 35.35
N ARG A 646 -23.30 19.04 34.92
CA ARG A 646 -24.43 18.21 34.51
C ARG A 646 -24.08 17.22 33.42
N ILE A 647 -23.56 17.71 32.30
CA ILE A 647 -23.22 16.82 31.21
C ILE A 647 -22.04 15.88 31.55
N TRP A 648 -21.03 16.39 32.24
CA TRP A 648 -19.91 15.57 32.73
C TRP A 648 -20.37 14.36 33.53
N GLU A 649 -21.22 14.60 34.53
CA GLU A 649 -21.67 13.54 35.44
C GLU A 649 -22.76 12.65 34.84
N ASP A 650 -23.73 13.27 34.18
CA ASP A 650 -24.97 12.57 33.85
C ASP A 650 -25.03 11.98 32.44
N HIS A 651 -24.05 12.27 31.60
CA HIS A 651 -24.10 11.75 30.25
C HIS A 651 -22.81 11.06 29.84
N SER A 652 -22.92 10.12 28.91
CA SER A 652 -21.75 9.34 28.51
C SER A 652 -20.91 10.17 27.56
N LEU A 653 -19.82 10.69 28.09
CA LEU A 653 -18.87 11.44 27.30
C LEU A 653 -17.68 10.53 26.98
N MET A 654 -17.12 10.66 25.79
CA MET A 654 -15.92 9.91 25.46
C MET A 654 -15.37 10.44 24.14
N LEU A 655 -14.43 11.35 24.26
CA LEU A 655 -13.98 12.09 23.09
C LEU A 655 -12.82 11.36 22.42
N ALA A 656 -13.12 10.16 21.96
CA ALA A 656 -12.19 9.35 21.17
C ALA A 656 -12.95 8.88 19.94
N GLY A 657 -12.36 9.02 18.77
CA GLY A 657 -12.97 8.53 17.53
C GLY A 657 -14.21 9.29 17.10
N PHE A 658 -14.34 10.51 17.61
CA PHE A 658 -15.47 11.39 17.27
C PHE A 658 -15.10 12.27 16.08
N SER A 659 -16.09 12.99 15.57
CA SER A 659 -15.89 13.89 14.44
C SER A 659 -16.50 15.26 14.75
N LEU A 660 -16.03 16.28 14.04
CA LEU A 660 -16.58 17.63 14.12
C LEU A 660 -17.25 17.95 12.78
N VAL A 661 -18.46 18.50 12.86
CA VAL A 661 -19.16 18.99 11.67
C VAL A 661 -19.75 20.37 11.94
N SER A 662 -19.65 21.25 10.96
CA SER A 662 -20.29 22.56 11.05
C SER A 662 -21.06 22.86 9.78
N THR A 663 -22.32 23.25 9.95
CA THR A 663 -23.14 23.74 8.85
C THR A 663 -22.77 25.18 8.53
N THR A 667 -21.57 27.36 14.56
CA THR A 667 -22.05 26.17 15.26
C THR A 667 -21.27 24.93 14.83
N ILE A 668 -20.76 24.19 15.82
CA ILE A 668 -19.98 23.00 15.55
C ILE A 668 -20.58 21.84 16.32
N HIS A 669 -20.90 20.76 15.62
CA HIS A 669 -21.41 19.59 16.31
C HIS A 669 -20.29 18.59 16.53
N ILE A 670 -20.26 17.99 17.71
CA ILE A 670 -19.26 16.99 18.05
C ILE A 670 -20.00 15.66 18.11
N ILE A 671 -19.78 14.81 17.11
CA ILE A 671 -20.61 13.62 16.96
C ILE A 671 -19.81 12.34 16.89
N GLY A 672 -20.45 11.23 17.25
CA GLY A 672 -19.81 9.94 17.18
C GLY A 672 -18.76 9.78 18.26
N GLY A 673 -18.08 8.63 18.23
CA GLY A 673 -17.03 8.35 19.20
C GLY A 673 -17.43 7.38 20.29
N GLY A 674 -16.42 6.85 20.96
CA GLY A 674 -16.62 5.96 22.08
C GLY A 674 -15.37 5.11 22.33
N ALA A 675 -15.46 4.18 23.26
CA ALA A 675 -14.26 3.48 23.67
C ALA A 675 -14.64 2.24 24.46
N THR A 676 -13.77 1.25 24.38
CA THR A 676 -13.86 0.09 25.26
C THR A 676 -12.93 0.39 26.42
N CYS A 677 -13.45 0.34 27.63
CA CYS A 677 -12.67 0.76 28.79
C CYS A 677 -11.94 -0.41 29.43
N TYR A 678 -10.94 -0.93 28.74
CA TYR A 678 -10.09 -1.99 29.28
C TYR A 678 -10.89 -3.19 29.80
N GLY A 679 -11.94 -3.57 29.09
CA GLY A 679 -12.76 -4.68 29.55
C GLY A 679 -13.61 -4.38 30.78
N PHE A 680 -13.79 -3.10 31.09
CA PHE A 680 -14.73 -2.70 32.13
C PHE A 680 -16.04 -2.26 31.50
N GLY A 681 -16.18 -2.52 30.21
CA GLY A 681 -17.39 -2.13 29.50
C GLY A 681 -17.10 -1.13 28.39
N SER A 682 -18.09 -0.85 27.58
CA SER A 682 -17.94 0.12 26.49
C SER A 682 -18.78 1.35 26.72
N VAL A 683 -18.30 2.48 26.22
CA VAL A 683 -18.99 3.75 26.36
C VAL A 683 -19.15 4.40 25.00
N THR A 684 -20.32 4.95 24.74
CA THR A 684 -20.56 5.65 23.49
C THR A 684 -20.72 7.14 23.76
N ASN A 685 -19.99 7.96 23.00
CA ASN A 685 -20.10 9.41 23.11
C ASN A 685 -21.47 9.86 22.61
N VAL A 686 -22.28 10.48 23.47
CA VAL A 686 -23.67 10.81 23.12
C VAL A 686 -23.82 11.95 22.11
N GLY A 687 -23.01 13.00 22.24
CA GLY A 687 -23.10 14.11 21.31
C GLY A 687 -23.14 15.48 21.98
N LEU A 688 -22.40 16.43 21.40
CA LEU A 688 -22.32 17.81 21.91
C LEU A 688 -22.42 18.83 20.79
N LYS A 689 -22.63 20.08 21.17
CA LYS A 689 -22.76 21.16 20.21
C LYS A 689 -22.13 22.40 20.83
N LEU A 690 -21.35 23.12 20.04
CA LEU A 690 -20.77 24.38 20.49
C LEU A 690 -21.49 25.52 19.78
N ILE A 691 -22.13 26.39 20.56
CA ILE A 691 -22.84 27.54 19.99
C ILE A 691 -22.35 28.87 20.56
N ALA A 692 -22.61 29.96 19.85
CA ALA A 692 -22.26 31.29 20.34
C ALA A 692 -23.07 31.63 21.58
N ILE A 693 -22.46 32.37 22.50
CA ILE A 693 -23.18 32.89 23.65
C ILE A 693 -23.86 34.18 23.20
N ALA A 694 -25.17 34.27 23.39
CA ALA A 694 -25.93 35.43 22.93
C ALA A 694 -25.61 36.69 23.74
N LEU B 4 -41.07 10.92 -42.35
CA LEU B 4 -41.31 12.07 -41.46
C LEU B 4 -40.02 12.78 -41.10
N THR B 5 -39.84 14.00 -41.60
CA THR B 5 -38.61 14.75 -41.40
C THR B 5 -38.31 15.00 -39.92
N THR B 6 -37.04 14.88 -39.55
CA THR B 6 -36.66 15.17 -38.18
C THR B 6 -35.95 16.53 -38.06
N ILE B 7 -35.78 16.97 -36.83
CA ILE B 7 -35.04 18.19 -36.56
C ILE B 7 -33.60 18.08 -37.06
N LYS B 8 -32.89 17.02 -36.70
CA LYS B 8 -31.49 16.90 -37.11
C LYS B 8 -31.35 16.74 -38.63
N GLN B 9 -32.40 16.24 -39.26
CA GLN B 9 -32.40 16.04 -40.71
C GLN B 9 -32.46 17.36 -41.46
N THR B 10 -33.04 18.38 -40.83
CA THR B 10 -33.39 19.60 -41.55
C THR B 10 -32.83 20.88 -40.95
N ASN B 11 -31.89 20.76 -40.02
CA ASN B 11 -31.40 21.95 -39.30
C ASN B 11 -30.02 22.50 -39.68
N LYS B 12 -29.54 22.14 -40.86
CA LYS B 12 -28.22 22.61 -41.31
C LYS B 12 -28.35 23.36 -42.60
N ASN B 13 -27.45 24.33 -42.82
CA ASN B 13 -27.42 25.04 -44.10
C ASN B 13 -26.62 24.25 -45.14
N VAL B 14 -26.59 24.74 -46.38
CA VAL B 14 -25.96 24.01 -47.46
C VAL B 14 -24.50 23.64 -47.16
N LYS B 15 -23.75 24.56 -46.56
CA LYS B 15 -22.33 24.31 -46.30
C LYS B 15 -22.10 23.33 -45.16
N GLN B 16 -22.95 23.41 -44.14
CA GLN B 16 -22.90 22.48 -43.03
C GLN B 16 -23.25 21.09 -43.53
N GLU B 17 -24.24 21.02 -44.42
CA GLU B 17 -24.64 19.75 -44.99
C GLU B 17 -23.50 19.15 -45.80
N ARG B 18 -22.83 19.98 -46.59
CA ARG B 18 -21.73 19.49 -47.42
C ARG B 18 -20.59 18.97 -46.54
N ARG B 19 -20.22 19.75 -45.52
CA ARG B 19 -19.19 19.33 -44.58
C ARG B 19 -19.55 17.98 -43.97
N LYS B 20 -20.80 17.83 -43.54
CA LYS B 20 -21.20 16.61 -42.86
C LYS B 20 -21.15 15.43 -43.81
N LYS B 21 -21.54 15.66 -45.05
CA LYS B 21 -21.49 14.61 -46.06
C LYS B 21 -20.07 14.09 -46.19
N TYR B 22 -19.11 15.00 -46.32
CA TYR B 22 -17.73 14.58 -46.55
C TYR B 22 -16.99 14.10 -45.29
N ALA B 23 -17.37 14.65 -44.14
CA ALA B 23 -16.87 14.16 -42.86
C ALA B 23 -17.18 12.67 -42.70
N ASP B 24 -18.42 12.30 -42.97
CA ASP B 24 -18.87 10.92 -42.85
C ASP B 24 -18.14 10.02 -43.83
N LEU B 25 -17.94 10.53 -45.04
CA LEU B 25 -17.25 9.76 -46.07
C LEU B 25 -15.81 9.50 -45.67
N ALA B 26 -15.20 10.50 -45.03
CA ALA B 26 -13.85 10.36 -44.52
C ALA B 26 -13.84 9.33 -43.40
N ILE B 27 -14.83 9.43 -42.52
CA ILE B 27 -14.91 8.58 -41.33
C ILE B 27 -15.10 7.12 -41.66
N GLN B 28 -15.84 6.83 -42.72
CA GLN B 28 -15.90 5.47 -43.23
C GLN B 28 -14.57 5.20 -43.94
N GLY B 29 -13.55 5.95 -43.53
CA GLY B 29 -12.20 5.86 -44.06
C GLY B 29 -11.17 6.38 -43.05
N THR B 30 -11.63 6.67 -41.83
CA THR B 30 -10.72 6.96 -40.72
C THR B 30 -11.11 6.11 -39.49
N ASN B 31 -12.24 5.42 -39.58
CA ASN B 31 -12.67 4.46 -38.57
C ASN B 31 -11.60 3.39 -38.34
N ASN B 32 -11.23 3.18 -37.07
CA ASN B 32 -10.25 2.16 -36.74
C ASN B 32 -8.94 2.34 -37.50
N SER B 33 -8.74 3.52 -38.05
CA SER B 33 -7.54 3.80 -38.83
C SER B 33 -6.48 4.45 -37.96
N SER B 34 -5.33 4.70 -38.57
CA SER B 34 -4.24 5.41 -37.94
C SER B 34 -4.66 6.82 -37.56
N ILE B 35 -5.53 7.45 -38.33
CA ILE B 35 -5.94 8.81 -38.02
C ILE B 35 -6.77 8.84 -36.75
N ALA B 36 -7.64 7.86 -36.59
CA ALA B 36 -8.43 7.75 -35.36
C ALA B 36 -7.53 7.48 -34.14
N SER B 37 -6.51 6.65 -34.33
CA SER B 37 -5.58 6.38 -33.24
C SER B 37 -4.74 7.61 -32.89
N LYS B 38 -4.35 8.38 -33.90
CA LYS B 38 -3.64 9.61 -33.60
C LYS B 38 -4.56 10.58 -32.86
N ARG B 39 -5.84 10.59 -33.23
CA ARG B 39 -6.83 11.43 -32.55
C ARG B 39 -6.87 11.08 -31.06
N SER B 40 -6.75 9.80 -30.74
CA SER B 40 -6.77 9.37 -29.35
C SER B 40 -5.59 9.96 -28.57
N VAL B 41 -4.43 9.99 -29.21
CA VAL B 41 -3.25 10.60 -28.61
C VAL B 41 -3.39 12.11 -28.45
N GLU B 42 -3.97 12.77 -29.46
CA GLU B 42 -4.23 14.21 -29.43
C GLU B 42 -5.06 14.55 -28.20
N LEU B 43 -6.07 13.73 -27.94
CA LEU B 43 -6.98 13.98 -26.81
C LEU B 43 -6.35 13.69 -25.45
N LEU B 44 -5.75 12.52 -25.32
CA LEU B 44 -5.29 12.07 -24.00
C LEU B 44 -3.87 12.57 -23.67
N TYR B 45 -2.93 12.40 -24.60
CA TYR B 45 -1.51 12.63 -24.31
C TYR B 45 -1.06 14.08 -24.43
N LEU B 46 -1.41 14.70 -25.55
CA LEU B 46 -0.77 15.96 -25.88
C LEU B 46 -1.08 17.05 -24.85
N PRO B 47 -2.30 17.09 -24.31
CA PRO B 47 -2.57 18.13 -23.31
C PRO B 47 -1.76 17.93 -22.01
N LYS B 48 -1.21 16.74 -21.83
CA LYS B 48 -0.51 16.41 -20.60
C LYS B 48 1.02 16.47 -20.70
N LEU B 49 1.54 16.65 -21.90
CA LEU B 49 2.98 16.59 -22.13
C LEU B 49 3.64 17.96 -22.16
N SER B 50 4.92 17.99 -21.80
CA SER B 50 5.70 19.23 -21.88
C SER B 50 5.82 19.70 -23.32
N SER B 51 6.33 20.91 -23.52
CA SER B 51 6.36 21.53 -24.84
C SER B 51 7.22 20.78 -25.85
N ALA B 52 8.27 20.12 -25.37
CA ALA B 52 9.14 19.38 -26.27
C ALA B 52 8.39 18.23 -26.95
N ASN B 53 7.30 17.79 -26.32
CA ASN B 53 6.66 16.55 -26.73
C ASN B 53 5.18 16.64 -27.05
N ASN B 54 4.63 17.85 -27.09
CA ASN B 54 3.20 17.98 -27.31
C ASN B 54 2.80 18.45 -28.71
N PHE B 55 3.80 18.83 -29.50
CA PHE B 55 3.65 19.04 -30.96
C PHE B 55 2.76 20.20 -31.42
N GLN B 56 1.77 20.56 -30.62
CA GLN B 56 0.78 21.55 -31.04
C GLN B 56 0.24 22.36 -29.86
N MET B 57 0.62 23.62 -29.82
CA MET B 57 0.26 24.48 -28.72
C MET B 57 0.31 25.91 -29.21
N ASP B 58 -0.62 26.74 -28.72
CA ASP B 58 -0.63 28.16 -29.08
C ASP B 58 0.22 29.00 -28.11
N LYS B 59 0.34 30.29 -28.39
CA LYS B 59 1.18 31.16 -27.55
C LYS B 59 0.72 31.23 -26.09
N ASN B 60 -0.58 31.04 -25.87
CA ASN B 60 -1.15 31.08 -24.52
C ASN B 60 -1.01 29.76 -23.79
N ASN B 61 -0.17 28.87 -24.33
CA ASN B 61 0.02 27.54 -23.78
C ASN B 61 -1.23 26.66 -23.78
N LYS B 62 -2.19 26.99 -24.62
CA LYS B 62 -3.37 26.15 -24.82
C LYS B 62 -3.08 25.17 -25.93
N LEU B 63 -3.57 23.93 -25.81
CA LEU B 63 -3.36 22.96 -26.86
C LEU B 63 -4.22 23.25 -28.09
N LEU B 64 -3.66 22.98 -29.25
CA LEU B 64 -4.38 23.09 -30.49
C LEU B 64 -4.68 21.69 -30.99
N GLU B 65 -5.78 21.53 -31.70
CA GLU B 65 -6.16 20.23 -32.22
C GLU B 65 -6.29 20.23 -33.76
N TYR B 66 -5.74 19.19 -34.39
CA TYR B 66 -5.81 19.07 -35.86
C TYR B 66 -6.46 17.76 -36.30
N PHE B 67 -6.20 16.68 -35.58
CA PHE B 67 -6.82 15.42 -35.96
C PHE B 67 -8.33 15.51 -35.87
N LYS B 68 -8.83 16.35 -34.97
CA LYS B 68 -10.27 16.53 -34.81
C LYS B 68 -10.97 16.91 -36.12
N PHE B 69 -10.23 17.49 -37.06
CA PHE B 69 -10.85 17.96 -38.30
C PHE B 69 -11.23 16.81 -39.23
N PHE B 70 -10.62 15.66 -39.00
CA PHE B 70 -10.93 14.49 -39.80
C PHE B 70 -11.56 13.38 -38.96
N VAL B 71 -11.29 13.39 -37.66
CA VAL B 71 -11.92 12.44 -36.74
C VAL B 71 -12.43 13.24 -35.54
N PRO B 72 -13.65 13.76 -35.64
CA PRO B 72 -14.19 14.64 -34.60
C PRO B 72 -14.43 13.92 -33.27
N LYS B 73 -14.84 12.65 -33.30
CA LYS B 73 -15.22 11.98 -32.07
C LYS B 73 -14.05 11.87 -31.08
N LYS B 74 -14.36 11.57 -29.82
CA LYS B 74 -13.35 11.48 -28.77
C LYS B 74 -12.82 10.05 -28.63
N ILE B 75 -12.03 9.63 -29.61
CA ILE B 75 -11.54 8.26 -29.69
C ILE B 75 -10.70 7.87 -28.48
N LYS B 76 -10.85 6.62 -28.06
CA LYS B 76 -10.02 6.07 -27.01
C LYS B 76 -9.38 4.76 -27.44
N ARG B 77 -8.17 4.51 -26.95
CA ARG B 77 -7.42 3.31 -27.29
C ARG B 77 -6.78 2.77 -26.03
N SER B 78 -6.29 1.53 -26.10
CA SER B 78 -5.55 0.94 -25.00
C SER B 78 -4.24 1.67 -24.78
N PRO B 79 -3.68 1.59 -23.56
CA PRO B 79 -2.43 2.30 -23.30
C PRO B 79 -1.31 1.85 -24.23
N CYS B 80 -1.29 0.57 -24.57
CA CYS B 80 -0.25 0.09 -25.49
C CYS B 80 -0.34 0.81 -26.84
N ILE B 81 -1.57 0.92 -27.34
CA ILE B 81 -1.79 1.50 -28.66
C ILE B 81 -1.51 3.02 -28.60
N ASN B 82 -1.93 3.68 -27.53
CA ASN B 82 -1.62 5.10 -27.40
C ASN B 82 -0.12 5.36 -27.35
N ARG B 83 0.61 4.54 -26.60
CA ARG B 83 2.04 4.78 -26.45
C ARG B 83 2.72 4.61 -27.82
N GLY B 84 2.31 3.58 -28.55
CA GLY B 84 2.87 3.30 -29.87
C GLY B 84 2.57 4.43 -30.85
N TYR B 85 1.39 5.02 -30.75
CA TYR B 85 1.02 6.12 -31.65
C TYR B 85 1.65 7.44 -31.27
N TRP B 86 1.86 7.67 -29.97
CA TRP B 86 2.70 8.80 -29.61
C TRP B 86 4.09 8.61 -30.21
N LEU B 87 4.63 7.41 -30.11
CA LEU B 87 5.95 7.14 -30.69
C LEU B 87 5.93 7.36 -32.21
N ARG B 88 4.83 6.99 -32.85
CA ARG B 88 4.71 7.16 -34.30
C ARG B 88 4.74 8.64 -34.66
N LEU B 89 4.05 9.47 -33.88
CA LEU B 89 4.06 10.91 -34.10
C LEU B 89 5.45 11.48 -33.88
N PHE B 90 6.12 10.98 -32.83
CA PHE B 90 7.47 11.41 -32.47
C PHE B 90 8.45 10.97 -33.56
N ALA B 91 8.20 9.78 -34.12
CA ALA B 91 9.07 9.24 -35.16
C ALA B 91 9.19 10.24 -36.31
N ILE B 92 8.04 10.64 -36.84
CA ILE B 92 8.02 11.56 -37.99
C ILE B 92 8.52 12.96 -37.59
N ARG B 93 7.99 13.51 -36.50
CA ARG B 93 8.37 14.86 -36.10
C ARG B 93 9.88 14.98 -35.84
N SER B 94 10.46 14.00 -35.15
CA SER B 94 11.89 14.02 -34.86
C SER B 94 12.73 13.94 -36.14
N ARG B 95 12.30 13.13 -37.10
CA ARG B 95 13.04 13.02 -38.35
C ARG B 95 13.00 14.36 -39.07
N LEU B 96 11.79 14.92 -39.21
CA LEU B 96 11.62 16.21 -39.89
C LEU B 96 12.43 17.30 -39.19
N ASN B 97 12.37 17.32 -37.87
CA ASN B 97 13.13 18.30 -37.10
C ASN B 97 14.62 18.21 -37.43
N SER B 98 15.16 17.00 -37.48
CA SER B 98 16.59 16.81 -37.73
C SER B 98 16.99 17.38 -39.08
N ILE B 99 16.05 17.36 -40.02
CA ILE B 99 16.31 17.86 -41.36
C ILE B 99 16.23 19.38 -41.39
N ILE B 100 15.16 19.92 -40.81
CA ILE B 100 14.91 21.36 -40.80
C ILE B 100 16.02 22.09 -40.05
N GLU B 101 16.49 21.50 -38.96
CA GLU B 101 17.53 22.09 -38.14
C GLU B 101 18.88 22.20 -38.87
N GLN B 102 19.18 21.22 -39.71
CA GLN B 102 20.48 21.13 -40.36
C GLN B 102 20.52 21.86 -41.72
N THR B 103 19.35 22.13 -42.29
CA THR B 103 19.24 22.73 -43.61
C THR B 103 19.37 24.25 -43.61
N PRO B 104 20.34 24.79 -44.37
CA PRO B 104 20.57 26.24 -44.41
C PRO B 104 19.25 27.01 -44.60
N GLN B 105 19.02 28.01 -43.76
CA GLN B 105 17.74 28.73 -43.76
C GLN B 105 17.34 29.32 -45.12
N ASP B 106 18.32 29.50 -46.01
CA ASP B 106 18.02 30.06 -47.32
C ASP B 106 17.42 29.03 -48.29
N LYS B 107 17.56 27.75 -47.95
CA LYS B 107 17.06 26.70 -48.84
C LYS B 107 15.61 26.32 -48.53
N LYS B 108 14.84 26.12 -49.60
CA LYS B 108 13.46 25.68 -49.48
C LYS B 108 13.41 24.19 -49.20
N ILE B 109 12.42 23.75 -48.42
CA ILE B 109 12.23 22.34 -48.12
C ILE B 109 10.84 21.94 -48.54
N VAL B 110 10.72 20.83 -49.24
CA VAL B 110 9.41 20.35 -49.64
C VAL B 110 9.16 18.96 -49.06
N VAL B 111 8.10 18.85 -48.26
CA VAL B 111 7.75 17.59 -47.63
C VAL B 111 6.64 16.96 -48.46
N VAL B 112 6.92 15.78 -49.00
CA VAL B 112 5.96 15.09 -49.85
C VAL B 112 5.47 13.86 -49.12
N ASN B 113 4.18 13.85 -48.81
CA ASN B 113 3.61 12.76 -48.03
C ASN B 113 2.97 11.75 -48.99
N LEU B 114 3.58 10.58 -49.11
CA LEU B 114 3.15 9.56 -50.07
C LEU B 114 2.08 8.66 -49.46
N GLY B 115 0.88 8.74 -50.00
CA GLY B 115 -0.25 8.03 -49.44
C GLY B 115 -0.60 8.71 -48.13
N CYS B 116 -0.89 10.00 -48.24
CA CYS B 116 -1.09 10.84 -47.05
C CYS B 116 -2.36 10.51 -46.28
N GLY B 117 -3.36 9.94 -46.96
CA GLY B 117 -4.67 9.71 -46.37
C GLY B 117 -5.19 11.02 -45.79
N TYR B 118 -5.87 10.95 -44.65
CA TYR B 118 -6.40 12.18 -44.05
C TYR B 118 -5.48 12.79 -43.00
N ASP B 119 -4.18 12.58 -43.15
CA ASP B 119 -3.21 13.08 -42.19
C ASP B 119 -3.16 14.61 -42.26
N PRO B 120 -3.38 15.27 -41.12
CA PRO B 120 -3.38 16.74 -41.10
C PRO B 120 -2.00 17.33 -40.83
N LEU B 121 -0.94 16.53 -40.94
CA LEU B 121 0.41 17.03 -40.65
C LEU B 121 0.76 18.41 -41.27
N PRO B 122 0.45 18.61 -42.57
CA PRO B 122 0.84 19.90 -43.15
C PRO B 122 0.20 21.08 -42.42
N PHE B 123 -1.06 20.91 -42.03
CA PHE B 123 -1.79 21.97 -41.34
C PHE B 123 -1.26 22.23 -39.93
N GLN B 124 -0.92 21.15 -39.23
CA GLN B 124 -0.27 21.25 -37.93
C GLN B 124 1.05 22.05 -38.02
N LEU B 125 1.83 21.81 -39.05
CA LEU B 125 3.16 22.41 -39.13
C LEU B 125 3.13 23.84 -39.69
N LEU B 126 2.20 24.09 -40.60
CA LEU B 126 2.06 25.38 -41.27
C LEU B 126 1.33 26.42 -40.44
N ASP B 127 0.54 25.97 -39.47
CA ASP B 127 -0.34 26.88 -38.70
C ASP B 127 0.50 27.85 -37.87
N THR B 128 0.40 29.13 -38.20
CA THR B 128 1.16 30.16 -37.49
C THR B 128 0.72 30.31 -36.06
N ASN B 129 -0.48 29.83 -35.75
CA ASN B 129 -0.95 29.77 -34.35
C ASN B 129 -0.18 28.75 -33.52
N ASN B 130 0.43 27.77 -34.19
CA ASN B 130 1.15 26.71 -33.48
C ASN B 130 2.61 27.10 -33.19
N ILE B 131 2.91 27.47 -31.95
CA ILE B 131 4.26 27.93 -31.66
C ILE B 131 5.23 26.75 -31.61
N GLN B 132 4.67 25.55 -31.54
CA GLN B 132 5.45 24.33 -31.50
C GLN B 132 6.00 23.93 -32.87
N SER B 133 5.65 24.69 -33.91
CA SER B 133 6.12 24.37 -35.27
C SER B 133 6.74 25.59 -35.95
N GLN B 134 7.25 26.52 -35.17
CA GLN B 134 7.79 27.77 -35.71
C GLN B 134 8.83 27.58 -36.81
N GLN B 135 9.62 26.51 -36.74
CA GLN B 135 10.67 26.27 -37.74
C GLN B 135 10.10 25.85 -39.10
N TYR B 136 8.79 25.63 -39.16
CA TYR B 136 8.15 25.20 -40.39
C TYR B 136 7.32 26.29 -41.05
N HIS B 137 7.21 27.46 -40.42
CA HIS B 137 6.28 28.49 -40.88
C HIS B 137 6.72 29.29 -42.11
N ASP B 138 8.01 29.32 -42.42
CA ASP B 138 8.52 30.18 -43.49
C ASP B 138 9.00 29.50 -44.78
N ARG B 139 9.94 28.55 -44.68
CA ARG B 139 10.50 27.95 -45.89
C ARG B 139 10.18 26.47 -46.13
N VAL B 140 9.11 25.97 -45.51
CA VAL B 140 8.69 24.59 -45.73
C VAL B 140 7.36 24.51 -46.48
N SER B 141 7.31 23.69 -47.53
CA SER B 141 6.11 23.51 -48.32
C SER B 141 5.72 22.03 -48.29
N PHE B 142 4.46 21.72 -48.62
CA PHE B 142 3.95 20.36 -48.50
C PHE B 142 3.21 19.90 -49.75
N ILE B 143 3.41 18.65 -50.13
CA ILE B 143 2.62 18.06 -51.18
C ILE B 143 2.00 16.77 -50.66
N ASP B 144 0.67 16.67 -50.72
CA ASP B 144 -0.08 15.51 -50.28
C ASP B 144 -0.42 14.67 -51.50
N ILE B 145 0.03 13.42 -51.53
CA ILE B 145 -0.28 12.52 -52.63
C ILE B 145 -1.09 11.31 -52.18
N ASP B 146 -2.19 11.04 -52.86
CA ASP B 146 -3.00 9.86 -52.59
C ASP B 146 -3.89 9.61 -53.81
N TYR B 147 -4.76 8.61 -53.73
CA TYR B 147 -5.69 8.35 -54.82
C TYR B 147 -6.64 9.52 -55.03
N SER B 148 -7.03 9.71 -56.29
CA SER B 148 -8.00 10.76 -56.66
C SER B 148 -9.24 10.80 -55.75
N ASP B 149 -9.89 9.67 -55.54
CA ASP B 149 -11.14 9.65 -54.78
C ASP B 149 -10.94 10.08 -53.33
N LEU B 150 -9.80 9.72 -52.75
CA LEU B 150 -9.54 10.15 -51.37
C LEU B 150 -9.26 11.63 -51.31
N LEU B 151 -8.45 12.13 -52.23
CA LEU B 151 -8.10 13.54 -52.22
C LEU B 151 -9.32 14.44 -52.44
N LYS B 152 -10.28 13.98 -53.23
CA LYS B 152 -11.51 14.74 -53.42
C LYS B 152 -12.20 14.96 -52.07
N ILE B 153 -12.32 13.89 -51.28
CA ILE B 153 -12.97 13.99 -49.98
C ILE B 153 -12.16 14.90 -49.06
N LYS B 154 -10.84 14.76 -49.09
CA LYS B 154 -10.00 15.56 -48.21
C LYS B 154 -10.06 17.03 -48.59
N ILE B 155 -10.09 17.31 -49.89
CA ILE B 155 -10.17 18.69 -50.37
C ILE B 155 -11.51 19.35 -49.98
N GLU B 156 -12.61 18.63 -50.09
CA GLU B 156 -13.91 19.12 -49.64
C GLU B 156 -13.83 19.59 -48.19
N LEU B 157 -13.16 18.80 -47.35
CA LEU B 157 -13.05 19.15 -45.94
C LEU B 157 -12.13 20.35 -45.75
N ILE B 158 -11.06 20.43 -46.54
CA ILE B 158 -10.17 21.56 -46.42
C ILE B 158 -10.91 22.85 -46.79
N LYS B 159 -11.81 22.72 -47.76
CA LYS B 159 -12.55 23.87 -48.25
C LYS B 159 -13.72 24.25 -47.34
N THR B 160 -14.37 23.25 -46.76
CA THR B 160 -15.56 23.49 -45.93
C THR B 160 -15.26 23.72 -44.45
N ILE B 161 -14.00 23.59 -44.06
CA ILE B 161 -13.60 23.85 -42.68
C ILE B 161 -12.72 25.08 -42.64
N PRO B 162 -13.26 26.19 -42.10
CA PRO B 162 -12.56 27.49 -42.10
C PRO B 162 -11.15 27.44 -41.53
N GLU B 163 -10.94 26.67 -40.48
CA GLU B 163 -9.62 26.60 -39.85
C GLU B 163 -8.56 26.03 -40.80
N LEU B 164 -8.93 25.04 -41.59
CA LEU B 164 -7.96 24.43 -42.52
C LEU B 164 -7.71 25.38 -43.68
N SER B 165 -8.80 25.88 -44.28
CA SER B 165 -8.67 26.85 -45.37
C SER B 165 -7.74 27.99 -44.99
N LYS B 166 -7.96 28.54 -43.81
CA LYS B 166 -7.18 29.69 -43.36
C LYS B 166 -5.69 29.41 -43.27
N ILE B 167 -5.33 28.22 -42.81
CA ILE B 167 -3.91 27.88 -42.68
C ILE B 167 -3.18 27.92 -44.02
N ILE B 168 -3.85 27.51 -45.09
CA ILE B 168 -3.20 27.49 -46.41
C ILE B 168 -3.65 28.61 -47.37
N GLY B 169 -4.38 29.59 -46.85
CA GLY B 169 -4.73 30.77 -47.63
C GLY B 169 -6.01 30.73 -48.45
N LEU B 170 -6.84 29.72 -48.24
CA LEU B 170 -8.14 29.64 -48.91
C LEU B 170 -9.23 30.42 -48.16
N SER B 171 -10.40 30.56 -48.80
CA SER B 171 -11.51 31.34 -48.24
C SER B 171 -12.25 30.66 -47.08
N GLU B 172 -12.83 31.48 -46.20
CA GLU B 172 -13.59 30.98 -45.05
C GLU B 172 -15.07 31.34 -45.17
N TYR B 176 -21.27 30.34 -49.57
CA TYR B 176 -20.24 30.06 -50.56
C TYR B 176 -19.71 28.64 -50.46
N VAL B 177 -20.18 27.77 -51.33
CA VAL B 177 -19.63 26.42 -51.40
C VAL B 177 -19.15 26.07 -52.81
N ASP B 178 -17.94 25.51 -52.87
CA ASP B 178 -17.35 25.05 -54.11
C ASP B 178 -17.86 23.64 -54.37
N ASP B 179 -18.57 23.46 -55.49
CA ASP B 179 -19.17 22.16 -55.81
C ASP B 179 -18.42 21.41 -56.93
N SER B 180 -17.20 21.86 -57.23
CA SER B 180 -16.44 21.27 -58.33
C SER B 180 -15.98 19.84 -58.04
N ASN B 181 -15.83 19.53 -56.75
CA ASN B 181 -15.34 18.22 -56.31
C ASN B 181 -14.08 17.77 -57.05
N VAL B 182 -13.08 18.64 -57.09
CA VAL B 182 -11.84 18.33 -57.81
C VAL B 182 -10.84 17.56 -56.95
N ASP B 183 -9.88 16.90 -57.60
CA ASP B 183 -8.95 16.02 -56.89
C ASP B 183 -7.57 16.62 -56.70
N PHE B 184 -7.47 17.94 -56.92
CA PHE B 184 -6.19 18.61 -56.74
C PHE B 184 -6.43 19.98 -56.13
N LEU B 185 -5.39 20.53 -55.51
CA LEU B 185 -5.50 21.81 -54.85
C LEU B 185 -4.14 22.47 -54.91
N THR B 186 -4.13 23.77 -55.21
CA THR B 186 -2.88 24.51 -55.28
C THR B 186 -2.87 25.79 -54.46
N THR B 187 -1.94 25.85 -53.51
CA THR B 187 -1.70 27.06 -52.73
C THR B 187 -0.19 27.24 -52.62
N PRO B 188 0.27 28.39 -52.11
CA PRO B 188 1.72 28.62 -52.03
C PRO B 188 2.48 27.63 -51.15
N LYS B 189 1.86 27.13 -50.09
CA LYS B 189 2.57 26.22 -49.17
C LYS B 189 2.02 24.80 -49.19
N TYR B 190 0.92 24.59 -49.90
CA TYR B 190 0.30 23.27 -49.86
C TYR B 190 -0.30 22.87 -51.20
N LEU B 191 0.14 21.72 -51.73
CA LEU B 191 -0.48 21.09 -52.88
C LEU B 191 -1.10 19.75 -52.52
N ALA B 192 -2.23 19.45 -53.15
CA ALA B 192 -2.75 18.10 -53.15
C ALA B 192 -2.70 17.64 -54.60
N ARG B 193 -2.08 16.49 -54.83
CA ARG B 193 -1.85 15.98 -56.18
C ARG B 193 -2.18 14.50 -56.24
N PRO B 194 -3.14 14.13 -57.08
CA PRO B 194 -3.54 12.72 -57.16
C PRO B 194 -2.47 11.90 -57.86
N CYS B 195 -2.21 10.70 -57.36
CA CYS B 195 -1.32 9.78 -58.08
C CYS B 195 -1.50 8.36 -57.57
N ASP B 196 -1.58 7.41 -58.49
CA ASP B 196 -1.49 6.01 -58.12
C ASP B 196 -0.01 5.67 -58.06
N LEU B 197 0.50 5.41 -56.86
CA LEU B 197 1.95 5.28 -56.65
C LEU B 197 2.49 4.02 -57.33
N ASN B 198 1.58 3.16 -57.74
CA ASN B 198 1.93 1.99 -58.53
C ASN B 198 2.47 2.35 -59.92
N ASP B 199 2.29 3.61 -60.31
CA ASP B 199 2.77 4.11 -61.58
C ASP B 199 3.92 5.09 -61.35
N SER B 200 5.15 4.60 -61.37
CA SER B 200 6.30 5.42 -61.02
C SER B 200 6.71 6.45 -62.08
N LYS B 201 6.31 6.20 -63.33
CA LYS B 201 6.58 7.16 -64.41
C LYS B 201 5.70 8.38 -64.21
N MET B 202 4.42 8.10 -63.93
CA MET B 202 3.44 9.14 -63.63
C MET B 202 3.88 9.92 -62.39
N PHE B 203 4.44 9.18 -61.43
CA PHE B 203 4.98 9.77 -60.22
C PHE B 203 6.18 10.66 -60.54
N SER B 204 7.12 10.19 -61.37
CA SER B 204 8.29 11.01 -61.70
C SER B 204 7.84 12.26 -62.44
N THR B 205 6.92 12.07 -63.36
CA THR B 205 6.39 13.15 -64.18
C THR B 205 5.77 14.21 -63.28
N LEU B 206 4.92 13.76 -62.35
CA LEU B 206 4.31 14.65 -61.36
C LEU B 206 5.38 15.42 -60.62
N LEU B 207 6.42 14.73 -60.17
CA LEU B 207 7.43 15.43 -59.39
C LEU B 207 8.29 16.37 -60.23
N ASN B 208 8.47 16.03 -61.50
CA ASN B 208 9.21 16.93 -62.38
C ASN B 208 8.38 18.19 -62.65
N GLU B 209 7.09 18.01 -62.86
CA GLU B 209 6.19 19.15 -62.97
C GLU B 209 6.26 20.05 -61.72
N CYS B 210 6.42 19.45 -60.55
CA CYS B 210 6.55 20.21 -59.31
C CYS B 210 7.95 20.74 -59.15
N GLN B 211 8.81 20.44 -60.12
CA GLN B 211 10.18 20.95 -60.17
C GLN B 211 11.07 20.48 -59.01
N LEU B 212 10.83 19.26 -58.55
CA LEU B 212 11.55 18.73 -57.38
C LEU B 212 12.89 18.10 -57.74
N TYR B 213 13.25 18.06 -59.02
CA TYR B 213 14.60 17.58 -59.34
C TYR B 213 15.62 18.68 -59.12
N ASP B 214 15.15 19.91 -58.90
CA ASP B 214 16.05 21.02 -58.61
C ASP B 214 16.94 20.70 -57.43
N PRO B 215 18.27 20.67 -57.65
CA PRO B 215 19.19 20.36 -56.56
C PRO B 215 19.17 21.40 -55.44
N ASN B 216 18.60 22.58 -55.71
CA ASN B 216 18.60 23.67 -54.74
C ASN B 216 17.47 23.56 -53.73
N VAL B 217 16.63 22.56 -53.91
CA VAL B 217 15.50 22.32 -53.00
C VAL B 217 15.73 21.00 -52.29
N VAL B 218 15.55 20.99 -50.98
CA VAL B 218 15.63 19.75 -50.22
C VAL B 218 14.26 19.09 -50.22
N LYS B 219 14.21 17.81 -50.58
CA LYS B 219 12.97 17.07 -50.61
C LYS B 219 12.94 16.11 -49.42
N VAL B 220 11.77 15.95 -48.81
CA VAL B 220 11.61 14.94 -47.76
C VAL B 220 10.40 14.10 -48.09
N PHE B 221 10.65 12.85 -48.49
CA PHE B 221 9.55 11.96 -48.79
C PHE B 221 9.19 11.21 -47.53
N VAL B 222 7.88 11.15 -47.23
CA VAL B 222 7.37 10.44 -46.07
C VAL B 222 6.42 9.34 -46.54
N ALA B 223 6.70 8.10 -46.16
CA ALA B 223 5.80 7.00 -46.52
C ALA B 223 5.44 6.27 -45.25
N GLU B 224 4.37 6.73 -44.61
CA GLU B 224 4.00 6.24 -43.28
C GLU B 224 2.88 5.22 -43.46
N VAL B 225 3.24 3.93 -43.34
CA VAL B 225 2.32 2.83 -43.62
C VAL B 225 1.43 3.08 -44.84
N SER B 226 2.07 3.21 -46.00
CA SER B 226 1.34 3.46 -47.24
C SER B 226 1.94 2.58 -48.31
N LEU B 227 3.23 2.78 -48.55
CA LEU B 227 3.98 1.88 -49.43
C LEU B 227 3.95 0.45 -48.89
N ALA B 228 3.65 0.27 -47.60
CA ALA B 228 3.57 -1.07 -47.03
C ALA B 228 2.56 -1.96 -47.75
N TYR B 229 1.48 -1.35 -48.21
CA TYR B 229 0.39 -2.09 -48.85
C TYR B 229 0.69 -2.42 -50.31
N MET B 230 1.74 -1.83 -50.88
CA MET B 230 2.09 -2.05 -52.29
C MET B 230 3.06 -3.23 -52.44
N LYS B 231 3.02 -3.86 -53.60
CA LYS B 231 3.99 -4.92 -53.87
C LYS B 231 5.38 -4.32 -53.82
N PRO B 232 6.34 -5.12 -53.37
CA PRO B 232 7.72 -4.64 -53.21
C PRO B 232 8.25 -4.05 -54.52
N GLU B 233 7.97 -4.68 -55.65
CA GLU B 233 8.45 -4.16 -56.93
C GLU B 233 7.95 -2.72 -57.12
N ARG B 234 6.71 -2.49 -56.71
CA ARG B 234 6.07 -1.19 -56.88
C ARG B 234 6.52 -0.12 -55.87
N SER B 235 6.63 -0.48 -54.60
CA SER B 235 7.15 0.48 -53.63
C SER B 235 8.62 0.78 -53.94
N ASP B 236 9.39 -0.21 -54.37
CA ASP B 236 10.80 0.03 -54.63
C ASP B 236 10.96 1.03 -55.79
N SER B 237 10.07 0.94 -56.77
CA SER B 237 10.12 1.85 -57.92
C SER B 237 9.92 3.32 -57.51
N ILE B 238 9.09 3.53 -56.49
CA ILE B 238 8.90 4.87 -55.93
C ILE B 238 10.17 5.34 -55.27
N ILE B 239 10.73 4.53 -54.37
CA ILE B 239 12.00 4.86 -53.74
C ILE B 239 13.12 5.21 -54.74
N GLU B 240 13.37 4.32 -55.70
CA GLU B 240 14.48 4.53 -56.65
C GLU B 240 14.39 5.85 -57.44
N ALA B 241 13.17 6.18 -57.84
CA ALA B 241 12.89 7.45 -58.51
C ALA B 241 13.37 8.65 -57.70
N THR B 242 12.96 8.71 -56.43
CA THR B 242 13.34 9.85 -55.62
C THR B 242 14.86 9.91 -55.43
N SER B 243 15.55 8.79 -55.62
CA SER B 243 16.98 8.75 -55.37
C SER B 243 17.68 9.59 -56.41
N LYS B 244 17.03 9.77 -57.55
CA LYS B 244 17.65 10.61 -58.61
C LYS B 244 17.24 12.09 -58.57
N MET B 245 16.58 12.48 -57.49
CA MET B 245 16.35 13.89 -57.21
C MET B 245 17.36 14.28 -56.14
N GLU B 246 18.34 15.08 -56.53
CA GLU B 246 19.44 15.39 -55.64
C GLU B 246 18.97 16.07 -54.37
N ASN B 247 19.62 15.73 -53.25
CA ASN B 247 19.30 16.29 -51.94
C ASN B 247 17.91 15.91 -51.44
N SER B 248 17.67 14.59 -51.41
CA SER B 248 16.38 14.06 -50.95
C SER B 248 16.54 13.17 -49.72
N HIS B 249 15.53 13.23 -48.86
CA HIS B 249 15.40 12.32 -47.73
C HIS B 249 14.20 11.42 -48.00
N PHE B 250 14.28 10.18 -47.54
CA PHE B 250 13.15 9.27 -47.63
C PHE B 250 12.95 8.68 -46.24
N ILE B 251 11.80 8.98 -45.65
CA ILE B 251 11.45 8.48 -44.33
C ILE B 251 10.31 7.48 -44.50
N ILE B 252 10.58 6.22 -44.16
CA ILE B 252 9.56 5.21 -44.28
C ILE B 252 9.31 4.62 -42.89
N LEU B 253 8.03 4.44 -42.56
CA LEU B 253 7.62 3.84 -41.29
C LEU B 253 6.62 2.77 -41.67
N GLU B 254 6.97 1.50 -41.46
CA GLU B 254 6.08 0.43 -41.86
C GLU B 254 6.41 -0.84 -41.11
N GLN B 255 5.65 -1.90 -41.39
CA GLN B 255 5.75 -3.14 -40.63
C GLN B 255 6.98 -3.97 -40.99
N LEU B 256 7.41 -4.78 -40.02
CA LEU B 256 8.45 -5.78 -40.22
C LEU B 256 7.88 -7.12 -39.77
N ILE B 257 8.48 -8.22 -40.24
CA ILE B 257 8.20 -9.54 -39.67
C ILE B 257 9.55 -10.23 -39.44
N PRO B 258 10.28 -9.79 -38.40
CA PRO B 258 11.70 -10.13 -38.25
C PRO B 258 11.95 -11.63 -38.15
N LYS B 259 10.96 -12.38 -37.67
CA LYS B 259 11.11 -13.82 -37.52
C LYS B 259 10.13 -14.57 -38.42
N GLY B 260 9.77 -13.95 -39.54
CA GLY B 260 8.90 -14.62 -40.51
C GLY B 260 7.43 -14.45 -40.22
N PRO B 261 6.57 -14.94 -41.12
CA PRO B 261 5.11 -14.75 -41.05
C PRO B 261 4.40 -15.55 -39.97
N PHE B 262 5.07 -16.47 -39.29
CA PHE B 262 4.39 -17.31 -38.30
C PHE B 262 4.74 -17.02 -36.85
N GLU B 263 5.60 -16.04 -36.61
CA GLU B 263 5.88 -15.55 -35.27
C GLU B 263 4.54 -15.16 -34.64
N PRO B 264 4.37 -15.37 -33.31
CA PRO B 264 3.06 -15.20 -32.68
C PRO B 264 2.35 -13.87 -33.01
N PHE B 265 3.06 -12.76 -32.86
CA PHE B 265 2.47 -11.46 -33.15
C PHE B 265 2.33 -11.26 -34.66
N SER B 266 3.36 -11.66 -35.39
CA SER B 266 3.33 -11.54 -36.86
C SER B 266 2.08 -12.20 -37.44
N LYS B 267 1.80 -13.41 -36.95
CA LYS B 267 0.66 -14.17 -37.41
C LYS B 267 -0.65 -13.37 -37.36
N GLN B 268 -0.90 -12.74 -36.21
CA GLN B 268 -2.12 -11.94 -36.00
C GLN B 268 -2.10 -10.69 -36.86
N MET B 269 -0.92 -10.05 -36.93
CA MET B 269 -0.80 -8.81 -37.67
C MET B 269 -1.13 -9.01 -39.14
N LEU B 270 -0.45 -9.94 -39.78
CA LEU B 270 -0.68 -10.19 -41.20
C LEU B 270 -2.13 -10.57 -41.45
N ALA B 271 -2.72 -11.36 -40.57
CA ALA B 271 -4.09 -11.82 -40.78
C ALA B 271 -5.08 -10.67 -40.64
N HIS B 272 -4.83 -9.78 -39.69
CA HIS B 272 -5.67 -8.60 -39.51
C HIS B 272 -5.76 -7.79 -40.81
N PHE B 273 -4.62 -7.53 -41.44
CA PHE B 273 -4.62 -6.72 -42.65
C PHE B 273 -5.26 -7.46 -43.83
N LYS B 274 -5.06 -8.78 -43.88
CA LYS B 274 -5.78 -9.61 -44.86
C LYS B 274 -7.31 -9.57 -44.65
N ARG B 275 -7.76 -9.65 -43.39
CA ARG B 275 -9.17 -9.58 -43.08
C ARG B 275 -9.75 -8.24 -43.50
N ASN B 276 -8.93 -7.21 -43.46
CA ASN B 276 -9.37 -5.88 -43.81
C ASN B 276 -9.21 -5.55 -45.30
N ASP B 277 -8.85 -6.55 -46.10
CA ASP B 277 -8.66 -6.34 -47.55
C ASP B 277 -7.55 -5.37 -47.89
N SER B 278 -6.52 -5.34 -47.06
CA SER B 278 -5.40 -4.44 -47.23
C SER B 278 -4.17 -5.19 -46.81
N PRO B 279 -3.83 -6.28 -47.51
CA PRO B 279 -2.67 -7.06 -47.06
C PRO B 279 -1.38 -6.24 -47.08
N LEU B 280 -0.53 -6.50 -46.08
CA LEU B 280 0.82 -5.97 -46.09
C LEU B 280 1.63 -6.76 -47.11
N GLN B 281 2.17 -6.10 -48.13
CA GLN B 281 2.82 -6.85 -49.21
C GLN B 281 4.33 -6.70 -49.26
N SER B 282 4.81 -5.48 -49.06
CA SER B 282 6.23 -5.23 -49.13
C SER B 282 6.96 -5.98 -47.99
N VAL B 283 6.29 -6.15 -46.85
CA VAL B 283 6.95 -6.75 -45.70
C VAL B 283 7.34 -8.22 -45.94
N LEU B 284 6.62 -8.88 -46.84
CA LEU B 284 6.91 -10.27 -47.17
C LEU B 284 8.27 -10.41 -47.85
N LYS B 285 8.72 -9.32 -48.48
CA LYS B 285 10.06 -9.29 -49.05
C LYS B 285 11.07 -8.67 -48.09
N TYR B 286 10.64 -7.66 -47.35
CA TYR B 286 11.56 -6.95 -46.47
C TYR B 286 11.22 -7.23 -45.02
N ASN B 287 11.69 -8.37 -44.51
CA ASN B 287 11.31 -8.85 -43.19
C ASN B 287 11.91 -8.07 -42.02
N THR B 288 13.10 -7.50 -42.20
CA THR B 288 13.94 -7.09 -41.08
C THR B 288 14.51 -5.69 -41.26
N ILE B 289 14.97 -5.11 -40.16
CA ILE B 289 15.71 -3.86 -40.18
C ILE B 289 16.85 -3.94 -41.19
N GLU B 290 17.62 -5.02 -41.14
CA GLU B 290 18.75 -5.16 -42.06
C GLU B 290 18.31 -5.21 -43.52
N SER B 291 17.18 -5.84 -43.82
CA SER B 291 16.71 -5.91 -45.19
C SER B 291 16.37 -4.52 -45.75
N GLN B 292 15.95 -3.62 -44.85
CA GLN B 292 15.64 -2.25 -45.25
C GLN B 292 16.91 -1.47 -45.60
N VAL B 293 17.98 -1.69 -44.84
CA VAL B 293 19.25 -1.07 -45.17
C VAL B 293 19.71 -1.47 -46.56
N GLN B 294 19.67 -2.77 -46.84
CA GLN B 294 20.08 -3.29 -48.14
C GLN B 294 19.19 -2.73 -49.24
N ARG B 295 17.88 -2.69 -48.96
CA ARG B 295 16.88 -2.21 -49.89
C ARG B 295 17.17 -0.78 -50.33
N PHE B 296 17.35 0.11 -49.36
CA PHE B 296 17.55 1.52 -49.71
C PHE B 296 18.90 1.78 -50.39
N ASN B 297 19.93 1.07 -49.93
CA ASN B 297 21.24 1.10 -50.60
C ASN B 297 21.12 0.74 -52.07
N LYS B 298 20.39 -0.34 -52.33
CA LYS B 298 20.24 -0.84 -53.69
C LYS B 298 19.47 0.14 -54.57
N LEU B 299 18.60 0.94 -53.94
CA LEU B 299 17.73 1.83 -54.69
C LEU B 299 18.28 3.25 -54.78
N GLY B 300 19.55 3.43 -54.40
CA GLY B 300 20.23 4.69 -54.65
C GLY B 300 20.44 5.56 -53.43
N PHE B 301 19.97 5.11 -52.27
CA PHE B 301 20.18 5.82 -51.02
C PHE B 301 21.32 5.20 -50.21
N ALA B 302 22.48 5.86 -50.24
CA ALA B 302 23.70 5.35 -49.63
C ALA B 302 23.81 5.61 -48.14
N TYR B 303 22.98 6.51 -47.61
CA TYR B 303 23.10 6.91 -46.23
C TYR B 303 21.80 6.63 -45.50
N VAL B 304 21.82 5.65 -44.59
CA VAL B 304 20.59 5.12 -44.00
C VAL B 304 20.74 5.02 -42.49
N ASN B 305 19.68 5.39 -41.79
CA ASN B 305 19.63 5.33 -40.34
C ASN B 305 18.32 4.65 -40.01
N VAL B 306 18.37 3.44 -39.49
CA VAL B 306 17.17 2.62 -39.39
C VAL B 306 17.13 1.91 -38.04
N GLY B 307 15.94 1.79 -37.47
CA GLY B 307 15.80 1.12 -36.18
C GLY B 307 14.35 0.78 -35.98
N ASP B 308 14.02 -0.11 -35.05
CA ASP B 308 12.61 -0.35 -34.81
C ASP B 308 12.07 0.56 -33.70
N MET B 309 10.77 0.45 -33.42
CA MET B 309 10.15 1.39 -32.52
C MET B 309 10.65 1.30 -31.09
N PHE B 310 11.17 0.14 -30.67
CA PHE B 310 11.70 0.10 -29.33
C PHE B 310 13.03 0.85 -29.22
N GLN B 311 13.82 0.79 -30.28
CA GLN B 311 15.04 1.58 -30.32
C GLN B 311 14.68 3.05 -30.29
N LEU B 312 13.56 3.42 -30.93
CA LEU B 312 13.13 4.82 -30.88
C LEU B 312 12.76 5.19 -29.45
N TRP B 313 12.02 4.30 -28.78
CA TRP B 313 11.69 4.51 -27.37
C TRP B 313 12.94 4.66 -26.49
N GLU B 314 13.91 3.77 -26.66
CA GLU B 314 15.16 3.86 -25.91
C GLU B 314 15.89 5.17 -26.18
N SER B 315 15.74 5.72 -27.37
CA SER B 315 16.47 6.92 -27.76
C SER B 315 15.89 8.17 -27.11
N ALA B 316 14.65 8.08 -26.63
CA ALA B 316 14.01 9.23 -26.00
C ALA B 316 14.76 9.60 -24.73
N ASP B 317 14.82 10.90 -24.42
CA ASP B 317 15.59 11.30 -23.24
C ASP B 317 14.83 10.98 -21.95
N GLU B 318 15.55 11.02 -20.84
CA GLU B 318 15.01 10.61 -19.55
C GLU B 318 13.78 11.42 -19.14
N ALA B 319 13.83 12.73 -19.36
CA ALA B 319 12.68 13.57 -19.02
C ALA B 319 11.46 13.13 -19.82
N THR B 320 11.69 12.77 -21.08
CA THR B 320 10.60 12.39 -21.96
C THR B 320 10.02 11.04 -21.50
N LYS B 321 10.88 10.07 -21.25
CA LYS B 321 10.41 8.77 -20.75
C LYS B 321 9.57 8.98 -19.49
N LYS B 322 10.06 9.81 -18.59
CA LYS B 322 9.38 10.02 -17.32
C LYS B 322 7.97 10.55 -17.53
N GLU B 323 7.80 11.53 -18.40
CA GLU B 323 6.47 12.06 -18.57
C GLU B 323 5.58 11.12 -19.37
N LEU B 324 6.16 10.31 -20.26
CA LEU B 324 5.36 9.32 -20.95
C LEU B 324 4.81 8.26 -19.99
N LEU B 325 5.62 7.85 -19.03
CA LEU B 325 5.16 6.90 -18.03
C LEU B 325 4.02 7.48 -17.19
N LYS B 326 4.05 8.80 -16.97
CA LYS B 326 3.03 9.43 -16.12
C LYS B 326 1.74 9.76 -16.85
N VAL B 327 1.75 9.76 -18.18
CA VAL B 327 0.56 10.17 -18.91
C VAL B 327 -0.70 9.37 -18.63
N GLU B 328 -0.59 8.04 -18.55
CA GLU B 328 -1.75 7.21 -18.24
C GLU B 328 -1.26 5.88 -17.68
N PRO B 329 -2.12 5.17 -16.94
CA PRO B 329 -1.69 3.88 -16.37
C PRO B 329 -1.33 2.90 -17.49
N PHE B 330 -0.25 2.17 -17.31
CA PHE B 330 0.22 1.26 -18.36
C PHE B 330 0.82 0.01 -17.73
N ASP B 331 0.39 -1.18 -18.16
CA ASP B 331 1.07 -2.40 -17.70
C ASP B 331 1.03 -3.51 -18.74
N GLU B 332 1.34 -3.15 -19.98
CA GLU B 332 1.27 -4.06 -21.10
C GLU B 332 2.63 -4.15 -21.79
N LEU B 333 3.72 -4.31 -21.02
CA LEU B 333 5.06 -4.23 -21.64
C LEU B 333 5.35 -5.36 -22.65
N GLU B 334 4.88 -6.58 -22.39
CA GLU B 334 5.08 -7.64 -23.38
C GLU B 334 4.48 -7.23 -24.70
N GLU B 335 3.25 -6.73 -24.64
CA GLU B 335 2.53 -6.35 -25.86
C GLU B 335 3.28 -5.24 -26.58
N PHE B 336 3.80 -4.30 -25.80
CA PHE B 336 4.53 -3.18 -26.37
C PHE B 336 5.87 -3.61 -26.99
N HIS B 337 6.59 -4.54 -26.34
CA HIS B 337 7.82 -5.07 -26.93
C HIS B 337 7.48 -5.70 -28.30
N LEU B 338 6.43 -6.53 -28.33
CA LEU B 338 6.08 -7.25 -29.54
C LEU B 338 5.70 -6.25 -30.65
N PHE B 339 4.84 -5.30 -30.32
CA PHE B 339 4.48 -4.27 -31.28
C PHE B 339 5.71 -3.52 -31.80
N CYS B 340 6.58 -3.11 -30.89
CA CYS B 340 7.70 -2.24 -31.26
C CYS B 340 8.64 -2.92 -32.25
N HIS B 341 8.86 -4.22 -32.07
CA HIS B 341 9.75 -4.93 -32.99
C HIS B 341 9.13 -5.20 -34.35
N HIS B 342 7.83 -4.96 -34.50
CA HIS B 342 7.15 -5.13 -35.79
C HIS B 342 6.96 -3.84 -36.58
N TYR B 343 7.55 -2.76 -36.09
CA TYR B 343 7.50 -1.50 -36.85
C TYR B 343 8.87 -0.86 -37.01
N VAL B 344 9.20 -0.48 -38.24
CA VAL B 344 10.52 0.07 -38.51
C VAL B 344 10.41 1.56 -38.82
N LEU B 345 11.44 2.32 -38.44
CA LEU B 345 11.59 3.69 -38.89
C LEU B 345 12.90 3.76 -39.66
N CYS B 346 12.82 4.08 -40.94
CA CYS B 346 14.00 4.09 -41.79
C CYS B 346 14.14 5.48 -42.41
N HIS B 347 15.22 6.16 -42.09
CA HIS B 347 15.48 7.51 -42.62
C HIS B 347 16.70 7.39 -43.53
N ALA B 348 16.47 7.54 -44.83
CA ALA B 348 17.53 7.40 -45.82
C ALA B 348 17.79 8.76 -46.47
N THR B 349 19.01 8.98 -46.92
CA THR B 349 19.30 10.20 -47.68
C THR B 349 20.23 9.86 -48.83
N ASN B 350 20.31 10.78 -49.81
CA ASN B 350 21.21 10.59 -50.95
C ASN B 350 22.31 11.65 -51.00
N TYR B 351 22.57 12.29 -49.87
CA TYR B 351 23.72 13.18 -49.79
C TYR B 351 24.57 13.06 -48.52
N LYS B 352 25.87 13.00 -48.75
CA LYS B 352 26.88 12.74 -47.74
C LYS B 352 26.88 13.80 -46.64
N GLU B 353 26.55 15.03 -47.01
CA GLU B 353 26.64 16.16 -46.09
C GLU B 353 25.69 16.06 -44.92
N PHE B 354 24.54 15.42 -45.11
CA PHE B 354 23.59 15.33 -44.01
C PHE B 354 24.14 14.42 -42.92
N ALA B 355 24.16 14.91 -41.69
CA ALA B 355 24.62 14.09 -40.58
C ALA B 355 23.45 13.54 -39.80
N PHE B 356 23.42 12.23 -39.61
CA PHE B 356 22.55 11.63 -38.60
C PHE B 356 23.27 11.86 -37.28
N THR B 357 22.85 12.89 -36.56
CA THR B 357 23.52 13.28 -35.33
C THR B 357 23.25 12.24 -34.25
N GLN B 358 23.97 12.33 -33.13
CA GLN B 358 23.94 11.28 -32.12
C GLN B 358 22.54 11.01 -31.59
N GLY B 359 21.79 12.07 -31.31
CA GLY B 359 20.43 11.94 -30.81
C GLY B 359 19.47 11.18 -31.72
N PHE B 360 19.74 11.19 -33.03
CA PHE B 360 18.86 10.54 -33.99
C PHE B 360 19.38 9.19 -34.46
N LEU B 361 20.68 8.95 -34.29
CA LEU B 361 21.33 7.74 -34.77
C LEU B 361 20.89 6.47 -34.03
N PHE B 362 20.40 5.48 -34.78
CA PHE B 362 20.12 4.17 -34.21
C PHE B 362 21.39 3.33 -34.28
N ASP B 363 21.62 2.50 -33.27
CA ASP B 363 22.72 1.54 -33.33
C ASP B 363 22.20 0.25 -33.96
N ARG B 364 23.08 -0.51 -34.60
CA ARG B 364 22.64 -1.65 -35.39
C ARG B 364 23.80 -2.44 -35.97
N ILE B 369 22.67 -16.10 -32.27
CA ILE B 369 23.39 -17.01 -31.40
C ILE B 369 22.87 -18.43 -31.53
N ASN B 370 23.68 -19.30 -32.13
CA ASN B 370 23.29 -20.70 -32.31
C ASN B 370 23.40 -21.49 -31.02
N LEU B 371 22.31 -22.12 -30.62
CA LEU B 371 22.32 -23.01 -29.47
C LEU B 371 22.34 -24.45 -29.95
N THR B 372 23.00 -25.31 -29.20
CA THR B 372 22.93 -26.73 -29.49
C THR B 372 21.57 -27.24 -29.04
N VAL B 373 20.95 -28.10 -29.86
CA VAL B 373 19.63 -28.64 -29.55
C VAL B 373 19.72 -29.58 -28.36
N ASP B 374 18.73 -29.53 -27.49
CA ASP B 374 18.68 -30.40 -26.33
C ASP B 374 18.40 -31.82 -26.81
N GLU B 375 18.95 -32.80 -26.10
CA GLU B 375 18.81 -34.18 -26.53
C GLU B 375 17.97 -34.98 -25.56
N ASP B 376 17.58 -34.33 -24.46
CA ASP B 376 16.91 -35.05 -23.38
C ASP B 376 15.44 -34.73 -23.25
N TYR B 377 15.02 -33.57 -23.75
CA TYR B 377 13.66 -33.11 -23.53
C TYR B 377 13.06 -32.50 -24.77
N GLN B 378 11.74 -32.60 -24.91
CA GLN B 378 11.04 -32.11 -26.08
C GLN B 378 9.70 -31.45 -25.74
N LEU B 379 9.19 -30.65 -26.68
CA LEU B 379 7.90 -29.96 -26.55
C LEU B 379 6.80 -30.65 -27.34
N LEU B 380 5.67 -30.91 -26.69
CA LEU B 380 4.48 -31.43 -27.35
C LEU B 380 3.27 -30.58 -27.06
N GLU B 381 2.25 -30.65 -27.92
CA GLU B 381 0.98 -29.99 -27.64
C GLU B 381 0.30 -30.63 -26.45
N CYS B 382 -0.38 -29.82 -25.63
CA CYS B 382 -1.14 -30.36 -24.50
C CYS B 382 -2.17 -29.33 -24.11
N GLU B 383 -3.26 -29.27 -24.88
CA GLU B 383 -4.25 -28.21 -24.73
C GLU B 383 -4.76 -28.01 -23.30
N CYS B 384 -4.80 -26.75 -22.90
CA CYS B 384 -5.31 -26.37 -21.60
C CYS B 384 -6.09 -25.09 -21.79
N PRO B 385 -7.41 -25.21 -21.96
CA PRO B 385 -8.21 -24.04 -22.34
C PRO B 385 -8.66 -23.27 -21.12
N ILE B 386 -7.72 -22.85 -20.26
CA ILE B 386 -8.12 -22.07 -19.11
C ILE B 386 -8.54 -20.67 -19.52
N ASN B 387 -8.10 -20.22 -20.70
CA ASN B 387 -8.47 -18.88 -21.17
CA ASN B 387 -8.45 -18.89 -21.17
C ASN B 387 -8.22 -17.85 -20.09
N ARG B 388 -6.98 -17.78 -19.62
CA ARG B 388 -6.65 -16.66 -18.76
C ARG B 388 -5.18 -16.39 -18.75
N LYS B 389 -4.85 -15.18 -18.37
CA LYS B 389 -3.49 -14.73 -18.39
C LYS B 389 -3.21 -13.95 -17.11
N PHE B 390 -1.97 -14.00 -16.67
CA PHE B 390 -1.51 -13.21 -15.53
C PHE B 390 -2.23 -13.53 -14.22
N GLY B 391 -2.69 -14.78 -14.11
CA GLY B 391 -3.05 -15.36 -12.82
C GLY B 391 -1.84 -16.13 -12.32
N ASP B 392 -2.04 -17.04 -11.37
CA ASP B 392 -0.94 -17.84 -10.87
C ASP B 392 -1.52 -19.14 -10.40
N VAL B 393 -0.65 -20.12 -10.18
CA VAL B 393 -1.09 -21.49 -10.00
C VAL B 393 -0.08 -22.21 -9.12
N ASP B 394 -0.55 -23.11 -8.26
CA ASP B 394 0.38 -23.95 -7.51
C ASP B 394 -0.18 -25.34 -7.28
N VAL B 395 0.72 -26.24 -6.89
CA VAL B 395 0.40 -27.63 -6.63
C VAL B 395 0.33 -27.82 -5.12
N ALA B 396 -0.80 -28.34 -4.66
CA ALA B 396 -0.98 -28.65 -3.26
C ALA B 396 -1.38 -30.12 -3.16
N GLY B 397 -0.40 -30.96 -2.81
CA GLY B 397 -0.61 -32.39 -2.77
C GLY B 397 -0.67 -32.92 -4.18
N ASN B 398 -1.76 -33.58 -4.51
CA ASN B 398 -1.94 -34.13 -5.85
C ASN B 398 -2.82 -33.22 -6.70
N ASP B 399 -3.23 -32.09 -6.12
CA ASP B 399 -4.13 -31.18 -6.80
C ASP B 399 -3.47 -29.87 -7.24
N VAL B 400 -4.04 -29.26 -8.27
CA VAL B 400 -3.47 -28.06 -8.88
C VAL B 400 -4.55 -26.99 -8.94
N PHE B 401 -4.22 -25.80 -8.43
CA PHE B 401 -5.19 -24.71 -8.38
C PHE B 401 -4.63 -23.45 -9.02
N TYR B 402 -5.40 -22.90 -9.95
CA TYR B 402 -5.09 -21.66 -10.62
C TYR B 402 -6.05 -20.61 -10.08
N MET B 403 -5.54 -19.42 -9.75
CA MET B 403 -6.43 -18.41 -9.20
C MET B 403 -6.27 -17.05 -9.91
N GLY B 404 -7.39 -16.37 -10.15
CA GLY B 404 -7.34 -14.99 -10.64
C GLY B 404 -6.90 -14.86 -12.09
N GLY B 405 -6.40 -13.68 -12.44
CA GLY B 405 -5.94 -13.44 -13.81
C GLY B 405 -7.01 -12.73 -14.61
N SER B 406 -6.79 -12.60 -15.91
CA SER B 406 -7.79 -11.93 -16.71
C SER B 406 -8.15 -12.80 -17.92
N ASN B 407 -9.37 -12.62 -18.41
CA ASN B 407 -9.92 -13.56 -19.39
C ASN B 407 -10.59 -12.98 -20.65
N PRO B 408 -10.28 -11.72 -21.04
CA PRO B 408 -9.31 -10.71 -20.61
C PRO B 408 -9.81 -9.77 -19.52
N TYR B 409 -10.96 -10.04 -18.93
CA TYR B 409 -11.41 -9.23 -17.81
C TYR B 409 -10.93 -9.89 -16.51
N ARG B 410 -10.60 -9.09 -15.50
CA ARG B 410 -10.06 -9.69 -14.28
C ARG B 410 -11.10 -10.49 -13.52
N VAL B 411 -10.66 -11.58 -12.90
CA VAL B 411 -11.54 -12.44 -12.11
C VAL B 411 -10.85 -12.79 -10.80
N ASN B 412 -11.60 -13.32 -9.84
CA ASN B 412 -10.99 -13.85 -8.61
C ASN B 412 -11.26 -15.36 -8.47
N GLU B 413 -11.70 -15.98 -9.56
CA GLU B 413 -12.03 -17.39 -9.57
C GLU B 413 -10.84 -18.29 -9.31
N ILE B 414 -11.09 -19.35 -8.56
CA ILE B 414 -10.15 -20.46 -8.45
C ILE B 414 -10.62 -21.60 -9.35
N LEU B 415 -9.69 -22.15 -10.14
CA LEU B 415 -9.98 -23.30 -10.99
C LEU B 415 -9.13 -24.46 -10.52
N GLN B 416 -9.73 -25.64 -10.38
CA GLN B 416 -8.92 -26.82 -10.16
C GLN B 416 -8.59 -27.49 -11.50
N LEU B 417 -7.31 -27.71 -11.76
CA LEU B 417 -6.87 -28.33 -12.99
C LEU B 417 -6.62 -29.82 -12.82
N SER B 418 -7.19 -30.61 -13.71
CA SER B 418 -6.95 -32.05 -13.78
C SER B 418 -6.08 -32.36 -14.98
N ILE B 419 -4.88 -32.85 -14.71
CA ILE B 419 -3.92 -33.12 -15.77
C ILE B 419 -4.06 -34.52 -16.33
N HIS B 420 -4.23 -34.60 -17.64
CA HIS B 420 -4.19 -35.88 -18.35
C HIS B 420 -3.07 -35.83 -19.39
N TYR B 421 -2.75 -36.98 -19.99
CA TYR B 421 -1.62 -37.06 -20.92
C TYR B 421 -1.75 -36.10 -22.10
N ASP B 422 -2.98 -35.95 -22.58
CA ASP B 422 -3.22 -35.21 -23.82
C ASP B 422 -3.83 -33.82 -23.59
N LYS B 423 -4.46 -33.61 -22.44
CA LYS B 423 -5.15 -32.35 -22.20
C LYS B 423 -5.26 -32.04 -20.71
N ILE B 424 -5.63 -30.81 -20.40
CA ILE B 424 -5.92 -30.44 -19.03
C ILE B 424 -7.39 -30.02 -18.90
N ASP B 425 -8.07 -30.58 -17.91
CA ASP B 425 -9.47 -30.24 -17.63
C ASP B 425 -9.57 -29.29 -16.44
N MET B 426 -10.62 -28.47 -16.41
CA MET B 426 -10.80 -27.48 -15.36
C MET B 426 -12.16 -27.55 -14.68
N LYS B 427 -12.18 -27.25 -13.38
CA LYS B 427 -13.43 -27.14 -12.63
C LYS B 427 -13.35 -25.87 -11.79
N ASN B 428 -14.39 -25.05 -11.85
CA ASN B 428 -14.50 -23.91 -10.95
C ASN B 428 -14.65 -24.40 -9.50
N ILE B 429 -13.88 -23.82 -8.59
CA ILE B 429 -13.94 -24.19 -7.18
C ILE B 429 -14.83 -23.20 -6.43
N GLU B 430 -16.00 -23.66 -6.00
CA GLU B 430 -16.93 -22.81 -5.25
C GLU B 430 -16.41 -22.52 -3.85
N VAL B 431 -16.38 -21.25 -3.49
CA VAL B 431 -15.90 -20.87 -2.17
C VAL B 431 -17.06 -20.79 -1.19
N SER B 432 -16.80 -21.08 0.08
CA SER B 432 -17.83 -21.12 1.09
C SER B 432 -17.86 -19.84 1.93
N SER B 433 -16.92 -18.93 1.67
CA SER B 433 -16.96 -17.67 2.38
C SER B 433 -17.62 -16.58 1.53
N SER B 434 -18.22 -15.61 2.22
CA SER B 434 -18.95 -14.54 1.54
C SER B 434 -18.05 -13.34 1.28
N GLU B 435 -16.98 -13.22 2.04
CA GLU B 435 -15.97 -12.17 1.79
C GLU B 435 -14.77 -12.76 1.06
N VAL B 436 -14.39 -12.15 -0.07
CA VAL B 436 -13.38 -12.72 -0.94
C VAL B 436 -12.44 -11.63 -1.49
N PRO B 437 -11.22 -12.01 -1.91
CA PRO B 437 -10.33 -11.02 -2.52
C PRO B 437 -10.93 -10.47 -3.81
N VAL B 438 -10.75 -9.18 -4.03
CA VAL B 438 -11.17 -8.57 -5.29
C VAL B 438 -10.50 -9.24 -6.51
N ALA B 439 -11.26 -9.37 -7.60
CA ALA B 439 -10.71 -9.83 -8.87
C ALA B 439 -9.42 -9.07 -9.21
N ARG B 440 -8.38 -9.79 -9.65
CA ARG B 440 -7.07 -9.15 -9.82
C ARG B 440 -6.20 -9.96 -10.74
N MET B 441 -5.10 -9.35 -11.18
CA MET B 441 -4.11 -10.03 -11.98
C MET B 441 -2.72 -9.60 -11.50
N CYS B 442 -1.68 -10.31 -11.97
CA CYS B 442 -0.30 -9.98 -11.64
C CYS B 442 -0.03 -10.10 -10.13
N HIS B 443 -0.76 -11.00 -9.49
CA HIS B 443 -0.54 -11.38 -8.09
C HIS B 443 0.32 -12.66 -8.07
N THR B 444 0.61 -13.18 -6.88
CA THR B 444 1.16 -14.54 -6.77
C THR B 444 0.23 -15.42 -5.91
N PHE B 445 0.30 -16.75 -6.15
CA PHE B 445 -0.56 -17.71 -5.48
C PHE B 445 0.34 -18.92 -5.17
N THR B 446 0.60 -19.13 -3.89
CA THR B 446 1.68 -20.03 -3.46
C THR B 446 1.23 -21.04 -2.41
N THR B 447 1.57 -22.30 -2.61
CA THR B 447 1.22 -23.31 -1.62
C THR B 447 1.94 -23.10 -0.30
N ILE B 448 1.20 -23.17 0.80
CA ILE B 448 1.76 -23.06 2.14
C ILE B 448 1.10 -24.08 3.07
N SER B 449 1.54 -24.10 4.33
CA SER B 449 0.85 -24.84 5.37
C SER B 449 0.73 -26.34 5.09
N ARG B 450 1.87 -26.98 4.85
CA ARG B 450 1.92 -28.42 4.60
C ARG B 450 0.93 -28.83 3.51
N ASN B 451 0.89 -28.06 2.43
CA ASN B 451 0.01 -28.37 1.31
C ASN B 451 -1.48 -28.30 1.59
N ASN B 452 -1.88 -27.58 2.64
CA ASN B 452 -3.30 -27.45 2.96
C ASN B 452 -3.89 -26.08 2.62
N GLN B 453 -3.03 -25.11 2.35
CA GLN B 453 -3.50 -23.76 2.07
C GLN B 453 -2.71 -23.10 0.93
N LEU B 454 -3.27 -22.00 0.41
CA LEU B 454 -2.65 -21.26 -0.68
C LEU B 454 -2.63 -19.80 -0.30
N LEU B 455 -1.49 -19.16 -0.56
CA LEU B 455 -1.26 -17.77 -0.15
C LEU B 455 -1.36 -16.82 -1.35
N LEU B 456 -2.22 -15.81 -1.25
CA LEU B 456 -2.38 -14.83 -2.31
C LEU B 456 -1.69 -13.54 -1.88
N ILE B 457 -0.70 -13.10 -2.65
CA ILE B 457 -0.02 -11.85 -2.32
C ILE B 457 -0.20 -10.80 -3.43
N GLY B 458 -0.62 -9.59 -3.04
CA GLY B 458 -0.63 -8.46 -3.95
C GLY B 458 -1.45 -8.62 -5.23
N GLY B 459 -0.92 -8.07 -6.32
CA GLY B 459 -1.67 -8.02 -7.57
C GLY B 459 -2.18 -6.62 -7.84
N ARG B 460 -2.97 -6.49 -8.89
CA ARG B 460 -3.54 -5.18 -9.21
C ARG B 460 -4.91 -5.33 -9.80
N LYS B 461 -5.69 -4.25 -9.77
CA LYS B 461 -6.84 -4.17 -10.68
C LYS B 461 -6.31 -3.50 -11.95
N ALA B 462 -6.70 -2.25 -12.21
CA ALA B 462 -6.05 -1.49 -13.28
C ALA B 462 -4.61 -1.15 -12.89
N PRO B 463 -3.79 -0.72 -13.86
CA PRO B 463 -2.37 -0.50 -13.52
C PRO B 463 -2.10 0.56 -12.47
N HIS B 464 -3.00 1.53 -12.31
CA HIS B 464 -2.86 2.52 -11.24
C HIS B 464 -3.49 2.05 -9.92
N GLN B 465 -3.92 0.78 -9.88
CA GLN B 465 -4.61 0.23 -8.71
C GLN B 465 -3.88 -1.02 -8.21
N GLY B 466 -2.58 -0.90 -8.00
CA GLY B 466 -1.84 -1.93 -7.30
C GLY B 466 -2.47 -2.21 -5.93
N LEU B 467 -2.36 -3.45 -5.49
CA LEU B 467 -3.04 -3.90 -4.27
C LEU B 467 -2.04 -4.23 -3.19
N SER B 468 -2.46 -4.09 -1.94
CA SER B 468 -1.64 -4.45 -0.79
C SER B 468 -2.32 -5.52 0.06
N ASP B 469 -3.54 -5.92 -0.30
CA ASP B 469 -4.27 -6.87 0.54
C ASP B 469 -3.97 -8.34 0.19
N ASN B 470 -3.58 -9.10 1.20
CA ASN B 470 -3.16 -10.49 1.00
C ASN B 470 -4.15 -11.43 1.66
N TRP B 471 -4.25 -12.65 1.16
CA TRP B 471 -5.28 -13.58 1.61
C TRP B 471 -4.72 -14.99 1.67
N ILE B 472 -5.39 -15.83 2.47
CA ILE B 472 -5.10 -17.26 2.43
C ILE B 472 -6.37 -18.01 2.04
N PHE B 473 -6.24 -18.98 1.14
CA PHE B 473 -7.37 -19.87 0.81
C PHE B 473 -7.15 -21.22 1.48
N ASP B 474 -8.14 -21.67 2.21
CA ASP B 474 -8.08 -22.94 2.92
C ASP B 474 -8.81 -23.99 2.11
N MET B 475 -8.10 -25.00 1.63
CA MET B 475 -8.70 -26.00 0.75
C MET B 475 -9.81 -26.83 1.40
N LYS B 476 -9.57 -27.29 2.62
CA LYS B 476 -10.55 -28.13 3.31
C LYS B 476 -11.89 -27.42 3.48
N THR B 477 -11.84 -26.19 4.00
CA THR B 477 -13.07 -25.45 4.26
C THR B 477 -13.53 -24.62 3.07
N ARG B 478 -12.65 -24.49 2.08
CA ARG B 478 -12.90 -23.63 0.91
C ARG B 478 -13.22 -22.20 1.32
N GLU B 479 -12.54 -21.73 2.36
CA GLU B 479 -12.73 -20.35 2.84
C GLU B 479 -11.53 -19.49 2.50
N TRP B 480 -11.81 -18.26 2.07
CA TRP B 480 -10.79 -17.23 1.94
C TRP B 480 -10.76 -16.49 3.26
N SER B 481 -9.57 -16.10 3.71
CA SER B 481 -9.48 -15.17 4.83
C SER B 481 -8.39 -14.10 4.57
N MET B 482 -8.68 -12.85 4.88
CA MET B 482 -7.69 -11.81 4.66
C MET B 482 -6.63 -11.83 5.77
N ILE B 483 -5.36 -11.74 5.40
CA ILE B 483 -4.30 -11.76 6.41
C ILE B 483 -3.64 -10.38 6.49
N LYS B 484 -2.40 -10.32 6.98
CA LYS B 484 -1.68 -9.05 7.11
C LYS B 484 -1.47 -8.41 5.73
N SER B 485 -1.65 -7.11 5.63
CA SER B 485 -1.45 -6.44 4.36
CA SER B 485 -1.45 -6.40 4.37
C SER B 485 0.02 -6.06 4.15
N LEU B 486 0.42 -5.90 2.88
CA LEU B 486 1.72 -5.32 2.60
C LEU B 486 1.68 -3.83 2.98
N SER B 487 2.82 -3.30 3.41
CA SER B 487 2.91 -1.86 3.63
C SER B 487 2.99 -1.09 2.31
N HIS B 488 3.44 -1.76 1.25
CA HIS B 488 3.54 -1.14 -0.07
C HIS B 488 2.79 -2.01 -1.08
N THR B 489 1.96 -1.39 -1.93
CA THR B 489 1.31 -2.19 -2.97
C THR B 489 2.37 -2.84 -3.87
N ARG B 490 2.05 -3.98 -4.46
CA ARG B 490 3.04 -4.72 -5.23
C ARG B 490 2.31 -5.60 -6.23
N PHE B 491 2.71 -5.54 -7.51
CA PHE B 491 2.21 -6.48 -8.51
C PHE B 491 3.33 -6.80 -9.49
N ARG B 492 3.19 -7.90 -10.24
CA ARG B 492 4.24 -8.38 -11.14
C ARG B 492 5.51 -8.79 -10.39
N HIS B 493 5.34 -9.07 -9.11
CA HIS B 493 6.38 -9.67 -8.34
C HIS B 493 6.41 -11.16 -8.65
N SER B 494 7.48 -11.83 -8.25
CA SER B 494 7.57 -13.28 -8.35
C SER B 494 7.64 -13.87 -6.95
N ALA B 495 7.22 -15.12 -6.81
CA ALA B 495 7.25 -15.75 -5.47
C ALA B 495 7.62 -17.21 -5.58
N CYS B 496 8.18 -17.75 -4.50
CA CYS B 496 8.43 -19.19 -4.47
C CYS B 496 8.34 -19.70 -3.05
N SER B 497 7.95 -20.96 -2.94
CA SER B 497 7.83 -21.62 -1.64
C SER B 497 9.22 -22.04 -1.17
N LEU B 498 9.44 -22.01 0.14
CA LEU B 498 10.72 -22.41 0.71
C LEU B 498 10.55 -23.69 1.54
N PRO B 499 11.62 -24.46 1.70
CA PRO B 499 11.57 -25.74 2.42
C PRO B 499 11.02 -25.61 3.85
N ASP B 500 11.26 -24.48 4.50
CA ASP B 500 10.79 -24.32 5.88
C ASP B 500 9.32 -23.91 5.91
N GLY B 501 8.71 -23.80 4.74
CA GLY B 501 7.30 -23.48 4.65
C GLY B 501 7.06 -21.99 4.39
N ASN B 502 8.11 -21.19 4.46
CA ASN B 502 7.97 -19.75 4.24
C ASN B 502 7.87 -19.40 2.76
N VAL B 503 7.63 -18.13 2.44
CA VAL B 503 7.44 -17.74 1.04
C VAL B 503 8.36 -16.56 0.71
N LEU B 504 9.13 -16.70 -0.37
CA LEU B 504 9.99 -15.62 -0.85
C LEU B 504 9.23 -14.81 -1.89
N ILE B 505 9.35 -13.49 -1.80
CA ILE B 505 8.66 -12.54 -2.68
C ILE B 505 9.70 -11.63 -3.31
N LEU B 506 9.73 -11.56 -4.64
CA LEU B 506 10.76 -10.81 -5.34
C LEU B 506 10.18 -9.68 -6.16
N GLY B 507 10.63 -8.46 -5.90
CA GLY B 507 10.41 -7.32 -6.79
C GLY B 507 8.97 -6.96 -7.10
N GLY B 508 8.72 -6.70 -8.38
CA GLY B 508 7.42 -6.23 -8.82
C GLY B 508 7.39 -4.71 -8.94
N VAL B 509 6.27 -4.20 -9.41
CA VAL B 509 6.03 -2.76 -9.41
C VAL B 509 5.64 -2.36 -7.99
N THR B 510 6.52 -1.65 -7.30
CA THR B 510 6.34 -1.38 -5.87
C THR B 510 7.36 -0.35 -5.38
N GLU B 511 6.97 0.38 -4.34
CA GLU B 511 7.89 1.25 -3.62
C GLU B 511 8.50 0.51 -2.43
N GLY B 512 8.09 -0.75 -2.24
CA GLY B 512 8.59 -1.59 -1.16
C GLY B 512 9.94 -2.26 -1.39
N PRO B 513 10.38 -3.08 -0.42
CA PRO B 513 11.69 -3.71 -0.50
C PRO B 513 11.84 -4.61 -1.73
N ALA B 514 13.07 -4.70 -2.23
CA ALA B 514 13.30 -5.47 -3.46
C ALA B 514 13.07 -6.97 -3.27
N MET B 515 13.16 -7.43 -2.02
CA MET B 515 12.91 -8.82 -1.72
C MET B 515 12.37 -8.99 -0.31
N LEU B 516 11.30 -9.76 -0.19
CA LEU B 516 10.65 -10.00 1.10
C LEU B 516 10.60 -11.48 1.41
N LEU B 517 10.54 -11.79 2.69
CA LEU B 517 10.25 -13.13 3.16
C LEU B 517 8.96 -13.04 3.98
N TYR B 518 7.98 -13.85 3.63
CA TYR B 518 6.81 -13.96 4.48
C TYR B 518 6.92 -15.19 5.35
N ASN B 519 6.96 -15.00 6.66
CA ASN B 519 7.00 -16.12 7.58
C ASN B 519 5.57 -16.54 7.92
N VAL B 520 5.15 -17.72 7.43
CA VAL B 520 3.76 -18.13 7.52
C VAL B 520 3.30 -18.35 8.96
N THR B 521 4.12 -19.00 9.77
CA THR B 521 3.71 -19.30 11.15
C THR B 521 3.66 -18.05 12.00
N GLU B 522 4.67 -17.19 11.88
CA GLU B 522 4.74 -15.96 12.69
C GLU B 522 3.88 -14.84 12.13
N GLU B 523 3.45 -15.00 10.88
CA GLU B 523 2.64 -14.00 10.19
C GLU B 523 3.34 -12.66 10.12
N ILE B 524 4.58 -12.67 9.67
CA ILE B 524 5.34 -11.45 9.51
C ILE B 524 6.03 -11.39 8.16
N PHE B 525 6.20 -10.16 7.66
CA PHE B 525 7.04 -9.91 6.51
C PHE B 525 8.39 -9.38 6.95
N LYS B 526 9.44 -9.87 6.31
CA LYS B 526 10.78 -9.38 6.57
C LYS B 526 11.46 -8.93 5.29
N ASP B 527 12.11 -7.78 5.35
CA ASP B 527 12.92 -7.30 4.25
C ASP B 527 14.20 -8.14 4.21
N VAL B 528 14.38 -8.90 3.13
CA VAL B 528 15.57 -9.75 3.01
C VAL B 528 16.43 -9.39 1.80
N THR B 529 16.27 -8.15 1.32
CA THR B 529 17.01 -7.65 0.16
C THR B 529 18.50 -7.90 0.34
N PRO B 530 19.11 -8.65 -0.59
CA PRO B 530 20.56 -8.94 -0.46
C PRO B 530 21.40 -7.65 -0.56
N LYS B 531 22.59 -7.69 0.00
CA LYS B 531 23.42 -6.50 0.02
C LYS B 531 23.99 -6.16 -1.37
N ASP B 532 23.89 -7.11 -2.28
CA ASP B 532 24.34 -6.93 -3.67
C ASP B 532 23.68 -5.73 -4.36
N GLU B 533 24.47 -4.97 -5.12
CA GLU B 533 23.96 -3.75 -5.73
C GLU B 533 22.95 -4.03 -6.84
N PHE B 534 22.89 -5.28 -7.28
CA PHE B 534 21.90 -5.68 -8.28
C PHE B 534 20.49 -5.39 -7.76
N PHE B 535 20.31 -5.46 -6.44
CA PHE B 535 18.99 -5.33 -5.84
C PHE B 535 18.64 -3.92 -5.43
N GLN B 536 19.33 -2.95 -6.01
CA GLN B 536 19.06 -1.55 -5.72
C GLN B 536 17.76 -1.09 -6.39
N ASN B 537 17.32 -1.82 -7.41
CA ASN B 537 16.10 -1.49 -8.13
C ASN B 537 15.20 -2.72 -8.18
N SER B 538 13.91 -2.52 -7.98
CA SER B 538 12.95 -3.63 -7.96
C SER B 538 12.86 -4.30 -9.33
N LEU B 539 12.81 -5.62 -9.33
CA LEU B 539 12.81 -6.40 -10.57
C LEU B 539 11.38 -6.83 -10.89
N VAL B 540 10.91 -6.48 -12.08
CA VAL B 540 9.52 -6.68 -12.49
C VAL B 540 9.42 -7.87 -13.44
N SER B 541 8.57 -8.83 -13.10
CA SER B 541 8.30 -10.00 -13.94
C SER B 541 9.57 -10.76 -14.32
N ALA B 542 10.36 -11.06 -13.30
CA ALA B 542 11.53 -11.93 -13.49
C ALA B 542 11.10 -13.37 -13.29
N GLY B 543 11.79 -14.30 -13.95
CA GLY B 543 11.62 -15.70 -13.62
C GLY B 543 12.21 -15.96 -12.24
N LEU B 544 11.59 -16.85 -11.48
CA LEU B 544 12.08 -17.23 -10.15
C LEU B 544 11.82 -18.73 -9.89
N GLU B 545 12.85 -19.46 -9.45
CA GLU B 545 12.67 -20.88 -9.11
C GLU B 545 13.53 -21.18 -7.89
N PHE B 546 13.14 -22.18 -7.10
CA PHE B 546 13.91 -22.59 -5.94
C PHE B 546 14.10 -24.10 -5.93
N ASP B 547 15.29 -24.55 -5.53
CA ASP B 547 15.60 -25.98 -5.41
C ASP B 547 15.68 -26.34 -3.93
N PRO B 548 14.72 -27.15 -3.44
CA PRO B 548 14.62 -27.43 -2.01
C PRO B 548 15.75 -28.33 -1.50
N VAL B 549 16.47 -28.99 -2.40
CA VAL B 549 17.51 -29.91 -1.95
C VAL B 549 18.79 -29.16 -1.64
N SER B 550 19.21 -28.31 -2.57
CA SER B 550 20.38 -27.47 -2.38
C SER B 550 20.02 -26.22 -1.58
N LYS B 551 18.73 -25.98 -1.37
CA LYS B 551 18.26 -24.72 -0.79
C LYS B 551 18.84 -23.51 -1.51
N GLN B 552 18.93 -23.61 -2.83
CA GLN B 552 19.32 -22.49 -3.66
C GLN B 552 18.26 -22.21 -4.73
N GLY B 553 18.25 -20.98 -5.22
CA GLY B 553 17.28 -20.58 -6.21
C GLY B 553 17.89 -19.76 -7.32
N ILE B 554 17.07 -19.47 -8.32
CA ILE B 554 17.54 -18.71 -9.47
C ILE B 554 16.55 -17.62 -9.82
N ILE B 555 17.09 -16.45 -10.12
CA ILE B 555 16.33 -15.30 -10.63
C ILE B 555 16.78 -15.12 -12.08
N LEU B 556 15.84 -14.93 -13.01
CA LEU B 556 16.20 -14.87 -14.43
C LEU B 556 15.51 -13.69 -15.09
N GLY B 557 16.30 -12.80 -15.69
CA GLY B 557 15.76 -11.65 -16.39
C GLY B 557 15.00 -10.69 -15.51
N GLY B 558 13.95 -10.10 -16.06
CA GLY B 558 13.14 -9.13 -15.32
C GLY B 558 13.39 -7.70 -15.77
N GLY B 559 12.36 -6.88 -15.67
CA GLY B 559 12.45 -5.50 -16.11
C GLY B 559 12.59 -4.60 -14.90
N PHE B 560 12.88 -3.34 -15.15
CA PHE B 560 12.91 -2.37 -14.08
C PHE B 560 11.77 -1.37 -14.25
N MET B 561 11.53 -0.55 -13.24
CA MET B 561 10.35 0.32 -13.25
C MET B 561 10.46 1.49 -14.22
N ASP B 562 11.59 1.61 -14.91
CA ASP B 562 11.69 2.57 -16.00
C ASP B 562 10.99 2.09 -17.29
N GLN B 563 10.47 0.86 -17.25
CA GLN B 563 9.79 0.23 -18.40
C GLN B 563 10.66 0.21 -19.67
N THR B 564 11.97 0.21 -19.46
CA THR B 564 12.89 0.31 -20.58
C THR B 564 14.00 -0.75 -20.46
N THR B 565 14.62 -0.78 -19.28
CA THR B 565 15.73 -1.67 -19.00
C THR B 565 15.26 -3.07 -18.65
N VAL B 566 15.91 -4.07 -19.24
CA VAL B 566 15.65 -5.45 -18.88
C VAL B 566 16.95 -6.15 -18.54
N SER B 567 16.98 -6.80 -17.38
CA SER B 567 18.19 -7.46 -16.92
C SER B 567 18.53 -8.64 -17.82
N ASP B 568 19.82 -8.83 -18.09
CA ASP B 568 20.27 -9.99 -18.84
C ASP B 568 21.03 -10.99 -17.94
N LYS B 569 20.69 -10.99 -16.65
CA LYS B 569 21.37 -11.85 -15.70
C LYS B 569 20.52 -13.01 -15.23
N ALA B 570 21.20 -14.11 -14.92
CA ALA B 570 20.63 -15.18 -14.12
C ALA B 570 21.38 -15.12 -12.80
N ILE B 571 20.66 -14.93 -11.70
CA ILE B 571 21.28 -14.79 -10.39
C ILE B 571 21.06 -16.06 -9.59
N ILE B 572 22.13 -16.74 -9.18
CA ILE B 572 21.98 -17.89 -8.30
C ILE B 572 22.15 -17.44 -6.85
N PHE B 573 21.17 -17.74 -6.00
CA PHE B 573 21.20 -17.31 -4.61
C PHE B 573 20.98 -18.46 -3.63
N LYS B 574 21.43 -18.26 -2.39
CA LYS B 574 21.26 -19.25 -1.34
C LYS B 574 20.32 -18.73 -0.28
N TYR B 575 19.46 -19.61 0.23
CA TYR B 575 18.60 -19.27 1.36
C TYR B 575 19.09 -20.00 2.59
N ASP B 576 19.59 -19.24 3.56
CA ASP B 576 20.02 -19.78 4.84
C ASP B 576 19.01 -19.42 5.92
N ALA B 577 18.13 -20.35 6.24
CA ALA B 577 17.02 -20.09 7.14
C ALA B 577 17.52 -19.77 8.55
N GLU B 578 18.72 -20.22 8.87
CA GLU B 578 19.28 -20.02 10.20
C GLU B 578 19.87 -18.62 10.35
N ASN B 579 19.91 -17.87 9.26
CA ASN B 579 20.46 -16.54 9.30
C ASN B 579 19.32 -15.52 9.47
N ALA B 580 19.31 -14.84 10.61
CA ALA B 580 18.19 -14.00 11.00
C ALA B 580 18.06 -12.72 10.19
N THR B 581 19.18 -12.16 9.76
CA THR B 581 19.16 -10.84 9.13
C THR B 581 19.57 -10.84 7.66
N GLU B 582 20.35 -11.82 7.24
CA GLU B 582 20.78 -11.88 5.85
C GLU B 582 20.60 -13.29 5.31
N PRO B 583 19.34 -13.77 5.28
CA PRO B 583 19.08 -15.14 4.83
C PRO B 583 19.29 -15.35 3.33
N ILE B 584 19.32 -14.29 2.53
CA ILE B 584 19.55 -14.45 1.10
C ILE B 584 20.88 -13.85 0.66
N THR B 585 21.73 -14.67 0.06
CA THR B 585 22.97 -14.17 -0.50
C THR B 585 23.17 -14.63 -1.95
N VAL B 586 23.92 -13.86 -2.71
CA VAL B 586 24.19 -14.19 -4.10
C VAL B 586 25.37 -15.16 -4.17
N ILE B 587 25.16 -16.29 -4.83
CA ILE B 587 26.24 -17.26 -5.05
C ILE B 587 27.03 -16.90 -6.29
N LYS B 588 26.30 -16.53 -7.34
CA LYS B 588 26.89 -16.32 -8.65
C LYS B 588 25.94 -15.55 -9.55
N LYS B 589 26.50 -14.83 -10.51
CA LYS B 589 25.71 -14.13 -11.53
C LYS B 589 26.17 -14.50 -12.94
N LEU B 590 25.26 -15.01 -13.75
CA LEU B 590 25.56 -15.39 -15.12
C LEU B 590 24.91 -14.38 -16.07
N GLN B 591 25.61 -14.04 -17.15
CA GLN B 591 25.10 -13.08 -18.11
C GLN B 591 24.99 -13.70 -19.51
N HIS B 592 23.87 -13.44 -20.18
CA HIS B 592 23.67 -13.94 -21.54
C HIS B 592 22.51 -13.17 -22.18
N PRO B 593 22.64 -12.85 -23.48
CA PRO B 593 21.56 -12.14 -24.17
C PRO B 593 20.23 -12.89 -24.09
N LEU B 594 20.26 -14.21 -24.07
CA LEU B 594 19.01 -14.96 -24.04
C LEU B 594 18.40 -15.02 -22.65
N PHE B 595 19.04 -14.36 -21.67
CA PHE B 595 18.47 -14.23 -20.33
C PHE B 595 17.67 -12.93 -20.23
N GLN B 596 17.79 -12.06 -21.22
CA GLN B 596 17.17 -10.75 -21.16
C GLN B 596 15.70 -10.86 -21.56
N ARG B 597 14.89 -11.32 -20.61
CA ARG B 597 13.48 -11.60 -20.83
C ARG B 597 12.64 -10.90 -19.79
N TYR B 598 11.51 -10.35 -20.25
CA TYR B 598 10.51 -9.77 -19.38
C TYR B 598 9.27 -10.66 -19.43
N GLY B 599 8.80 -11.07 -18.26
CA GLY B 599 7.61 -11.92 -18.20
C GLY B 599 7.82 -13.37 -18.58
N SER B 600 9.04 -13.88 -18.43
CA SER B 600 9.33 -15.29 -18.63
C SER B 600 9.00 -16.07 -17.38
N GLN B 601 9.03 -17.40 -17.48
CA GLN B 601 8.96 -18.23 -16.29
C GLN B 601 10.04 -19.28 -16.38
N ILE B 602 10.51 -19.74 -15.23
CA ILE B 602 11.58 -20.74 -15.20
C ILE B 602 11.20 -21.87 -14.24
N LYS B 603 11.71 -23.06 -14.49
CA LYS B 603 11.38 -24.22 -13.67
C LYS B 603 12.40 -25.32 -13.88
N TYR B 604 12.81 -25.97 -12.79
CA TYR B 604 13.73 -27.10 -12.93
C TYR B 604 13.06 -28.29 -13.62
N ILE B 605 13.69 -28.79 -14.67
CA ILE B 605 13.33 -30.07 -15.27
C ILE B 605 13.98 -31.19 -14.45
N THR B 606 15.30 -31.11 -14.35
CA THR B 606 16.07 -31.96 -13.46
C THR B 606 16.68 -31.04 -12.41
N PRO B 607 17.37 -31.58 -11.39
CA PRO B 607 17.95 -30.68 -10.40
C PRO B 607 19.13 -29.90 -10.98
N ARG B 608 19.54 -30.29 -12.19
CA ARG B 608 20.73 -29.75 -12.80
C ARG B 608 20.38 -29.01 -14.10
N LYS B 609 19.10 -29.06 -14.47
CA LYS B 609 18.64 -28.50 -15.74
C LYS B 609 17.44 -27.57 -15.54
N LEU B 610 17.64 -26.27 -15.75
CA LEU B 610 16.59 -25.25 -15.62
C LEU B 610 15.93 -24.93 -16.96
N LEU B 611 14.61 -25.07 -17.03
CA LEU B 611 13.87 -24.68 -18.22
C LEU B 611 13.56 -23.18 -18.14
N ILE B 612 13.79 -22.49 -19.25
CA ILE B 612 13.55 -21.05 -19.35
C ILE B 612 12.53 -20.87 -20.49
N VAL B 613 11.41 -20.22 -20.19
CA VAL B 613 10.30 -20.17 -21.13
C VAL B 613 9.78 -18.75 -21.36
N GLY B 614 9.69 -18.35 -22.62
CA GLY B 614 8.87 -17.20 -23.00
C GLY B 614 9.31 -15.84 -22.52
N GLY B 615 8.34 -14.94 -22.38
CA GLY B 615 8.63 -13.54 -22.11
C GLY B 615 9.02 -12.81 -23.38
N THR B 616 9.24 -11.51 -23.25
CA THR B 616 9.61 -10.69 -24.39
C THR B 616 10.93 -9.99 -24.08
N SER B 617 11.51 -9.34 -25.07
CA SER B 617 12.84 -8.76 -24.92
C SER B 617 12.90 -7.40 -25.60
N PRO B 618 13.66 -6.46 -25.02
CA PRO B 618 13.79 -5.16 -25.68
C PRO B 618 14.74 -5.25 -26.87
N SER B 619 15.48 -6.35 -26.99
CA SER B 619 16.53 -6.47 -27.99
CA SER B 619 16.53 -6.44 -28.00
C SER B 619 16.09 -7.13 -29.28
N GLY B 620 14.93 -7.80 -29.24
CA GLY B 620 14.43 -8.49 -30.42
C GLY B 620 13.33 -9.49 -30.10
N LEU B 621 12.95 -10.32 -31.08
CA LEU B 621 11.91 -11.32 -30.88
C LEU B 621 12.49 -12.71 -30.67
N PHE B 622 11.89 -13.50 -29.79
CA PHE B 622 12.31 -14.89 -29.67
C PHE B 622 11.70 -15.68 -30.81
N ASP B 623 12.36 -16.77 -31.19
CA ASP B 623 11.94 -17.53 -32.36
C ASP B 623 11.79 -19.01 -31.99
N ARG B 624 11.70 -19.89 -32.99
CA ARG B 624 11.45 -21.31 -32.71
C ARG B 624 12.58 -21.92 -31.90
N THR B 625 13.75 -21.34 -32.00
CA THR B 625 14.93 -21.95 -31.39
C THR B 625 15.27 -21.45 -29.99
N ASN B 626 14.82 -20.23 -29.66
CA ASN B 626 15.22 -19.64 -28.38
C ASN B 626 14.08 -19.13 -27.49
N SER B 627 12.84 -19.40 -27.86
CA SER B 627 11.70 -19.06 -27.01
C SER B 627 11.76 -19.91 -25.74
N ILE B 628 12.19 -21.16 -25.91
CA ILE B 628 12.34 -22.07 -24.78
C ILE B 628 13.74 -22.65 -24.84
N ILE B 629 14.50 -22.46 -23.78
CA ILE B 629 15.87 -22.94 -23.72
C ILE B 629 16.13 -23.61 -22.38
N SER B 630 17.27 -24.27 -22.25
CA SER B 630 17.61 -24.83 -20.93
C SER B 630 18.94 -24.27 -20.47
N LEU B 631 19.10 -24.19 -19.16
CA LEU B 631 20.37 -23.76 -18.57
C LEU B 631 20.80 -24.75 -17.50
N ASP B 632 22.07 -25.16 -17.59
CA ASP B 632 22.72 -25.92 -16.54
C ASP B 632 23.52 -24.90 -15.74
N PRO B 633 23.08 -24.61 -14.51
CA PRO B 633 23.67 -23.56 -13.69
C PRO B 633 25.11 -23.87 -13.24
N LEU B 634 25.48 -25.14 -13.14
CA LEU B 634 26.85 -25.46 -12.77
C LEU B 634 27.80 -25.35 -13.96
N SER B 635 27.49 -26.07 -15.04
CA SER B 635 28.35 -26.05 -16.22
C SER B 635 28.22 -24.75 -16.99
N GLU B 636 27.17 -23.99 -16.67
CA GLU B 636 26.92 -22.70 -17.32
C GLU B 636 26.76 -22.87 -18.83
N THR B 637 26.02 -23.89 -19.21
CA THR B 637 25.79 -24.17 -20.63
C THR B 637 24.31 -24.10 -20.95
N LEU B 638 24.01 -23.67 -22.17
CA LEU B 638 22.64 -23.47 -22.62
C LEU B 638 22.36 -24.41 -23.76
N THR B 639 21.13 -24.91 -23.83
CA THR B 639 20.68 -25.61 -25.02
C THR B 639 19.33 -25.07 -25.50
N SER B 640 19.01 -25.35 -26.76
CA SER B 640 17.73 -24.95 -27.32
C SER B 640 16.76 -26.11 -27.23
N ILE B 641 15.53 -25.84 -26.78
CA ILE B 641 14.47 -26.80 -26.93
C ILE B 641 13.56 -26.30 -28.05
N PRO B 642 13.83 -26.77 -29.27
CA PRO B 642 13.17 -26.23 -30.47
C PRO B 642 11.66 -26.46 -30.49
N ILE B 643 10.96 -25.45 -30.98
CA ILE B 643 9.53 -25.57 -31.18
C ILE B 643 9.36 -26.06 -32.62
N SER B 644 8.67 -27.17 -32.81
CA SER B 644 8.54 -27.75 -34.15
C SER B 644 7.85 -26.78 -35.11
N ARG B 645 8.20 -26.89 -36.39
CA ARG B 645 7.58 -26.04 -37.40
C ARG B 645 6.07 -26.15 -37.32
N ARG B 646 5.59 -27.35 -37.06
CA ARG B 646 4.16 -27.64 -37.01
C ARG B 646 3.48 -26.88 -35.88
N ILE B 647 4.07 -26.88 -34.70
CA ILE B 647 3.51 -26.16 -33.56
C ILE B 647 3.61 -24.64 -33.78
N TRP B 648 4.77 -24.20 -34.24
CA TRP B 648 5.02 -22.77 -34.51
C TRP B 648 4.01 -22.21 -35.52
N GLU B 649 3.81 -22.92 -36.63
CA GLU B 649 2.95 -22.42 -37.69
C GLU B 649 1.45 -22.62 -37.45
N ASP B 650 1.08 -23.76 -36.85
CA ASP B 650 -0.31 -24.19 -36.88
C ASP B 650 -1.06 -23.98 -35.57
N HIS B 651 -0.33 -23.69 -34.51
CA HIS B 651 -1.00 -23.51 -33.24
C HIS B 651 -0.78 -22.14 -32.62
N SER B 652 -1.74 -21.72 -31.82
CA SER B 652 -1.70 -20.41 -31.20
C SER B 652 -0.75 -20.40 -30.01
N LEU B 653 0.45 -19.90 -30.26
CA LEU B 653 1.47 -19.77 -29.24
C LEU B 653 1.58 -18.29 -28.90
N MET B 654 1.56 -17.98 -27.61
CA MET B 654 1.80 -16.61 -27.17
C MET B 654 2.29 -16.66 -25.73
N LEU B 655 3.60 -16.62 -25.56
CA LEU B 655 4.19 -16.87 -24.25
C LEU B 655 4.31 -15.59 -23.42
N ALA B 656 3.15 -15.01 -23.11
CA ALA B 656 3.02 -13.86 -22.22
C ALA B 656 1.86 -14.13 -21.26
N GLY B 657 2.13 -13.95 -19.97
CA GLY B 657 1.10 -14.10 -18.95
C GLY B 657 0.74 -15.55 -18.68
N PHE B 658 1.62 -16.46 -19.10
CA PHE B 658 1.43 -17.89 -18.93
C PHE B 658 2.02 -18.38 -17.61
N SER B 659 1.79 -19.65 -17.30
CA SER B 659 2.28 -20.23 -16.05
C SER B 659 2.93 -21.58 -16.35
N LEU B 660 3.76 -22.05 -15.42
CA LEU B 660 4.41 -23.35 -15.55
C LEU B 660 3.93 -24.20 -14.38
N VAL B 661 3.56 -25.44 -14.68
CA VAL B 661 3.10 -26.38 -13.65
C VAL B 661 3.80 -27.72 -13.83
N SER B 662 4.43 -28.19 -12.76
CA SER B 662 5.05 -29.51 -12.80
C SER B 662 4.51 -30.30 -11.63
N THR B 663 3.81 -31.38 -11.93
CA THR B 663 3.28 -32.23 -10.89
C THR B 663 4.21 -33.43 -10.64
N SER B 664 5.24 -33.55 -11.48
CA SER B 664 6.26 -34.59 -11.31
C SER B 664 7.53 -34.20 -12.08
N MET B 665 8.69 -34.50 -11.50
CA MET B 665 9.96 -34.09 -12.11
C MET B 665 10.16 -34.70 -13.50
N GLY B 666 10.45 -33.86 -14.47
CA GLY B 666 10.63 -34.29 -15.85
C GLY B 666 9.50 -33.87 -16.76
N THR B 667 8.38 -33.43 -16.19
CA THR B 667 7.23 -33.02 -16.99
C THR B 667 6.67 -31.67 -16.56
N ILE B 668 6.79 -30.68 -17.44
CA ILE B 668 6.35 -29.32 -17.15
C ILE B 668 5.29 -28.89 -18.17
N HIS B 669 4.15 -28.43 -17.66
CA HIS B 669 3.10 -27.93 -18.54
C HIS B 669 3.16 -26.41 -18.60
N ILE B 670 3.04 -25.90 -19.83
CA ILE B 670 3.09 -24.46 -20.10
C ILE B 670 1.67 -24.06 -20.47
N ILE B 671 0.98 -23.38 -19.54
CA ILE B 671 -0.46 -23.17 -19.62
C ILE B 671 -0.84 -21.70 -19.46
N GLY B 672 -2.01 -21.31 -19.96
CA GLY B 672 -2.48 -19.94 -19.84
C GLY B 672 -1.69 -18.98 -20.70
N GLY B 673 -1.99 -17.68 -20.61
CA GLY B 673 -1.25 -16.67 -21.37
C GLY B 673 -2.01 -16.21 -22.60
N GLY B 674 -1.66 -15.03 -23.11
CA GLY B 674 -2.32 -14.53 -24.30
C GLY B 674 -1.93 -13.09 -24.52
N ALA B 675 -2.41 -12.49 -25.60
CA ALA B 675 -2.12 -11.08 -25.86
C ALA B 675 -3.18 -10.48 -26.76
N THR B 676 -3.35 -9.17 -26.71
CA THR B 676 -4.25 -8.47 -27.64
C THR B 676 -3.61 -8.07 -28.99
N CYS B 677 -2.28 -8.08 -29.07
CA CYS B 677 -1.61 -7.82 -30.36
C CYS B 677 -1.97 -6.48 -30.99
N TYR B 678 -1.97 -5.44 -30.17
CA TYR B 678 -2.05 -4.09 -30.70
C TYR B 678 -3.33 -3.87 -31.48
N GLY B 679 -4.42 -4.51 -31.03
CA GLY B 679 -5.70 -4.38 -31.70
C GLY B 679 -5.82 -5.16 -33.00
N PHE B 680 -4.80 -5.93 -33.33
CA PHE B 680 -4.87 -6.77 -34.52
C PHE B 680 -5.68 -8.03 -34.28
N GLY B 681 -5.99 -8.30 -33.02
CA GLY B 681 -6.80 -9.46 -32.69
C GLY B 681 -6.19 -10.27 -31.55
N SER B 682 -7.02 -10.74 -30.64
CA SER B 682 -6.52 -11.44 -29.46
C SER B 682 -6.02 -12.82 -29.83
N VAL B 683 -5.02 -13.29 -29.10
CA VAL B 683 -4.63 -14.68 -29.25
C VAL B 683 -4.45 -15.28 -27.87
N THR B 684 -4.90 -16.52 -27.73
CA THR B 684 -4.86 -17.21 -26.46
C THR B 684 -3.85 -18.34 -26.56
N ASN B 685 -2.92 -18.40 -25.62
CA ASN B 685 -1.87 -19.41 -25.65
C ASN B 685 -2.49 -20.79 -25.41
N VAL B 686 -2.32 -21.70 -26.36
CA VAL B 686 -3.12 -22.94 -26.33
C VAL B 686 -2.69 -23.98 -25.29
N GLY B 687 -1.38 -24.17 -25.12
CA GLY B 687 -0.94 -25.09 -24.10
C GLY B 687 0.04 -26.12 -24.62
N LEU B 688 1.14 -26.27 -23.90
CA LEU B 688 2.23 -27.14 -24.32
C LEU B 688 2.73 -27.94 -23.14
N LYS B 689 3.51 -28.97 -23.40
CA LYS B 689 4.19 -29.65 -22.31
C LYS B 689 5.61 -30.03 -22.70
N LEU B 690 6.50 -30.00 -21.72
CA LEU B 690 7.88 -30.38 -21.93
C LEU B 690 8.02 -31.73 -21.26
N ILE B 691 8.51 -32.70 -22.02
CA ILE B 691 8.65 -34.05 -21.49
C ILE B 691 9.99 -34.64 -21.85
N ALA B 692 10.40 -35.66 -21.11
CA ALA B 692 11.65 -36.34 -21.39
C ALA B 692 11.61 -37.04 -22.74
N ILE B 693 12.74 -37.05 -23.44
CA ILE B 693 12.84 -37.78 -24.68
C ILE B 693 13.14 -39.24 -24.39
N SAH C . -2.06 -10.10 43.60
CA SAH C . -2.48 -11.15 42.66
CB SAH C . -3.99 -11.41 42.73
CG SAH C . -4.89 -10.20 42.43
SD SAH C . -6.67 -10.59 42.65
C SAH C . -2.10 -10.79 41.23
O SAH C . -1.87 -9.63 40.92
OXT SAH C . -2.01 -11.68 40.38
C5' SAH C . -6.81 -9.85 44.31
C4' SAH C . -6.41 -10.78 45.44
O4' SAH C . -6.43 -10.00 46.65
C3' SAH C . -7.44 -11.91 45.62
O3' SAH C . -6.82 -13.18 45.56
C2' SAH C . -8.03 -11.60 46.99
O2' SAH C . -8.49 -12.75 47.69
C1' SAH C . -6.90 -10.84 47.67
N9 SAH C . -7.51 -10.11 48.79
C8 SAH C . -8.36 -9.04 48.73
N7 SAH C . -8.72 -8.73 49.99
C5 SAH C . -8.13 -9.61 50.85
C6 SAH C . -8.16 -9.77 52.23
N6 SAH C . -8.90 -8.97 53.01
N1 SAH C . -7.42 -10.79 52.80
C2 SAH C . -6.65 -11.63 52.04
N3 SAH C . -6.63 -11.48 50.67
C4 SAH C . -7.36 -10.47 50.09
C1 CIT D . 1.82 10.91 -11.04
O1 CIT D . 1.03 10.13 -11.62
O2 CIT D . 2.16 11.97 -11.62
C2 CIT D . 2.34 10.63 -9.65
C3 CIT D . 1.58 9.54 -8.89
O7 CIT D . 0.21 9.92 -8.68
C4 CIT D . 2.33 9.38 -7.56
C5 CIT D . 1.65 8.37 -6.67
O3 CIT D . 2.23 7.93 -5.65
O4 CIT D . 0.50 7.95 -6.94
C6 CIT D . 1.61 8.21 -9.64
O5 CIT D . 0.57 7.74 -10.16
O6 CIT D . 2.70 7.59 -9.75
C1 EDO E . 2.07 7.73 -1.61
O1 EDO E . 1.81 6.52 -0.88
C2 EDO E . 0.88 8.02 -2.54
O2 EDO E . 0.84 7.05 -3.59
C1 EDO F . -10.73 11.15 26.36
O1 EDO F . -9.96 12.32 26.71
C2 EDO F . -11.99 11.08 27.23
O2 EDO F . -12.99 12.06 26.86
C1 EDO G . -8.82 -3.85 -0.53
O1 EDO G . -10.10 -4.33 -0.11
C2 EDO G . -8.86 -3.62 -2.04
O2 EDO G . -9.76 -4.57 -2.62
N SAH H . 0.18 8.07 -44.09
CA SAH H . -1.07 8.22 -43.33
CB SAH H . -2.18 7.38 -43.96
CG SAH H . -1.93 5.87 -43.98
SD SAH H . -3.29 4.90 -44.69
C SAH H . -0.83 7.91 -41.83
O SAH H . 0.19 7.35 -41.46
OXT SAH H . -1.65 8.21 -40.95
C5' SAH H . -2.32 4.52 -46.18
C4' SAH H . -2.65 5.44 -47.36
O4' SAH H . -1.85 5.06 -48.47
C3' SAH H . -4.11 5.33 -47.79
O3' SAH H . -4.76 6.58 -47.72
C2' SAH H . -4.04 4.83 -49.23
O2' SAH H . -5.00 5.41 -50.10
C1' SAH H . -2.63 5.21 -49.64
N9 SAH H . -2.14 4.35 -50.73
C8 SAH H . -1.88 3.00 -50.70
N7 SAH H . -1.47 2.64 -51.95
C5 SAH H . -1.47 3.73 -52.74
C6 SAH H . -1.15 3.94 -54.08
N6 SAH H . -0.73 2.91 -54.84
N1 SAH H . -1.26 5.20 -54.62
C2 SAH H . -1.68 6.26 -53.84
N3 SAH H . -2.00 6.06 -52.51
C4 SAH H . -1.89 4.82 -51.98
C1 CIT I . 6.55 -7.90 12.23
O1 CIT I . 5.34 -7.95 12.51
O2 CIT I . 7.36 -8.51 12.96
C2 CIT I . 7.08 -7.12 11.04
C3 CIT I . 6.00 -6.72 10.02
O7 CIT I . 5.37 -7.92 9.50
C4 CIT I . 6.68 -5.94 8.89
C5 CIT I . 5.74 -5.70 7.73
O3 CIT I . 6.05 -4.92 6.80
O4 CIT I . 4.63 -6.26 7.68
C6 CIT I . 4.93 -5.86 10.68
O5 CIT I . 3.73 -6.23 10.69
O6 CIT I . 5.24 -4.77 11.25
C1 EDO J . 5.92 -5.64 3.48
O1 EDO J . 4.91 -5.14 4.36
C2 EDO J . 6.62 -4.49 2.78
O2 EDO J . 5.70 -3.87 1.88
C1 EDO K . 6.21 -13.75 -26.56
O1 EDO K . 7.63 -13.91 -26.71
C2 EDO K . 5.48 -14.43 -27.73
O2 EDO K . 5.57 -15.86 -27.61
C1 EDO L . 4.15 -14.31 -11.07
O1 EDO L . 5.29 -15.00 -11.59
C2 EDO L . 2.90 -15.14 -11.34
O2 EDO L . 2.98 -15.64 -12.69
#